data_8BJD
# 
_entry.id   8BJD 
# 
_audit_conform.dict_name       mmcif_pdbx.dic 
_audit_conform.dict_version    5.379 
_audit_conform.dict_location   http://mmcif.pdb.org/dictionaries/ascii/mmcif_pdbx.dic 
# 
loop_
_database_2.database_id 
_database_2.database_code 
_database_2.pdbx_database_accession 
_database_2.pdbx_DOI 
PDB   8BJD         pdb_00008bjd 10.2210/pdb8bjd/pdb 
WWPDB D_1292126458 ?            ?                   
# 
_pdbx_database_status.status_code                     REL 
_pdbx_database_status.status_code_sf                  REL 
_pdbx_database_status.status_code_mr                  ? 
_pdbx_database_status.entry_id                        8BJD 
_pdbx_database_status.recvd_initial_deposition_date   2022-11-04 
_pdbx_database_status.SG_entry                        N 
_pdbx_database_status.deposit_site                    PDBE 
_pdbx_database_status.process_site                    PDBE 
_pdbx_database_status.status_code_cs                  ? 
_pdbx_database_status.status_code_nmr_data            ? 
_pdbx_database_status.methods_development_category    ? 
_pdbx_database_status.pdb_format_compatible           Y 
# 
loop_
_audit_author.name 
_audit_author.pdbx_ordinal 
_audit_author.identifier_ORCID 
'Whittaker, J.J.' 1 0000-0001-8966-111X 
'Guskov, A.'      2 0000-0003-2340-2216 
'Goretzki, B.'    3 0000-0002-7721-6657 
'Hellmich, U.A.'  4 0000-0001-7162-285X 
# 
_citation.abstract                  ? 
_citation.abstract_id_CAS           ? 
_citation.book_id_ISBN              ? 
_citation.book_publisher            ? 
_citation.book_publisher_city       ? 
_citation.book_title                ? 
_citation.coordinate_linkage        ? 
_citation.country                   UK 
_citation.database_id_Medline       ? 
_citation.details                   ? 
_citation.id                        primary 
_citation.journal_abbrev            Int.J.Biol.Macromol. 
_citation.journal_id_ASTM           IJBMDR 
_citation.journal_id_CSD            0708 
_citation.journal_id_ISSN           0141-8130 
_citation.journal_full              ? 
_citation.journal_issue             ? 
_citation.journal_volume            252 
_citation.language                  ? 
_citation.page_first                126366 
_citation.page_last                 126366 
_citation.title                     
;Legionella pneumophila macrophage infectivity potentiator protein appendage domains modulate protein dynamics and inhibitor binding.
;
_citation.year                      2023 
_citation.database_id_CSD           ? 
_citation.pdbx_database_id_DOI      10.1016/j.ijbiomac.2023.126366 
_citation.pdbx_database_id_PubMed   37633566 
_citation.pdbx_database_id_patent   ? 
_citation.unpublished_flag          ? 
# 
loop_
_citation_author.citation_id 
_citation_author.name 
_citation_author.ordinal 
_citation_author.identifier_ORCID 
primary 'Wiedemann, C.'        1  ? 
primary 'Whittaker, J.J.'      2  ? 
primary 'Perez Carrillo, V.H.' 3  ? 
primary 'Goretzki, B.'         4  ? 
primary 'Dajka, M.'            5  ? 
primary 'Tebbe, F.'            6  ? 
primary 'Harder, J.M.'         7  ? 
primary 'Krajczy, P.R.'        8  ? 
primary 'Joseph, B.'           9  ? 
primary 'Hausch, F.'           10 ? 
primary 'Guskov, A.'           11 ? 
primary 'Hellmich, U.A.'       12 ? 
# 
_cell.angle_alpha                  90 
_cell.angle_alpha_esd              ? 
_cell.angle_beta                   90 
_cell.angle_beta_esd               ? 
_cell.angle_gamma                  90 
_cell.angle_gamma_esd              ? 
_cell.entry_id                     8BJD 
_cell.details                      ? 
_cell.formula_units_Z              ? 
_cell.length_a                     76.752 
_cell.length_a_esd                 ? 
_cell.length_b                     76.752 
_cell.length_b_esd                 ? 
_cell.length_c                     103.597 
_cell.length_c_esd                 ? 
_cell.volume                       ? 
_cell.volume_esd                   ? 
_cell.Z_PDB                        8 
_cell.reciprocal_angle_alpha       ? 
_cell.reciprocal_angle_beta        ? 
_cell.reciprocal_angle_gamma       ? 
_cell.reciprocal_angle_alpha_esd   ? 
_cell.reciprocal_angle_beta_esd    ? 
_cell.reciprocal_angle_gamma_esd   ? 
_cell.reciprocal_length_a          ? 
_cell.reciprocal_length_b          ? 
_cell.reciprocal_length_c          ? 
_cell.reciprocal_length_a_esd      ? 
_cell.reciprocal_length_b_esd      ? 
_cell.reciprocal_length_c_esd      ? 
_cell.pdbx_unique_axis             ? 
_cell.pdbx_esd_method              ? 
# 
_symmetry.entry_id                         8BJD 
_symmetry.cell_setting                     ? 
_symmetry.Int_Tables_number                96 
_symmetry.space_group_name_Hall            ? 
_symmetry.space_group_name_H-M             'P 43 21 2' 
_symmetry.pdbx_full_space_group_name_H-M   ? 
# 
loop_
_entity.id 
_entity.type 
_entity.src_method 
_entity.pdbx_description 
_entity.formula_weight 
_entity.pdbx_number_of_molecules 
_entity.pdbx_ec 
_entity.pdbx_mutation 
_entity.pdbx_fragment 
_entity.details 
1 polymer     man 'Peptidyl-prolyl cis-trans isomerase' 22409.562 1  5.2.1.8 ? ? ? 
2 non-polymer syn 
;(1~{S},5~{S},6~{R})-10-[3,5-bis(chloranyl)phenyl]sulfonyl-5-(hydroxymethyl)-3-(pyridin-2-ylmethyl)-3,10-diazabicyclo[4.3.1]decan-2-one
;
484.396   1  ?       ? ? ? 
3 non-polymer syn '2-(N-MORPHOLINO)-ETHANESULFONIC ACID' 195.237   1  ?       ? ? ? 
4 non-polymer syn 'ZINC ION' 65.409    2  ?       ? ? ? 
5 non-polymer syn GLYCEROL 92.094    1  ?       ? ? ? 
6 water       nat water 18.015    15 ?       ? ? ? 
# 
_entity_poly.entity_id                      1 
_entity_poly.type                           'polypeptide(L)' 
_entity_poly.nstd_linkage                   no 
_entity_poly.nstd_monomer                   no 
_entity_poly.pdbx_seq_one_letter_code       
;SLATDKDKLSYSIGADLGKNFKNQGIDVNPEAMAKGMQDAMSGAQLALTEQQMKDVLNKFQKDLMAKRTAEFNKKADENK
VKGEAFLTENKNKPGVVVLPSGLQYKVINSGNGVKPGKSDTVTVEYTGRLIDGTVFDSTEKTGKPATFQVSQVIPGWTEA
LQLMPAGSTWEIYVPSGLAYGPRSVGGPIGPNETLIFKIHLISVKKSS
;
_entity_poly.pdbx_seq_one_letter_code_can   
;SLATDKDKLSYSIGADLGKNFKNQGIDVNPEAMAKGMQDAMSGAQLALTEQQMKDVLNKFQKDLMAKRTAEFNKKADENK
VKGEAFLTENKNKPGVVVLPSGLQYKVINSGNGVKPGKSDTVTVEYTGRLIDGTVFDSTEKTGKPATFQVSQVIPGWTEA
LQLMPAGSTWEIYVPSGLAYGPRSVGGPIGPNETLIFKIHLISVKKSS
;
_entity_poly.pdbx_strand_id                 A 
_entity_poly.pdbx_target_identifier         ? 
# 
loop_
_entity_poly_seq.entity_id 
_entity_poly_seq.num 
_entity_poly_seq.mon_id 
_entity_poly_seq.hetero 
1 1   SER n 
1 2   LEU n 
1 3   ALA n 
1 4   THR n 
1 5   ASP n 
1 6   LYS n 
1 7   ASP n 
1 8   LYS n 
1 9   LEU n 
1 10  SER n 
1 11  TYR n 
1 12  SER n 
1 13  ILE n 
1 14  GLY n 
1 15  ALA n 
1 16  ASP n 
1 17  LEU n 
1 18  GLY n 
1 19  LYS n 
1 20  ASN n 
1 21  PHE n 
1 22  LYS n 
1 23  ASN n 
1 24  GLN n 
1 25  GLY n 
1 26  ILE n 
1 27  ASP n 
1 28  VAL n 
1 29  ASN n 
1 30  PRO n 
1 31  GLU n 
1 32  ALA n 
1 33  MET n 
1 34  ALA n 
1 35  LYS n 
1 36  GLY n 
1 37  MET n 
1 38  GLN n 
1 39  ASP n 
1 40  ALA n 
1 41  MET n 
1 42  SER n 
1 43  GLY n 
1 44  ALA n 
1 45  GLN n 
1 46  LEU n 
1 47  ALA n 
1 48  LEU n 
1 49  THR n 
1 50  GLU n 
1 51  GLN n 
1 52  GLN n 
1 53  MET n 
1 54  LYS n 
1 55  ASP n 
1 56  VAL n 
1 57  LEU n 
1 58  ASN n 
1 59  LYS n 
1 60  PHE n 
1 61  GLN n 
1 62  LYS n 
1 63  ASP n 
1 64  LEU n 
1 65  MET n 
1 66  ALA n 
1 67  LYS n 
1 68  ARG n 
1 69  THR n 
1 70  ALA n 
1 71  GLU n 
1 72  PHE n 
1 73  ASN n 
1 74  LYS n 
1 75  LYS n 
1 76  ALA n 
1 77  ASP n 
1 78  GLU n 
1 79  ASN n 
1 80  LYS n 
1 81  VAL n 
1 82  LYS n 
1 83  GLY n 
1 84  GLU n 
1 85  ALA n 
1 86  PHE n 
1 87  LEU n 
1 88  THR n 
1 89  GLU n 
1 90  ASN n 
1 91  LYS n 
1 92  ASN n 
1 93  LYS n 
1 94  PRO n 
1 95  GLY n 
1 96  VAL n 
1 97  VAL n 
1 98  VAL n 
1 99  LEU n 
1 100 PRO n 
1 101 SER n 
1 102 GLY n 
1 103 LEU n 
1 104 GLN n 
1 105 TYR n 
1 106 LYS n 
1 107 VAL n 
1 108 ILE n 
1 109 ASN n 
1 110 SER n 
1 111 GLY n 
1 112 ASN n 
1 113 GLY n 
1 114 VAL n 
1 115 LYS n 
1 116 PRO n 
1 117 GLY n 
1 118 LYS n 
1 119 SER n 
1 120 ASP n 
1 121 THR n 
1 122 VAL n 
1 123 THR n 
1 124 VAL n 
1 125 GLU n 
1 126 TYR n 
1 127 THR n 
1 128 GLY n 
1 129 ARG n 
1 130 LEU n 
1 131 ILE n 
1 132 ASP n 
1 133 GLY n 
1 134 THR n 
1 135 VAL n 
1 136 PHE n 
1 137 ASP n 
1 138 SER n 
1 139 THR n 
1 140 GLU n 
1 141 LYS n 
1 142 THR n 
1 143 GLY n 
1 144 LYS n 
1 145 PRO n 
1 146 ALA n 
1 147 THR n 
1 148 PHE n 
1 149 GLN n 
1 150 VAL n 
1 151 SER n 
1 152 GLN n 
1 153 VAL n 
1 154 ILE n 
1 155 PRO n 
1 156 GLY n 
1 157 TRP n 
1 158 THR n 
1 159 GLU n 
1 160 ALA n 
1 161 LEU n 
1 162 GLN n 
1 163 LEU n 
1 164 MET n 
1 165 PRO n 
1 166 ALA n 
1 167 GLY n 
1 168 SER n 
1 169 THR n 
1 170 TRP n 
1 171 GLU n 
1 172 ILE n 
1 173 TYR n 
1 174 VAL n 
1 175 PRO n 
1 176 SER n 
1 177 GLY n 
1 178 LEU n 
1 179 ALA n 
1 180 TYR n 
1 181 GLY n 
1 182 PRO n 
1 183 ARG n 
1 184 SER n 
1 185 VAL n 
1 186 GLY n 
1 187 GLY n 
1 188 PRO n 
1 189 ILE n 
1 190 GLY n 
1 191 PRO n 
1 192 ASN n 
1 193 GLU n 
1 194 THR n 
1 195 LEU n 
1 196 ILE n 
1 197 PHE n 
1 198 LYS n 
1 199 ILE n 
1 200 HIS n 
1 201 LEU n 
1 202 ILE n 
1 203 SER n 
1 204 VAL n 
1 205 LYS n 
1 206 LYS n 
1 207 SER n 
1 208 SER n 
# 
_entity_src_gen.entity_id                          1 
_entity_src_gen.pdbx_src_id                        1 
_entity_src_gen.pdbx_alt_source_flag               sample 
_entity_src_gen.pdbx_seq_type                      'Biological sequence' 
_entity_src_gen.pdbx_beg_seq_num                   1 
_entity_src_gen.pdbx_end_seq_num                   208 
_entity_src_gen.gene_src_common_name               ? 
_entity_src_gen.gene_src_genus                     ? 
_entity_src_gen.pdbx_gene_src_gene                 C3927_03235 
_entity_src_gen.gene_src_species                   ? 
_entity_src_gen.gene_src_strain                    ? 
_entity_src_gen.gene_src_tissue                    ? 
_entity_src_gen.gene_src_tissue_fraction           ? 
_entity_src_gen.gene_src_details                   ? 
_entity_src_gen.pdbx_gene_src_fragment             ? 
_entity_src_gen.pdbx_gene_src_scientific_name      'Legionella pneumophila' 
_entity_src_gen.pdbx_gene_src_ncbi_taxonomy_id     446 
_entity_src_gen.pdbx_gene_src_variant              ? 
_entity_src_gen.pdbx_gene_src_cell_line            ? 
_entity_src_gen.pdbx_gene_src_atcc                 ? 
_entity_src_gen.pdbx_gene_src_organ                ? 
_entity_src_gen.pdbx_gene_src_organelle            ? 
_entity_src_gen.pdbx_gene_src_cell                 ? 
_entity_src_gen.pdbx_gene_src_cellular_location    ? 
_entity_src_gen.host_org_common_name               ? 
_entity_src_gen.pdbx_host_org_scientific_name      'Escherichia coli' 
_entity_src_gen.pdbx_host_org_ncbi_taxonomy_id     562 
_entity_src_gen.host_org_genus                     ? 
_entity_src_gen.pdbx_host_org_gene                 ? 
_entity_src_gen.pdbx_host_org_organ                ? 
_entity_src_gen.host_org_species                   ? 
_entity_src_gen.pdbx_host_org_tissue               ? 
_entity_src_gen.pdbx_host_org_tissue_fraction      ? 
_entity_src_gen.pdbx_host_org_strain               'BL23 (DE3)' 
_entity_src_gen.pdbx_host_org_variant              ? 
_entity_src_gen.pdbx_host_org_cell_line            ? 
_entity_src_gen.pdbx_host_org_atcc                 ? 
_entity_src_gen.pdbx_host_org_culture_collection   ? 
_entity_src_gen.pdbx_host_org_cell                 ? 
_entity_src_gen.pdbx_host_org_organelle            ? 
_entity_src_gen.pdbx_host_org_cellular_location    ? 
_entity_src_gen.pdbx_host_org_vector_type          ? 
_entity_src_gen.pdbx_host_org_vector               ? 
_entity_src_gen.host_org_details                   ? 
_entity_src_gen.expression_system_id               ? 
_entity_src_gen.plasmid_name                       ? 
_entity_src_gen.plasmid_details                    ? 
_entity_src_gen.pdbx_description                   ? 
# 
_struct_ref.id                         1 
_struct_ref.db_name                    UNP 
_struct_ref.db_code                    A0A2S6FAG4_LEGPN 
_struct_ref.pdbx_db_accession          A0A2S6FAG4 
_struct_ref.pdbx_db_isoform            ? 
_struct_ref.entity_id                  1 
_struct_ref.pdbx_seq_one_letter_code   
;SLATDKDKLSYSIGADLGKNFKNQGIDVNPEAMAKGMQDAMSGAQLALTEQQMKDVLNKFQKDLMAKRTAEFNKKADENK
VKGEAFLTENKNKPGVVVLPSGLQYKVINSGNGVKPGKSDTVTVEYTGRLIDGTVFDSTEKTGKPATFQVSQVIPGWTEA
LQLMPAGSTWEIYVPSGLAYGPRSVGGPIGPNETLIFKIHLISVKKSS
;
_struct_ref.pdbx_align_begin           28 
# 
_struct_ref_seq.align_id                      1 
_struct_ref_seq.ref_id                        1 
_struct_ref_seq.pdbx_PDB_id_code              8BJD 
_struct_ref_seq.pdbx_strand_id                A 
_struct_ref_seq.seq_align_beg                 1 
_struct_ref_seq.pdbx_seq_align_beg_ins_code   ? 
_struct_ref_seq.seq_align_end                 208 
_struct_ref_seq.pdbx_seq_align_end_ins_code   ? 
_struct_ref_seq.pdbx_db_accession             A0A2S6FAG4 
_struct_ref_seq.db_align_beg                  28 
_struct_ref_seq.pdbx_db_align_beg_ins_code    ? 
_struct_ref_seq.db_align_end                  235 
_struct_ref_seq.pdbx_db_align_end_ins_code    ? 
_struct_ref_seq.pdbx_auth_seq_align_beg       6 
_struct_ref_seq.pdbx_auth_seq_align_end       213 
# 
loop_
_chem_comp.id 
_chem_comp.type 
_chem_comp.mon_nstd_flag 
_chem_comp.name 
_chem_comp.pdbx_synonyms 
_chem_comp.formula 
_chem_comp.formula_weight 
9QN non-polymer         . 
;(1~{S},5~{S},6~{R})-10-[3,5-bis(chloranyl)phenyl]sulfonyl-5-(hydroxymethyl)-3-(pyridin-2-ylmethyl)-3,10-diazabicyclo[4.3.1]decan-2-one
;
?                               'C21 H23 Cl2 N3 O4 S' 484.396 
ALA 'L-peptide linking' y ALANINE ?                               'C3 H7 N O2'          89.093  
ARG 'L-peptide linking' y ARGININE ?                               'C6 H15 N4 O2 1'      175.209 
ASN 'L-peptide linking' y ASPARAGINE ?                               'C4 H8 N2 O3'         132.118 
ASP 'L-peptide linking' y 'ASPARTIC ACID' ?                               'C4 H7 N O4'          133.103 
GLN 'L-peptide linking' y GLUTAMINE ?                               'C5 H10 N2 O3'        146.144 
GLU 'L-peptide linking' y 'GLUTAMIC ACID' ?                               'C5 H9 N O4'          147.129 
GLY 'peptide linking'   y GLYCINE ?                               'C2 H5 N O2'          75.067  
GOL non-polymer         . GLYCEROL 'GLYCERIN; PROPANE-1,2,3-TRIOL' 'C3 H8 O3'            92.094  
HIS 'L-peptide linking' y HISTIDINE ?                               'C6 H10 N3 O2 1'      156.162 
HOH non-polymer         . WATER ?                               'H2 O'                18.015  
ILE 'L-peptide linking' y ISOLEUCINE ?                               'C6 H13 N O2'         131.173 
LEU 'L-peptide linking' y LEUCINE ?                               'C6 H13 N O2'         131.173 
LYS 'L-peptide linking' y LYSINE ?                               'C6 H15 N2 O2 1'      147.195 
MES non-polymer         . '2-(N-MORPHOLINO)-ETHANESULFONIC ACID' ?                               'C6 H13 N O4 S'       195.237 
MET 'L-peptide linking' y METHIONINE ?                               'C5 H11 N O2 S'       149.211 
PHE 'L-peptide linking' y PHENYLALANINE ?                               'C9 H11 N O2'         165.189 
PRO 'L-peptide linking' y PROLINE ?                               'C5 H9 N O2'          115.130 
SER 'L-peptide linking' y SERINE ?                               'C3 H7 N O3'          105.093 
THR 'L-peptide linking' y THREONINE ?                               'C4 H9 N O3'          119.119 
TRP 'L-peptide linking' y TRYPTOPHAN ?                               'C11 H12 N2 O2'       204.225 
TYR 'L-peptide linking' y TYROSINE ?                               'C9 H11 N O3'         181.189 
VAL 'L-peptide linking' y VALINE ?                               'C5 H11 N O2'         117.146 
ZN  non-polymer         . 'ZINC ION' ?                               'Zn 2'                65.409  
# 
_exptl.absorpt_coefficient_mu     ? 
_exptl.absorpt_correction_T_max   ? 
_exptl.absorpt_correction_T_min   ? 
_exptl.absorpt_correction_type    ? 
_exptl.absorpt_process_details    ? 
_exptl.entry_id                   8BJD 
_exptl.crystals_number            1 
_exptl.details                    ? 
_exptl.method                     'X-RAY DIFFRACTION' 
_exptl.method_details             ? 
# 
_exptl_crystal.colour                       ? 
_exptl_crystal.density_diffrn               ? 
_exptl_crystal.density_Matthews             3.32 
_exptl_crystal.density_method               ? 
_exptl_crystal.density_percent_sol          62.90 
_exptl_crystal.description                  ? 
_exptl_crystal.F_000                        ? 
_exptl_crystal.id                           1 
_exptl_crystal.preparation                  ? 
_exptl_crystal.size_max                     ? 
_exptl_crystal.size_mid                     ? 
_exptl_crystal.size_min                     ? 
_exptl_crystal.size_rad                     ? 
_exptl_crystal.colour_lustre                ? 
_exptl_crystal.colour_modifier              ? 
_exptl_crystal.colour_primary               ? 
_exptl_crystal.density_meas                 ? 
_exptl_crystal.density_meas_esd             ? 
_exptl_crystal.density_meas_gt              ? 
_exptl_crystal.density_meas_lt              ? 
_exptl_crystal.density_meas_temp            ? 
_exptl_crystal.density_meas_temp_esd        ? 
_exptl_crystal.density_meas_temp_gt         ? 
_exptl_crystal.density_meas_temp_lt         ? 
_exptl_crystal.pdbx_crystal_image_url       ? 
_exptl_crystal.pdbx_crystal_image_format    ? 
_exptl_crystal.pdbx_mosaicity               ? 
_exptl_crystal.pdbx_mosaicity_esd           ? 
_exptl_crystal.pdbx_mosaic_method           ? 
_exptl_crystal.pdbx_mosaic_block_size       ? 
_exptl_crystal.pdbx_mosaic_block_size_esd   ? 
# 
_exptl_crystal_grow.apparatus       ? 
_exptl_crystal_grow.atmosphere      ? 
_exptl_crystal_grow.crystal_id      1 
_exptl_crystal_grow.details         ? 
_exptl_crystal_grow.method          'VAPOR DIFFUSION, SITTING DROP' 
_exptl_crystal_grow.method_ref      ? 
_exptl_crystal_grow.pH              6.5 
_exptl_crystal_grow.pressure        ? 
_exptl_crystal_grow.pressure_esd    ? 
_exptl_crystal_grow.seeding         ? 
_exptl_crystal_grow.seeding_ref     ? 
_exptl_crystal_grow.temp_details    ? 
_exptl_crystal_grow.temp_esd        ? 
_exptl_crystal_grow.time            ? 
_exptl_crystal_grow.pdbx_details    '15 %(w/v) PEG 6000, 500 mM zinc acetate dihydrate, 100 mM MES, pH 6.5.' 
_exptl_crystal_grow.pdbx_pH_range   ? 
_exptl_crystal_grow.temp            298 
# 
_diffrn.ambient_environment              ? 
_diffrn.ambient_temp                     100 
_diffrn.ambient_temp_details             ? 
_diffrn.ambient_temp_esd                 ? 
_diffrn.crystal_id                       1 
_diffrn.crystal_support                  ? 
_diffrn.crystal_treatment                ? 
_diffrn.details                          ? 
_diffrn.id                               1 
_diffrn.ambient_pressure                 ? 
_diffrn.ambient_pressure_esd             ? 
_diffrn.ambient_pressure_gt              ? 
_diffrn.ambient_pressure_lt              ? 
_diffrn.ambient_temp_gt                  ? 
_diffrn.ambient_temp_lt                  ? 
_diffrn.pdbx_serial_crystal_experiment   N 
# 
_diffrn_detector.details                      ? 
_diffrn_detector.detector                     PIXEL 
_diffrn_detector.diffrn_id                    1 
_diffrn_detector.type                         'DECTRIS PILATUS 6M' 
_diffrn_detector.area_resol_mean              ? 
_diffrn_detector.dtime                        ? 
_diffrn_detector.pdbx_frames_total            ? 
_diffrn_detector.pdbx_collection_time_total   ? 
_diffrn_detector.pdbx_collection_date         2022-06-15 
_diffrn_detector.pdbx_frequency               ? 
_diffrn_detector.id                           ? 
_diffrn_detector.number_of_axes               ? 
# 
_diffrn_radiation.collimation                      ? 
_diffrn_radiation.diffrn_id                        1 
_diffrn_radiation.filter_edge                      ? 
_diffrn_radiation.inhomogeneity                    ? 
_diffrn_radiation.monochromator                    ? 
_diffrn_radiation.polarisn_norm                    ? 
_diffrn_radiation.polarisn_ratio                   ? 
_diffrn_radiation.probe                            ? 
_diffrn_radiation.type                             ? 
_diffrn_radiation.xray_symbol                      ? 
_diffrn_radiation.wavelength_id                    1 
_diffrn_radiation.pdbx_monochromatic_or_laue_m_l   M 
_diffrn_radiation.pdbx_wavelength_list             ? 
_diffrn_radiation.pdbx_wavelength                  ? 
_diffrn_radiation.pdbx_diffrn_protocol             'SINGLE WAVELENGTH' 
_diffrn_radiation.pdbx_analyzer                    ? 
_diffrn_radiation.pdbx_scattering_type             x-ray 
# 
_diffrn_radiation_wavelength.id           1 
_diffrn_radiation_wavelength.wavelength   0.9763 
_diffrn_radiation_wavelength.wt           1.0 
# 
_diffrn_source.current                     ? 
_diffrn_source.details                     ? 
_diffrn_source.diffrn_id                   1 
_diffrn_source.power                       ? 
_diffrn_source.size                        ? 
_diffrn_source.source                      SYNCHROTRON 
_diffrn_source.target                      ? 
_diffrn_source.type                        'ESRF BEAMLINE ID23-1' 
_diffrn_source.voltage                     ? 
_diffrn_source.take-off_angle              ? 
_diffrn_source.pdbx_wavelength_list        0.9763 
_diffrn_source.pdbx_wavelength             ? 
_diffrn_source.pdbx_synchrotron_beamline   ID23-1 
_diffrn_source.pdbx_synchrotron_site       ESRF 
# 
_reflns.B_iso_Wilson_estimate                          ? 
_reflns.entry_id                                       8BJD 
_reflns.data_reduction_details                         ? 
_reflns.data_reduction_method                          ? 
_reflns.d_resolution_high                              2.4 
_reflns.d_resolution_low                               61.67 
_reflns.details                                        ? 
_reflns.limit_h_max                                    ? 
_reflns.limit_h_min                                    ? 
_reflns.limit_k_max                                    ? 
_reflns.limit_k_min                                    ? 
_reflns.limit_l_max                                    ? 
_reflns.limit_l_min                                    ? 
_reflns.number_all                                     ? 
_reflns.number_obs                                     19644 
_reflns.observed_criterion                             ? 
_reflns.observed_criterion_F_max                       ? 
_reflns.observed_criterion_F_min                       ? 
_reflns.observed_criterion_I_max                       ? 
_reflns.observed_criterion_I_min                       ? 
_reflns.observed_criterion_sigma_F                     ? 
_reflns.observed_criterion_sigma_I                     ? 
_reflns.percent_possible_obs                           99.91 
_reflns.R_free_details                                 ? 
_reflns.Rmerge_F_all                                   ? 
_reflns.Rmerge_F_obs                                   ? 
_reflns.Friedel_coverage                               ? 
_reflns.number_gt                                      ? 
_reflns.threshold_expression                           ? 
_reflns.pdbx_redundancy                                8.0 
_reflns.pdbx_netI_over_av_sigmaI                       ? 
_reflns.pdbx_netI_over_sigmaI                          11.1 
_reflns.pdbx_res_netI_over_av_sigmaI_2                 ? 
_reflns.pdbx_res_netI_over_sigmaI_2                    ? 
_reflns.pdbx_chi_squared                               ? 
_reflns.pdbx_scaling_rejects                           ? 
_reflns.pdbx_d_res_high_opt                            ? 
_reflns.pdbx_d_res_low_opt                             ? 
_reflns.pdbx_d_res_opt_method                          ? 
_reflns.phase_calculation_details                      ? 
_reflns.pdbx_Rrim_I_all                                ? 
_reflns.pdbx_Rpim_I_all                                ? 
_reflns.pdbx_d_opt                                     ? 
_reflns.pdbx_number_measured_all                       ? 
_reflns.pdbx_diffrn_id                                 1 
_reflns.pdbx_ordinal                                   1 
_reflns.pdbx_CC_half                                   ? 
_reflns.pdbx_CC_star                                   ? 
_reflns.pdbx_R_split                                   ? 
_reflns.pdbx_Rmerge_I_obs                              0.06 
_reflns.pdbx_Rmerge_I_all                              ? 
_reflns.pdbx_Rsym_value                                ? 
_reflns.pdbx_CC_split_method                           ? 
_reflns.pdbx_aniso_diffraction_limit_axis_1_ortho[1]   ? 
_reflns.pdbx_aniso_diffraction_limit_axis_1_ortho[2]   ? 
_reflns.pdbx_aniso_diffraction_limit_axis_1_ortho[3]   ? 
_reflns.pdbx_aniso_diffraction_limit_axis_2_ortho[1]   ? 
_reflns.pdbx_aniso_diffraction_limit_axis_2_ortho[2]   ? 
_reflns.pdbx_aniso_diffraction_limit_axis_2_ortho[3]   ? 
_reflns.pdbx_aniso_diffraction_limit_axis_3_ortho[1]   ? 
_reflns.pdbx_aniso_diffraction_limit_axis_3_ortho[2]   ? 
_reflns.pdbx_aniso_diffraction_limit_axis_3_ortho[3]   ? 
_reflns.pdbx_aniso_diffraction_limit_1                 ? 
_reflns.pdbx_aniso_diffraction_limit_2                 ? 
_reflns.pdbx_aniso_diffraction_limit_3                 ? 
_reflns.pdbx_aniso_B_tensor_eigenvector_1_ortho[1]     ? 
_reflns.pdbx_aniso_B_tensor_eigenvector_1_ortho[2]     ? 
_reflns.pdbx_aniso_B_tensor_eigenvector_1_ortho[3]     ? 
_reflns.pdbx_aniso_B_tensor_eigenvector_2_ortho[1]     ? 
_reflns.pdbx_aniso_B_tensor_eigenvector_2_ortho[2]     ? 
_reflns.pdbx_aniso_B_tensor_eigenvector_2_ortho[3]     ? 
_reflns.pdbx_aniso_B_tensor_eigenvector_3_ortho[1]     ? 
_reflns.pdbx_aniso_B_tensor_eigenvector_3_ortho[2]     ? 
_reflns.pdbx_aniso_B_tensor_eigenvector_3_ortho[3]     ? 
_reflns.pdbx_aniso_B_tensor_eigenvalue_1               ? 
_reflns.pdbx_aniso_B_tensor_eigenvalue_2               ? 
_reflns.pdbx_aniso_B_tensor_eigenvalue_3               ? 
_reflns.pdbx_orthogonalization_convention              ? 
_reflns.pdbx_percent_possible_ellipsoidal              ? 
_reflns.pdbx_percent_possible_spherical                ? 
_reflns.pdbx_percent_possible_ellipsoidal_anomalous    ? 
_reflns.pdbx_percent_possible_spherical_anomalous      ? 
_reflns.pdbx_redundancy_anomalous                      ? 
_reflns.pdbx_CC_half_anomalous                         ? 
_reflns.pdbx_absDiff_over_sigma_anomalous              ? 
_reflns.pdbx_percent_possible_anomalous                ? 
_reflns.pdbx_observed_signal_threshold                 ? 
_reflns.pdbx_signal_type                               ? 
_reflns.pdbx_signal_details                            ? 
_reflns.pdbx_signal_software_id                        ? 
# 
_reflns_shell.d_res_high                                    2.4 
_reflns_shell.d_res_low                                     2.486 
_reflns_shell.meanI_over_sigI_all                           ? 
_reflns_shell.meanI_over_sigI_obs                           ? 
_reflns_shell.number_measured_all                           ? 
_reflns_shell.number_measured_obs                           ? 
_reflns_shell.number_possible                               ? 
_reflns_shell.number_unique_all                             ? 
_reflns_shell.number_unique_obs                             1218 
_reflns_shell.percent_possible_obs                          ? 
_reflns_shell.Rmerge_F_all                                  ? 
_reflns_shell.Rmerge_F_obs                                  ? 
_reflns_shell.meanI_over_sigI_gt                            ? 
_reflns_shell.meanI_over_uI_all                             ? 
_reflns_shell.meanI_over_uI_gt                              ? 
_reflns_shell.number_measured_gt                            ? 
_reflns_shell.number_unique_gt                              ? 
_reflns_shell.percent_possible_gt                           ? 
_reflns_shell.Rmerge_F_gt                                   ? 
_reflns_shell.Rmerge_I_gt                                   ? 
_reflns_shell.pdbx_redundancy                               ? 
_reflns_shell.pdbx_chi_squared                              ? 
_reflns_shell.pdbx_netI_over_sigmaI_all                     ? 
_reflns_shell.pdbx_netI_over_sigmaI_obs                     ? 
_reflns_shell.pdbx_Rrim_I_all                               ? 
_reflns_shell.pdbx_Rpim_I_all                               ? 
_reflns_shell.pdbx_rejects                                  ? 
_reflns_shell.pdbx_ordinal                                  1 
_reflns_shell.pdbx_diffrn_id                                1 
_reflns_shell.pdbx_CC_half                                  ? 
_reflns_shell.pdbx_CC_star                                  ? 
_reflns_shell.pdbx_R_split                                  ? 
_reflns_shell.percent_possible_all                          99.75 
_reflns_shell.Rmerge_I_all                                  ? 
_reflns_shell.Rmerge_I_obs                                  0.08 
_reflns_shell.pdbx_Rsym_value                               ? 
_reflns_shell.pdbx_percent_possible_ellipsoidal             ? 
_reflns_shell.pdbx_percent_possible_spherical               ? 
_reflns_shell.pdbx_percent_possible_ellipsoidal_anomalous   ? 
_reflns_shell.pdbx_percent_possible_spherical_anomalous     ? 
_reflns_shell.pdbx_redundancy_anomalous                     ? 
_reflns_shell.pdbx_CC_half_anomalous                        ? 
_reflns_shell.pdbx_absDiff_over_sigma_anomalous             ? 
_reflns_shell.pdbx_percent_possible_anomalous               ? 
# 
_refine.aniso_B[1][1]                            ? 
_refine.aniso_B[1][2]                            ? 
_refine.aniso_B[1][3]                            ? 
_refine.aniso_B[2][2]                            ? 
_refine.aniso_B[2][3]                            ? 
_refine.aniso_B[3][3]                            ? 
_refine.B_iso_max                                ? 
_refine.B_iso_mean                               ? 
_refine.B_iso_min                                ? 
_refine.correlation_coeff_Fo_to_Fc               ? 
_refine.correlation_coeff_Fo_to_Fc_free          ? 
_refine.details                                  ? 
_refine.diff_density_max                         ? 
_refine.diff_density_max_esd                     ? 
_refine.diff_density_min                         ? 
_refine.diff_density_min_esd                     ? 
_refine.diff_density_rms                         ? 
_refine.diff_density_rms_esd                     ? 
_refine.entry_id                                 8BJD 
_refine.pdbx_refine_id                           'X-RAY DIFFRACTION' 
_refine.ls_abs_structure_details                 ? 
_refine.ls_abs_structure_Flack                   ? 
_refine.ls_abs_structure_Flack_esd               ? 
_refine.ls_abs_structure_Rogers                  ? 
_refine.ls_abs_structure_Rogers_esd              ? 
_refine.ls_d_res_high                            2.4 
_refine.ls_d_res_low                             52.24 
_refine.ls_extinction_coef                       ? 
_refine.ls_extinction_coef_esd                   ? 
_refine.ls_extinction_expression                 ? 
_refine.ls_extinction_method                     ? 
_refine.ls_goodness_of_fit_all                   ? 
_refine.ls_goodness_of_fit_all_esd               ? 
_refine.ls_goodness_of_fit_obs                   ? 
_refine.ls_goodness_of_fit_obs_esd               ? 
_refine.ls_hydrogen_treatment                    ? 
_refine.ls_matrix_type                           ? 
_refine.ls_number_constraints                    ? 
_refine.ls_number_parameters                     ? 
_refine.ls_number_reflns_all                     ? 
_refine.ls_number_reflns_obs                     19488 
_refine.ls_number_reflns_R_free                  ? 
_refine.ls_number_reflns_R_work                  ? 
_refine.ls_number_restraints                     ? 
_refine.ls_percent_reflns_obs                    55.53 
_refine.ls_percent_reflns_R_free                 ? 
_refine.ls_R_factor_all                          ? 
_refine.ls_R_factor_obs                          ? 
_refine.ls_R_factor_R_free                       0.2943 
_refine.ls_R_factor_R_free_error                 ? 
_refine.ls_R_factor_R_free_error_details         ? 
_refine.ls_R_factor_R_work                       0.2455 
_refine.ls_R_Fsqd_factor_obs                     ? 
_refine.ls_R_I_factor_obs                        ? 
_refine.ls_redundancy_reflns_all                 ? 
_refine.ls_redundancy_reflns_obs                 ? 
_refine.ls_restrained_S_all                      ? 
_refine.ls_restrained_S_obs                      ? 
_refine.ls_shift_over_esd_max                    ? 
_refine.ls_shift_over_esd_mean                   ? 
_refine.ls_structure_factor_coef                 ? 
_refine.ls_weighting_details                     ? 
_refine.ls_weighting_scheme                      ? 
_refine.ls_wR_factor_all                         ? 
_refine.ls_wR_factor_obs                         ? 
_refine.ls_wR_factor_R_free                      ? 
_refine.ls_wR_factor_R_work                      ? 
_refine.occupancy_max                            ? 
_refine.occupancy_min                            ? 
_refine.solvent_model_details                    ? 
_refine.solvent_model_param_bsol                 ? 
_refine.solvent_model_param_ksol                 ? 
_refine.pdbx_R_complete                          ? 
_refine.ls_R_factor_gt                           ? 
_refine.ls_goodness_of_fit_gt                    ? 
_refine.ls_goodness_of_fit_ref                   ? 
_refine.ls_shift_over_su_max                     ? 
_refine.ls_shift_over_su_max_lt                  ? 
_refine.ls_shift_over_su_mean                    ? 
_refine.ls_shift_over_su_mean_lt                 ? 
_refine.pdbx_ls_sigma_I                          ? 
_refine.pdbx_ls_sigma_F                          ? 
_refine.pdbx_ls_sigma_Fsqd                       ? 
_refine.pdbx_data_cutoff_high_absF               ? 
_refine.pdbx_data_cutoff_high_rms_absF           ? 
_refine.pdbx_data_cutoff_low_absF                ? 
_refine.pdbx_isotropic_thermal_model             ? 
_refine.pdbx_ls_cross_valid_method               'FREE R-VALUE' 
_refine.pdbx_method_to_determine_struct          'MOLECULAR REPLACEMENT' 
_refine.pdbx_starting_model                      1FD9 
_refine.pdbx_stereochemistry_target_values       ? 
_refine.pdbx_R_Free_selection_details            RANDOM 
_refine.pdbx_stereochem_target_val_spec_case     ? 
_refine.pdbx_overall_ESU_R                       ? 
_refine.pdbx_overall_ESU_R_Free                  ? 
_refine.pdbx_solvent_vdw_probe_radii             ? 
_refine.pdbx_solvent_ion_probe_radii             ? 
_refine.pdbx_solvent_shrinkage_radii             ? 
_refine.pdbx_real_space_R                        ? 
_refine.pdbx_density_correlation                 ? 
_refine.pdbx_pd_number_of_powder_patterns        ? 
_refine.pdbx_pd_number_of_points                 ? 
_refine.pdbx_pd_meas_number_of_points            ? 
_refine.pdbx_pd_proc_ls_prof_R_factor            ? 
_refine.pdbx_pd_proc_ls_prof_wR_factor           ? 
_refine.pdbx_pd_Marquardt_correlation_coeff      ? 
_refine.pdbx_pd_Fsqrd_R_factor                   ? 
_refine.pdbx_pd_ls_matrix_band_width             ? 
_refine.pdbx_overall_phase_error                 ? 
_refine.pdbx_overall_SU_R_free_Cruickshank_DPI   ? 
_refine.pdbx_overall_SU_R_free_Blow_DPI          ? 
_refine.pdbx_overall_SU_R_Blow_DPI               ? 
_refine.pdbx_TLS_residual_ADP_flag               ? 
_refine.pdbx_diffrn_id                           1 
_refine.overall_SU_B                             ? 
_refine.overall_SU_ML                            ? 
_refine.overall_SU_R_Cruickshank_DPI             ? 
_refine.overall_SU_R_free                        ? 
_refine.overall_FOM_free_R_set                   ? 
_refine.overall_FOM_work_R_set                   ? 
_refine.pdbx_average_fsc_overall                 ? 
_refine.pdbx_average_fsc_work                    ? 
_refine.pdbx_average_fsc_free                    ? 
# 
_refine_hist.pdbx_refine_id                   'X-RAY DIFFRACTION' 
_refine_hist.cycle_id                         LAST 
_refine_hist.details                          ? 
_refine_hist.d_res_high                       2.4 
_refine_hist.d_res_low                        52.24 
_refine_hist.number_atoms_solvent             15 
_refine_hist.number_atoms_total               1639 
_refine_hist.number_reflns_all                ? 
_refine_hist.number_reflns_obs                ? 
_refine_hist.number_reflns_R_free             ? 
_refine_hist.number_reflns_R_work             ? 
_refine_hist.R_factor_all                     ? 
_refine_hist.R_factor_obs                     ? 
_refine_hist.R_factor_R_free                  ? 
_refine_hist.R_factor_R_work                  ? 
_refine_hist.pdbx_number_residues_total       ? 
_refine_hist.pdbx_B_iso_mean_ligand           ? 
_refine_hist.pdbx_B_iso_mean_solvent          ? 
_refine_hist.pdbx_number_atoms_protein        1573 
_refine_hist.pdbx_number_atoms_nucleic_acid   0 
_refine_hist.pdbx_number_atoms_ligand         51 
_refine_hist.pdbx_number_atoms_lipid          ? 
_refine_hist.pdbx_number_atoms_carb           ? 
_refine_hist.pdbx_pseudo_atom_details         ? 
# 
_struct.entry_id                     8BJD 
_struct.title                        'Full length structure of LpMIP with bound inhibitor JK095' 
_struct.pdbx_model_details           ? 
_struct.pdbx_formula_weight          ? 
_struct.pdbx_formula_weight_method   ? 
_struct.pdbx_model_type_details      ? 
_struct.pdbx_CASP_flag               N 
# 
_struct_keywords.entry_id        8BJD 
_struct_keywords.text            'Macrophage, potentiator, soluble, protein., STRUCTURAL PROTEIN' 
_struct_keywords.pdbx_keywords   'STRUCTURAL PROTEIN' 
# 
loop_
_struct_asym.id 
_struct_asym.pdbx_blank_PDB_chainid_flag 
_struct_asym.pdbx_modified 
_struct_asym.entity_id 
_struct_asym.details 
A N N 1 ? 
B N N 2 ? 
C N N 3 ? 
D N N 4 ? 
E N N 4 ? 
F N N 5 ? 
G N N 6 ? 
# 
loop_
_struct_conf.conf_type_id 
_struct_conf.id 
_struct_conf.pdbx_PDB_helix_id 
_struct_conf.beg_label_comp_id 
_struct_conf.beg_label_asym_id 
_struct_conf.beg_label_seq_id 
_struct_conf.pdbx_beg_PDB_ins_code 
_struct_conf.end_label_comp_id 
_struct_conf.end_label_asym_id 
_struct_conf.end_label_seq_id 
_struct_conf.pdbx_end_PDB_ins_code 
_struct_conf.beg_auth_comp_id 
_struct_conf.beg_auth_asym_id 
_struct_conf.beg_auth_seq_id 
_struct_conf.end_auth_comp_id 
_struct_conf.end_auth_asym_id 
_struct_conf.end_auth_seq_id 
_struct_conf.pdbx_PDB_helix_class 
_struct_conf.details 
_struct_conf.pdbx_PDB_helix_length 
HELX_P HELX_P1 AA1 THR A 4   ? ASN A 23  ? THR A 9   ASN A 28  1 ? 20 
HELX_P HELX_P2 AA2 ASN A 29  ? GLY A 43  ? ASN A 34  GLY A 48  1 ? 15 
HELX_P HELX_P3 AA3 THR A 49  ? LYS A 91  ? THR A 54  LYS A 96  1 ? 43 
HELX_P HELX_P4 AA4 THR A 139 ? GLY A 143 ? THR A 144 GLY A 148 1 ? 5  
HELX_P HELX_P5 AA5 SER A 151 ? VAL A 153 ? SER A 156 VAL A 158 5 ? 3  
HELX_P HELX_P6 AA6 ILE A 154 ? GLN A 162 ? ILE A 159 GLN A 167 1 ? 9  
HELX_P HELX_P7 AA7 PRO A 175 ? ALA A 179 ? PRO A 180 ALA A 184 5 ? 5  
# 
_struct_conf_type.id          HELX_P 
_struct_conf_type.criteria    ? 
_struct_conf_type.reference   ? 
# 
loop_
_struct_conn.id 
_struct_conn.conn_type_id 
_struct_conn.pdbx_leaving_atom_flag 
_struct_conn.pdbx_PDB_id 
_struct_conn.ptnr1_label_asym_id 
_struct_conn.ptnr1_label_comp_id 
_struct_conn.ptnr1_label_seq_id 
_struct_conn.ptnr1_label_atom_id 
_struct_conn.pdbx_ptnr1_label_alt_id 
_struct_conn.pdbx_ptnr1_PDB_ins_code 
_struct_conn.pdbx_ptnr1_standard_comp_id 
_struct_conn.ptnr1_symmetry 
_struct_conn.ptnr2_label_asym_id 
_struct_conn.ptnr2_label_comp_id 
_struct_conn.ptnr2_label_seq_id 
_struct_conn.ptnr2_label_atom_id 
_struct_conn.pdbx_ptnr2_label_alt_id 
_struct_conn.pdbx_ptnr2_PDB_ins_code 
_struct_conn.ptnr1_auth_asym_id 
_struct_conn.ptnr1_auth_comp_id 
_struct_conn.ptnr1_auth_seq_id 
_struct_conn.ptnr2_auth_asym_id 
_struct_conn.ptnr2_auth_comp_id 
_struct_conn.ptnr2_auth_seq_id 
_struct_conn.ptnr2_symmetry 
_struct_conn.pdbx_ptnr3_label_atom_id 
_struct_conn.pdbx_ptnr3_label_seq_id 
_struct_conn.pdbx_ptnr3_label_comp_id 
_struct_conn.pdbx_ptnr3_label_asym_id 
_struct_conn.pdbx_ptnr3_label_alt_id 
_struct_conn.pdbx_ptnr3_PDB_ins_code 
_struct_conn.details 
_struct_conn.pdbx_dist_value 
_struct_conn.pdbx_value_order 
_struct_conn.pdbx_role 
metalc1 metalc ? ? A ASP 137 OD1 ? ? ? 1_555 D ZN . ZN ? ? A ASP 142 A ZN 303 1_555 ? ? ? ? ? ? ? 2.309 ? ? 
metalc2 metalc ? ? A GLU 159 OE1 ? ? ? 1_555 E ZN . ZN ? ? A GLU 164 A ZN 304 1_555 ? ? ? ? ? ? ? 2.490 ? ? 
metalc3 metalc ? ? A GLU 159 OE2 ? ? ? 1_555 E ZN . ZN ? ? A GLU 164 A ZN 304 1_555 ? ? ? ? ? ? ? 1.777 ? ? 
metalc4 metalc ? ? A HIS 200 NE2 ? ? ? 1_555 E ZN . ZN ? ? A HIS 205 A ZN 304 3_554 ? ? ? ? ? ? ? 2.259 ? ? 
# 
_struct_conn_type.id          metalc 
_struct_conn_type.criteria    ? 
_struct_conn_type.reference   ? 
# 
loop_
_struct_sheet.id 
_struct_sheet.type 
_struct_sheet.number_strands 
_struct_sheet.details 
AA1 ? 6 ? 
AA2 ? 6 ? 
# 
loop_
_struct_sheet_order.sheet_id 
_struct_sheet_order.range_id_1 
_struct_sheet_order.range_id_2 
_struct_sheet_order.offset 
_struct_sheet_order.sense 
AA1 1 2 ? anti-parallel 
AA1 2 3 ? anti-parallel 
AA1 3 4 ? anti-parallel 
AA1 4 5 ? anti-parallel 
AA1 5 6 ? anti-parallel 
AA2 1 2 ? anti-parallel 
AA2 2 3 ? anti-parallel 
AA2 3 4 ? anti-parallel 
AA2 4 5 ? anti-parallel 
AA2 5 6 ? anti-parallel 
# 
loop_
_struct_sheet_range.sheet_id 
_struct_sheet_range.id 
_struct_sheet_range.beg_label_comp_id 
_struct_sheet_range.beg_label_asym_id 
_struct_sheet_range.beg_label_seq_id 
_struct_sheet_range.pdbx_beg_PDB_ins_code 
_struct_sheet_range.end_label_comp_id 
_struct_sheet_range.end_label_asym_id 
_struct_sheet_range.end_label_seq_id 
_struct_sheet_range.pdbx_end_PDB_ins_code 
_struct_sheet_range.beg_auth_comp_id 
_struct_sheet_range.beg_auth_asym_id 
_struct_sheet_range.beg_auth_seq_id 
_struct_sheet_range.end_auth_comp_id 
_struct_sheet_range.end_auth_asym_id 
_struct_sheet_range.end_auth_seq_id 
AA1 1 VAL A 96  ? VAL A 98  ? VAL A 101 VAL A 103 
AA1 2 GLN A 104 ? ASN A 109 ? GLN A 109 ASN A 114 
AA1 3 THR A 169 ? VAL A 174 ? THR A 174 VAL A 179 
AA1 4 LEU A 195 ? LYS A 205 ? LEU A 200 LYS A 210 
AA1 5 THR A 121 ? LEU A 130 ? THR A 126 LEU A 135 
AA1 6 VAL A 135 ? SER A 138 ? VAL A 140 SER A 143 
AA2 1 VAL A 96  ? VAL A 98  ? VAL A 101 VAL A 103 
AA2 2 GLN A 104 ? ASN A 109 ? GLN A 109 ASN A 114 
AA2 3 THR A 169 ? VAL A 174 ? THR A 174 VAL A 179 
AA2 4 LEU A 195 ? LYS A 205 ? LEU A 200 LYS A 210 
AA2 5 THR A 121 ? LEU A 130 ? THR A 126 LEU A 135 
AA2 6 ALA A 146 ? GLN A 149 ? ALA A 151 GLN A 154 
# 
loop_
_pdbx_struct_sheet_hbond.sheet_id 
_pdbx_struct_sheet_hbond.range_id_1 
_pdbx_struct_sheet_hbond.range_id_2 
_pdbx_struct_sheet_hbond.range_1_label_atom_id 
_pdbx_struct_sheet_hbond.range_1_label_comp_id 
_pdbx_struct_sheet_hbond.range_1_label_asym_id 
_pdbx_struct_sheet_hbond.range_1_label_seq_id 
_pdbx_struct_sheet_hbond.range_1_PDB_ins_code 
_pdbx_struct_sheet_hbond.range_1_auth_atom_id 
_pdbx_struct_sheet_hbond.range_1_auth_comp_id 
_pdbx_struct_sheet_hbond.range_1_auth_asym_id 
_pdbx_struct_sheet_hbond.range_1_auth_seq_id 
_pdbx_struct_sheet_hbond.range_2_label_atom_id 
_pdbx_struct_sheet_hbond.range_2_label_comp_id 
_pdbx_struct_sheet_hbond.range_2_label_asym_id 
_pdbx_struct_sheet_hbond.range_2_label_seq_id 
_pdbx_struct_sheet_hbond.range_2_PDB_ins_code 
_pdbx_struct_sheet_hbond.range_2_auth_atom_id 
_pdbx_struct_sheet_hbond.range_2_auth_comp_id 
_pdbx_struct_sheet_hbond.range_2_auth_asym_id 
_pdbx_struct_sheet_hbond.range_2_auth_seq_id 
AA1 1 2 N VAL A 97  ? N VAL A 102 O TYR A 105 ? O TYR A 110 
AA1 2 3 N GLN A 104 ? N GLN A 109 O TYR A 173 ? O TYR A 178 
AA1 3 4 N VAL A 174 ? N VAL A 179 O LEU A 195 ? O LEU A 200 
AA1 4 5 O ILE A 202 ? O ILE A 207 N THR A 123 ? N THR A 128 
AA1 5 6 N GLY A 128 ? N GLY A 133 O ASP A 137 ? O ASP A 142 
AA2 1 2 N VAL A 97  ? N VAL A 102 O TYR A 105 ? O TYR A 110 
AA2 2 3 N GLN A 104 ? N GLN A 109 O TYR A 173 ? O TYR A 178 
AA2 3 4 N VAL A 174 ? N VAL A 179 O LEU A 195 ? O LEU A 200 
AA2 4 5 O ILE A 202 ? O ILE A 207 N THR A 123 ? N THR A 128 
AA2 5 6 N VAL A 122 ? N VAL A 127 O PHE A 148 ? O PHE A 153 
# 
_atom_sites.entry_id                    8BJD 
_atom_sites.Cartn_transf_matrix[1][1]   ? 
_atom_sites.Cartn_transf_matrix[1][2]   ? 
_atom_sites.Cartn_transf_matrix[1][3]   ? 
_atom_sites.Cartn_transf_matrix[2][1]   ? 
_atom_sites.Cartn_transf_matrix[2][2]   ? 
_atom_sites.Cartn_transf_matrix[2][3]   ? 
_atom_sites.Cartn_transf_matrix[3][1]   ? 
_atom_sites.Cartn_transf_matrix[3][2]   ? 
_atom_sites.Cartn_transf_matrix[3][3]   ? 
_atom_sites.Cartn_transf_vector[1]      ? 
_atom_sites.Cartn_transf_vector[2]      ? 
_atom_sites.Cartn_transf_vector[3]      ? 
_atom_sites.fract_transf_matrix[1][1]   -0.00388842 
_atom_sites.fract_transf_matrix[1][2]   0.00230036 
_atom_sites.fract_transf_matrix[1][3]   0.01222061 
_atom_sites.fract_transf_matrix[2][1]   -0.00564667 
_atom_sites.fract_transf_matrix[2][2]   -0.01173457 
_atom_sites.fract_transf_matrix[2][3]   0.00041218 
_atom_sites.fract_transf_matrix[3][1]   0.00820847 
_atom_sites.fract_transf_matrix[3][2]   -0.00383283 
_atom_sites.fract_transf_matrix[3][3]   0.00333329 
_atom_sites.fract_transf_vector[1]      0.091923 
_atom_sites.fract_transf_vector[2]      0.237360 
_atom_sites.fract_transf_vector[3]      0.198578 
_atom_sites.solution_primary            ? 
_atom_sites.solution_secondary          ? 
_atom_sites.solution_hydrogens          ? 
_atom_sites.special_details             ? 
# 
loop_
_atom_type.symbol 
C  
CL 
N  
NA 
O  
S  
ZN 
# 
loop_
_atom_site.group_PDB 
_atom_site.id 
_atom_site.type_symbol 
_atom_site.label_atom_id 
_atom_site.label_alt_id 
_atom_site.label_comp_id 
_atom_site.label_asym_id 
_atom_site.label_entity_id 
_atom_site.label_seq_id 
_atom_site.pdbx_PDB_ins_code 
_atom_site.Cartn_x 
_atom_site.Cartn_y 
_atom_site.Cartn_z 
_atom_site.occupancy 
_atom_site.B_iso_or_equiv 
_atom_site.pdbx_formal_charge 
_atom_site.auth_seq_id 
_atom_site.auth_comp_id 
_atom_site.auth_asym_id 
_atom_site.auth_atom_id 
_atom_site.pdbx_PDB_model_num 
ATOM   1    N  N   . SER A 1 1   ? 7.7902133   40.5854567  8.5569487   1 80.23  ? 6   SER A N   1 
ATOM   2    C  CA  . SER A 1 1   ? 6.8861547   40.9084561  7.4536566   1 76.66  ? 6   SER A CA  1 
ATOM   3    C  C   . SER A 1 1   ? 7.4835326   40.4911615  6.0964053   1 70.67  ? 6   SER A C   1 
ATOM   4    O  O   . SER A 1 1   ? 8.7067563   40.4900927  5.9122300   1 67.81  ? 6   SER A O   1 
ATOM   5    C  CB  . SER A 1 1   ? 6.5541174   42.4065825  7.4658122   1 72.32  ? 6   SER A CB  1 
ATOM   6    O  OG  . SER A 1 1   ? 5.7746686   42.7887743  6.3409180   1 68.57  ? 6   SER A OG  1 
ATOM   7    N  N   . LEU A 1 2   ? 6.6051531   40.1380559  5.1573372   1 56.28  ? 7   LEU A N   1 
ATOM   8    C  CA  . LEU A 1 2   ? 6.9721161   39.5618316  3.8633026   1 51.73  ? 7   LEU A CA  1 
ATOM   9    C  C   . LEU A 1 2   ? 6.5175236   40.4986017  2.7469767   1 50.47  ? 7   LEU A C   1 
ATOM   10   O  O   . LEU A 1 2   ? 5.4887264   40.2753396  2.1162220   1 53.05  ? 7   LEU A O   1 
ATOM   11   C  CB  . LEU A 1 2   ? 6.3461566   38.2022255  3.7110927   1 49.16  ? 7   LEU A CB  1 
ATOM   12   C  CG  . LEU A 1 2   ? 6.6670172   37.1680981  4.7754732   1 49     ? 7   LEU A CG  1 
ATOM   13   C  CD1 . LEU A 1 2   ? 5.7581070   35.9660577  4.6005926   1 44.58  ? 7   LEU A CD1 1 
ATOM   14   C  CD2 . LEU A 1 2   ? 8.1199573   36.7708986  4.6792519   1 47.32  ? 7   LEU A CD2 1 
ATOM   15   N  N   . ALA A 1 3   ? 7.3010368   41.5377890  2.4786897   1 51.39  ? 8   ALA A N   1 
ATOM   16   C  CA  . ALA A 1 3   ? 6.8574592   42.5171953  1.4943101   1 50.71  ? 8   ALA A CA  1 
ATOM   17   C  C   . ALA A 1 3   ? 7.1028516   42.0315694  0.0709753   1 51.68  ? 8   ALA A C   1 
ATOM   18   O  O   . ALA A 1 3   ? 6.2182898   42.1307156  -0.7846060  1 49.85  ? 8   ALA A O   1 
ATOM   19   C  CB  . ALA A 1 3   ? 7.5538227   43.8570036  1.7312864   1 40.49  ? 8   ALA A CB  1 
ATOM   20   N  N   . THR A 1 4   ? 8.2884158   41.4949992  -0.1960322  1 45.67  ? 9   THR A N   1 
ATOM   21   C  CA  . THR A 1 4   ? 8.7056971   41.1281518  -1.5411885  1 43.75  ? 9   THR A CA  1 
ATOM   22   C  C   . THR A 1 4   ? 8.4820071   39.6434044  -1.7998542  1 43.49  ? 9   THR A C   1 
ATOM   23   O  O   . THR A 1 4   ? 8.2199488   38.8576692  -0.8909434  1 45.49  ? 9   THR A O   1 
ATOM   24   C  CB  . THR A 1 4   ? 10.1770034  41.4678055  -1.7446805  1 37.68  ? 9   THR A CB  1 
ATOM   25   O  OG1 . THR A 1 4   ? 10.9612742  40.6514683  -0.8702351  1 41.8   ? 9   THR A OG1 1 
ATOM   26   C  CG2 . THR A 1 4   ? 10.4258555  42.9183603  -1.4193310  1 34.92  ? 9   THR A CG2 1 
ATOM   27   N  N   . ASP A 1 5   ? 8.6082119   39.2583001  -3.0689369  1 42.12  ? 10  ASP A N   1 
ATOM   28   C  CA  . ASP A 1 5   ? 8.5015771   37.8436087  -3.3962994  1 47.65  ? 10  ASP A CA  1 
ATOM   29   C  C   . ASP A 1 5   ? 9.7562154   37.0675658  -3.0546474  1 41.55  ? 10  ASP A C   1 
ATOM   30   O  O   . ASP A 1 5   ? 9.6809596   35.8486741  -2.8779396  1 44.76  ? 10  ASP A O   1 
ATOM   31   C  CB  . ASP A 1 5   ? 8.1809480   37.6262856  -4.8721913  1 49.66  ? 10  ASP A CB  1 
ATOM   32   C  CG  . ASP A 1 5   ? 7.1970298   38.6258431  -5.4149920  1 64.9   ? 10  ASP A CG  1 
ATOM   33   O  OD1 . ASP A 1 5   ? 6.2193941   38.9929158  -4.7226112  1 63.11  ? 10  ASP A OD1 1 
ATOM   34   O  OD2 . ASP A 1 5   ? 7.3919242   39.0087040  -6.5754228  1 76.87  ? 10  ASP A OD2 1 
ATOM   35   N  N   . LYS A 1 6   ? 10.9063584  37.7293987  -2.9742579  1 37.39  ? 11  LYS A N   1 
ATOM   36   C  CA  . LYS A 1 6   ? 12.0539062  37.0580092  -2.3846597  1 42.16  ? 11  LYS A CA  1 
ATOM   37   C  C   . LYS A 1 6   ? 11.7056013  36.5596333  -0.9879589  1 41.31  ? 11  LYS A C   1 
ATOM   38   O  O   . LYS A 1 6   ? 12.0169795  35.4187122  -0.6282763  1 40.54  ? 11  LYS A O   1 
ATOM   39   C  CB  . LYS A 1 6   ? 13.2583068  37.9963989  -2.3486595  1 41.82  ? 11  LYS A CB  1 
ATOM   40   C  CG  . LYS A 1 6   ? 14.5456789  37.3042947  -1.9505556  1 42.88  ? 11  LYS A CG  1 
ATOM   41   C  CD  . LYS A 1 6   ? 15.6830047  38.3116705  -1.8177470  1 48.91  ? 11  LYS A CD  1 
ATOM   42   C  CE  . LYS A 1 6   ? 16.9660569  37.6716806  -1.2911618  1 52.82  ? 11  LYS A CE  1 
ATOM   43   N  NZ  . LYS A 1 6   ? 18.1973367  38.4143585  -1.7172562  1 58.98  ? 11  LYS A NZ  1 
ATOM   44   N  N   . ASP A 1 7   ? 11.0108435  37.3845498  -0.2021966  1 39.46  ? 12  ASP A N   1 
ATOM   45   C  CA  . ASP A 1 7   ? 10.5895117  36.9590514  1.1308963   1 42.07  ? 12  ASP A CA  1 
ATOM   46   C  C   . ASP A 1 7   ? 9.4659216   35.9238099  1.0567463   1 40.73  ? 12  ASP A C   1 
ATOM   47   O  O   . ASP A 1 7   ? 9.5326737   34.8730039  1.7054434   1 38.95  ? 12  ASP A O   1 
ATOM   48   C  CB  . ASP A 1 7   ? 10.1599396  38.1770616  1.9472993   1 43.27  ? 12  ASP A CB  1 
ATOM   49   C  CG  . ASP A 1 7   ? 11.2699398  39.2064672  2.0800604   1 56.16  ? 12  ASP A CG  1 
ATOM   50   O  OD1 . ASP A 1 7   ? 12.4517400  38.8320777  1.8900742   1 53.56  ? 12  ASP A OD1 1 
ATOM   51   O  OD2 . ASP A 1 7   ? 10.9625432  40.3882259  2.3685733   1 61.13  ? 12  ASP A OD2 1 
ATOM   52   N  N   . LYS A 1 8   ? 8.4230418   36.2004062  0.2709135   1 38.33  ? 13  LYS A N   1 
ATOM   53   C  CA  . LYS A 1 8   ? 7.3366947   35.2361014  0.1344904   1 39.3   ? 13  LYS A CA  1 
ATOM   54   C  C   . LYS A 1 8   ? 7.8657661   33.8748824  -0.2981209  1 40.12  ? 13  LYS A C   1 
ATOM   55   O  O   . LYS A 1 8   ? 7.4281316   32.8341814  0.2084425   1 38.79  ? 13  LYS A O   1 
ATOM   56   C  CB  . LYS A 1 8   ? 6.2959126   35.7405223  -0.8694743  1 40.04  ? 13  LYS A CB  1 
ATOM   57   C  CG  . LYS A 1 8   ? 5.5321639   36.9854757  -0.4502011  1 39.57  ? 13  LYS A CG  1 
ATOM   58   C  CD  . LYS A 1 8   ? 4.2274173   37.0841668  -1.2272297  1 40.95  ? 13  LYS A CD  1 
ATOM   59   C  CE  . LYS A 1 8   ? 3.4109415   38.3208228  -0.8498254  1 54.29  ? 13  LYS A CE  1 
ATOM   60   N  NZ  . LYS A 1 8   ? 4.1578478   39.5988004  -1.0169189  1 51.05  ? 13  LYS A NZ  1 
ATOM   61   N  N   . LEU A 1 9   ? 8.8096495   33.8606930  -1.2371841  1 36.21  ? 14  LEU A N   1 
ATOM   62   C  CA  . LEU A 1 9   ? 9.3591249   32.5912010  -1.6869663  1 40.23  ? 14  LEU A CA  1 
ATOM   63   C  C   . LEU A 1 9   ? 10.1513969  31.9225688  -0.5755056  1 38.44  ? 14  LEU A C   1 
ATOM   64   O  O   . LEU A 1 9   ? 9.9552260   30.7369643  -0.2857470  1 36.5   ? 14  LEU A O   1 
ATOM   65   C  CB  . LEU A 1 9   ? 10.2368190  32.8007799  -2.9152349  1 38.57  ? 14  LEU A CB  1 
ATOM   66   C  CG  . LEU A 1 9   ? 11.0763937  31.5685832  -3.2285569  1 34.23  ? 14  LEU A CG  1 
ATOM   67   C  CD1 . LEU A 1 9   ? 10.1692664  30.4651861  -3.7316879  1 35.57  ? 14  LEU A CD1 1 
ATOM   68   C  CD2 . LEU A 1 9   ? 12.1844221  31.8797040  -4.2267357  1 41.64  ? 14  LEU A CD2 1 
ATOM   69   N  N   . SER A 1 10  ? 11.0578573  32.6709832  0.0539380   1 39.3   ? 15  SER A N   1 
ATOM   70   C  CA  . SER A 1 10  ? 11.8769649  32.1123539  1.1244449   1 38.07  ? 15  SER A CA  1 
ATOM   71   C  C   . SER A 1 10  ? 11.0079910  31.5356580  2.2305535   1 39.54  ? 15  SER A C   1 
ATOM   72   O  O   . SER A 1 10  ? 11.2194672  30.4024594  2.6742715   1 39.15  ? 15  SER A O   1 
ATOM   73   C  CB  . SER A 1 10  ? 12.8061229  33.1838260  1.6843072   1 41.3   ? 15  SER A CB  1 
ATOM   74   O  OG  . SER A 1 10  ? 13.5702570  33.7926103  0.6560763   1 42.9   ? 15  SER A OG  1 
ATOM   75   N  N   . TYR A 1 11  ? 10.0232813  32.3165139  2.6892691   1 39.33  ? 16  TYR A N   1 
ATOM   76   C  CA  . TYR A 1 11  ? 9.0955341   31.8575841  3.7193261   1 37.08  ? 16  TYR A CA  1 
ATOM   77   C  C   . TYR A 1 11  ? 8.3968838   30.5755400  3.2937681   1 37.5   ? 16  TYR A C   1 
ATOM   78   O  O   . TYR A 1 11  ? 8.3044030   29.6134661  4.0659378   1 37.36  ? 16  TYR A O   1 
ATOM   79   C  CB  . TYR A 1 11  ? 8.0657418   32.9529283  4.0106780   1 36.04  ? 16  TYR A CB  1 
ATOM   80   C  CG  . TYR A 1 11  ? 7.0973774   32.6253754  5.1267548   1 36.8   ? 16  TYR A CG  1 
ATOM   81   C  CD1 . TYR A 1 11  ? 5.9356467   31.9077756  4.8804594   1 38.28  ? 16  TYR A CD1 1 
ATOM   82   C  CD2 . TYR A 1 11  ? 7.3413295   33.0433570  6.4285323   1 34.57  ? 16  TYR A CD2 1 
ATOM   83   C  CE1 . TYR A 1 11  ? 5.0489436   31.6097702  5.9018136   1 41.56  ? 16  TYR A CE1 1 
ATOM   84   C  CE2 . TYR A 1 11  ? 6.4594101   32.7574572  7.4491299   1 36.84  ? 16  TYR A CE2 1 
ATOM   85   C  CZ  . TYR A 1 11  ? 5.3159624   32.0392517  7.1831783   1 40.43  ? 16  TYR A CZ  1 
ATOM   86   O  OH  . TYR A 1 11  ? 4.4363977   31.7475426  8.1970895   1 39.52  ? 16  TYR A OH  1 
ATOM   87   N  N   . SER A 1 12  ? 7.8873849   30.5553402  2.0607767   1 36.05  ? 17  SER A N   1 
ATOM   88   C  CA  . SER A 1 12  ? 7.2146090   29.3691350  1.5571777   1 35.01  ? 17  SER A CA  1 
ATOM   89   C  C   . SER A 1 12  ? 8.1606686   28.1791561  1.5022114   1 38.02  ? 17  SER A C   1 
ATOM   90   O  O   . SER A 1 12  ? 7.7643932   27.0544573  1.8277146   1 44     ? 17  SER A O   1 
ATOM   91   C  CB  . SER A 1 12  ? 6.6132651   29.6581427  0.1877157   1 34.4   ? 17  SER A CB  1 
ATOM   92   O  OG  . SER A 1 12  ? 5.8007325   30.8120463  0.2546439   1 45.74  ? 17  SER A OG  1 
ATOM   93   N  N   . ILE A 1 13  ? 9.4187577   28.3991752  1.1041353   1 36.84  ? 18  ILE A N   1 
ATOM   94   C  CA  . ILE A 1 13  ? 10.3942891  27.3084282  1.1486147   1 39.62  ? 18  ILE A CA  1 
ATOM   95   C  C   . ILE A 1 13  ? 10.5738715  26.8237849  2.5816925   1 40.69  ? 18  ILE A C   1 
ATOM   96   O  O   . ILE A 1 13  ? 10.5329415  25.6208175  2.8601458   1 44.65  ? 18  ILE A O   1 
ATOM   97   C  CB  . ILE A 1 13  ? 11.7383347  27.7368075  0.5265042   1 41.6   ? 18  ILE A CB  1 
ATOM   98   C  CG1 . ILE A 1 13  ? 11.6170333  27.9264365  -0.9838904  1 38.02  ? 18  ILE A CG1 1 
ATOM   99   C  CG2 . ILE A 1 13  ? 12.8207479  26.6968667  0.7947982   1 33.97  ? 18  ILE A CG2 1 
ATOM   100  C  CD1 . ILE A 1 13  ? 12.8622128  28.5168974  -1.6018670  1 42.27  ? 18  ILE A CD1 1 
ATOM   101  N  N   . GLY A 1 14  ? 10.7673276  27.7571859  3.5145067   1 40.53  ? 19  GLY A N   1 
ATOM   102  C  CA  . GLY A 1 14  ? 10.9361493  27.3773093  4.9063152   1 44.22  ? 19  GLY A CA  1 
ATOM   103  C  C   . GLY A 1 14  ? 9.7556366   26.6023646  5.4569871   1 42.83  ? 19  GLY A C   1 
ATOM   104  O  O   . GLY A 1 14  ? 9.9324147   25.5907797  6.1375746   1 37.15  ? 19  GLY A O   1 
ATOM   105  N  N   . ALA A 1 15  ? 8.5339716   27.0613667  5.1705790   1 41.92  ? 20  ALA A N   1 
ATOM   106  C  CA  . ALA A 1 15  ? 7.3609068   26.3742343  5.6996282   1 42.14  ? 20  ALA A CA  1 
ATOM   107  C  C   . ALA A 1 15  ? 7.2496123   24.9655929  5.1329590   1 44.36  ? 20  ALA A C   1 
ATOM   108  O  O   . ALA A 1 15  ? 6.9468866   24.0211828  5.8668914   1 48.86  ? 20  ALA A O   1 
ATOM   109  C  CB  . ALA A 1 15  ? 6.1010609   27.1798638  5.4019251   1 39.08  ? 20  ALA A CB  1 
ATOM   110  N  N   . ASP A 1 16  ? 7.4882698   24.8026928  3.8279781   1 45.23  ? 21  ASP A N   1 
ATOM   111  C  CA  . ASP A 1 16  ? 7.4175057   23.4741987  3.2218033   1 45.83  ? 21  ASP A CA  1 
ATOM   112  C  C   . ASP A 1 16  ? 8.4276603   22.5329854  3.8568569   1 48.74  ? 21  ASP A C   1 
ATOM   113  O  O   . ASP A 1 16  ? 8.1196952   21.3646200  4.1173945   1 52.27  ? 21  ASP A O   1 
ATOM   114  C  CB  . ASP A 1 16  ? 7.6451181   23.5702333  1.7089094   1 50.37  ? 21  ASP A CB  1 
ATOM   115  C  CG  . ASP A 1 16  ? 7.8835276   22.2111434  1.0533428   1 62.5   ? 21  ASP A CG  1 
ATOM   116  O  OD1 . ASP A 1 16  ? 9.0611917   21.8685149  0.7942254   1 66.25  ? 21  ASP A OD1 1 
ATOM   117  O  OD2 . ASP A 1 16  ? 6.8910655   21.4970201  0.7909521   1 68.79  ? 21  ASP A OD2 1 
ATOM   118  N  N   . LEU A 1 17  ? 9.6418157   23.0245628  4.1080049   1 46.02  ? 22  LEU A N   1 
ATOM   119  C  CA  . LEU A 1 17  ? 10.6627108  22.2132875  4.7646629   1 49.81  ? 22  LEU A CA  1 
ATOM   120  C  C   . LEU A 1 17  ? 10.2749476  21.8997448  6.2046392   1 48.19  ? 22  LEU A C   1 
ATOM   121  O  O   . LEU A 1 17  ? 10.3875597  20.7532340  6.6535228   1 44.69  ? 22  LEU A O   1 
ATOM   122  C  CB  . LEU A 1 17  ? 12.0043938  22.9384909  4.7213528   1 45.05  ? 22  LEU A CB  1 
ATOM   123  C  CG  . LEU A 1 17  ? 13.0584753  22.3889655  3.7699276   1 54.3   ? 22  LEU A CG  1 
ATOM   124  C  CD1 . LEU A 1 17  ? 12.4732560  22.2163954  2.3773376   1 57.24  ? 22  LEU A CD1 1 
ATOM   125  C  CD2 . LEU A 1 17  ? 14.2478514  23.3232773  3.7368797   1 56.28  ? 22  LEU A CD2 1 
ATOM   126  N  N   . GLY A 1 18  ? 9.8329483   22.9137222  6.9531441   1 46.85  ? 23  GLY A N   1 
ATOM   127  C  CA  . GLY A 1 18  ? 9.3977676   22.6713851  8.3166526   1 47.16  ? 23  GLY A CA  1 
ATOM   128  C  C   . GLY A 1 18  ? 8.2687364   21.6647383  8.3814513   1 47.61  ? 23  GLY A C   1 
ATOM   129  O  O   . GLY A 1 18  ? 8.2514180   20.7932025  9.2521829   1 49.16  ? 23  GLY A O   1 
ATOM   130  N  N   . LYS A 1 19  ? 7.3152622   21.7610372  7.4490392   1 47.2   ? 24  LYS A N   1 
ATOM   131  C  CA  . LYS A 1 19  ? 6.2280970   20.7915641  7.4071497   1 48.23  ? 24  LYS A CA  1 
ATOM   132  C  C   . LYS A 1 19  ? 6.7680532   19.3809730  7.2037238   1 52.13  ? 24  LYS A C   1 
ATOM   133  O  O   . LYS A 1 19  ? 6.3320815   18.4396508  7.8754873   1 52.31  ? 24  LYS A O   1 
ATOM   134  C  CB  . LYS A 1 19  ? 5.2356916   21.1614928  6.3031623   1 54     ? 24  LYS A CB  1 
ATOM   135  C  CG  . LYS A 1 19  ? 4.1493219   20.1226118  6.0347074   1 52.79  ? 24  LYS A CG  1 
ATOM   136  C  CD  . LYS A 1 19  ? 3.1731268   20.6151535  4.9767666   1 58.14  ? 24  LYS A CD  1 
ATOM   137  C  CE  . LYS A 1 19  ? 3.0069614   19.5837756  3.8727749   1 68.21  ? 24  LYS A CE  1 
ATOM   138  N  NZ  . LYS A 1 19  ? 4.2558251   19.4736924  3.0541333   1 75.32  ? 24  LYS A NZ  1 
ATOM   139  N  N   . ASN A 1 20  ? 7.7405453   19.2155108  6.3011722   1 55.65  ? 25  ASN A N   1 
ATOM   140  C  CA  . ASN A 1 20  ? 8.2876752   17.8823748  6.0619938   1 53.91  ? 25  ASN A CA  1 
ATOM   141  C  C   . ASN A 1 20  ? 9.1150641   17.4049003  7.2488635   1 53.53  ? 25  ASN A C   1 
ATOM   142  O  O   . ASN A 1 20  ? 9.1465300   16.2068086  7.5515666   1 57.55  ? 25  ASN A O   1 
ATOM   143  C  CB  . ASN A 1 20  ? 9.1256521   17.8760754  4.7817625   1 52.49  ? 25  ASN A CB  1 
ATOM   144  C  CG  . ASN A 1 20  ? 8.2699272   17.8819464  3.5307192   1 63.89  ? 25  ASN A CG  1 
ATOM   145  O  OD1 . ASN A 1 20  ? 7.0446092   17.7256515  3.5999195   1 69.74  ? 25  ASN A OD1 1 
ATOM   146  N  ND2 . ASN A 1 20  ? 8.9034743   18.0652110  2.3811131   1 63.92  ? 25  ASN A ND2 1 
ATOM   147  N  N   . PHE A 1 21  ? 9.8043427   18.3205248  7.9248567   1 52.61  ? 26  PHE A N   1 
ATOM   148  C  CA  . PHE A 1 21  ? 10.5140368  17.9497012  9.1448248   1 50.78  ? 26  PHE A CA  1 
ATOM   149  C  C   . PHE A 1 21  ? 9.5331083   17.6012821  10.2533686  1 49.32  ? 26  PHE A C   1 
ATOM   150  O  O   . PHE A 1 21  ? 9.6790030   16.5800746  10.9323377  1 52.3   ? 26  PHE A O   1 
ATOM   151  C  CB  . PHE A 1 21  ? 11.4222531  19.0910336  9.6049124   1 52.64  ? 26  PHE A CB  1 
ATOM   152  C  CG  . PHE A 1 21  ? 12.6939877  19.2417882  8.8126825   1 46.87  ? 26  PHE A CG  1 
ATOM   153  C  CD1 . PHE A 1 21  ? 13.4298345  18.1420281  8.4147729   1 50.01  ? 26  PHE A CD1 1 
ATOM   154  C  CD2 . PHE A 1 21  ? 13.1645567  20.5064081  8.4940757   1 49.09  ? 26  PHE A CD2 1 
ATOM   155  C  CE1 . PHE A 1 21  ? 14.6019984  18.3032503  7.6944395   1 46.82  ? 26  PHE A CE1 1 
ATOM   156  C  CE2 . PHE A 1 21  ? 14.3329022  20.6719913  7.7823679   1 46.3   ? 26  PHE A CE2 1 
ATOM   157  C  CZ  . PHE A 1 21  ? 15.0519298  19.5713350  7.3814076   1 44.96  ? 26  PHE A CZ  1 
ATOM   158  N  N   . LYS A 1 22  ? 8.5177679   18.4450548  10.4399496  1 56.09  ? 27  LYS A N   1 
ATOM   159  C  CA  . LYS A 1 22  ? 7.6091078   18.3125205  11.5724308  1 56.78  ? 27  LYS A CA  1 
ATOM   160  C  C   . LYS A 1 22  ? 7.0284036   16.9075337  11.6649218  1 58.13  ? 27  LYS A C   1 
ATOM   161  O  O   . LYS A 1 22  ? 7.0308318   16.2911595  12.7369880  1 61.58  ? 27  LYS A O   1 
ATOM   162  C  CB  . LYS A 1 22  ? 6.4917880   19.3512519  11.4553124  1 55.7   ? 27  LYS A CB  1 
ATOM   163  C  CG  . LYS A 1 22  ? 5.4944480   19.3258862  12.5905790  1 56.48  ? 27  LYS A CG  1 
ATOM   164  C  CD  . LYS A 1 22  ? 6.1442511   19.7437675  13.8861103  1 58.27  ? 27  LYS A CD  1 
ATOM   165  C  CE  . LYS A 1 22  ? 5.6916201   18.8599441  15.0183185  1 57.16  ? 27  LYS A CE  1 
ATOM   166  N  NZ  . LYS A 1 22  ? 6.6119240   17.7045897  15.1853247  1 62.95  ? 27  LYS A NZ  1 
ATOM   167  N  N   . ASN A 1 23  ? 6.5066505   16.3877756  10.5508521  1 56.8   ? 28  ASN A N   1 
ATOM   168  C  CA  . ASN A 1 23  ? 5.8753651   15.0736277  10.5451147  1 59.66  ? 28  ASN A CA  1 
ATOM   169  C  C   . ASN A 1 23  ? 6.8396420   13.9612201  10.1348445  1 64.03  ? 28  ASN A C   1 
ATOM   170  O  O   . ASN A 1 23  ? 6.4200050   12.9660409  9.5287041   1 69.51  ? 28  ASN A O   1 
ATOM   171  C  CB  . ASN A 1 23  ? 4.6110245   15.0806004  9.6702694   1 61.57  ? 28  ASN A CB  1 
ATOM   172  C  CG  . ASN A 1 23  ? 4.8635874   15.5193285  8.2351421   1 59.48  ? 28  ASN A CG  1 
ATOM   173  O  OD1 . ASN A 1 23  ? 5.7916607   15.0454787  7.5854719   1 62.3   ? 28  ASN A OD1 1 
ATOM   174  N  ND2 . ASN A 1 23  ? 4.0134352   16.4190590  7.7259749   1 50.7   ? 28  ASN A ND2 1 
ATOM   175  N  N   . GLN A 1 24  ? 8.1059925   14.1071894  10.5550804  1 61.23  ? 29  GLN A N   1 
ATOM   176  C  CA  . GLN A 1 24  ? 9.1496836   13.0862848  10.2658664  1 56.95  ? 29  GLN A CA  1 
ATOM   177  C  C   . GLN A 1 24  ? 10.0306677  12.8902021  11.5053117  1 55.72  ? 29  GLN A C   1 
ATOM   178  O  O   . GLN A 1 24  ? 10.9827837  12.0936889  11.4187217  1 63.32  ? 29  GLN A O   1 
ATOM   179  C  CB  . GLN A 1 24  ? 10.0165970  13.5406261  9.0936432   1 54.7   ? 29  GLN A CB  1 
ATOM   180  C  CG  . GLN A 1 24  ? 9.9527582   12.6206968  7.8860876   1 56.61  ? 29  GLN A CG  1 
ATOM   181  C  CD  . GLN A 1 24  ? 11.0147333  12.9768941  6.8764980   1 63.63  ? 29  GLN A CD  1 
ATOM   182  O  OE1 . GLN A 1 24  ? 10.8363937  13.8640184  6.0450592   1 64.77  ? 29  GLN A OE1 1 
ATOM   183  N  NE2 . GLN A 1 24  ? 12.1423353  12.2892770  6.9521187   1 63.36  ? 29  GLN A NE2 1 
ATOM   184  N  N   . GLY A 1 25  ? 9.7462081   13.6030179  12.6026487  1 54.83  ? 30  GLY A N   1 
ATOM   185  C  CA  . GLY A 1 25  ? 10.5005552  13.4807909  13.8305436  1 59.34  ? 30  GLY A CA  1 
ATOM   186  C  C   . GLY A 1 25  ? 11.8010909  14.2588208  13.8740106  1 56.8   ? 30  GLY A C   1 
ATOM   187  O  O   . GLY A 1 25  ? 12.4602429  14.2726909  14.9223242  1 61.5   ? 30  GLY A O   1 
ATOM   188  N  N   . ILE A 1 26  ? 12.1870618  14.9084268  12.7785401  1 55.9   ? 31  ILE A N   1 
ATOM   189  C  CA  . ILE A 1 26  ? 13.4713438  15.5971758  12.6811819  1 53.02  ? 31  ILE A CA  1 
ATOM   190  C  C   . ILE A 1 26  ? 13.3976705  16.8985310  13.4757294  1 50.09  ? 31  ILE A C   1 
ATOM   191  O  O   . ILE A 1 26  ? 12.7603660  17.8630889  13.0498043  1 47.48  ? 31  ILE A O   1 
ATOM   192  C  CB  . ILE A 1 26  ? 13.8450290  15.8556216  11.2183114  1 51.71  ? 31  ILE A CB  1 
ATOM   193  C  CG1 . ILE A 1 26  ? 13.6216627  14.5765178  10.4018244  1 51.26  ? 31  ILE A CG1 1 
ATOM   194  C  CG2 . ILE A 1 26  ? 15.2701757  16.3641032  11.1112166  1 45.45  ? 31  ILE A CG2 1 
ATOM   195  C  CD1 . ILE A 1 26  ? 13.6220258  14.7767198  8.8993654   1 51.86  ? 31  ILE A CD1 1 
ATOM   196  N  N   . ASP A 1 27  ? 14.0544800  16.9284313  14.6322259  1 48.87  ? 32  ASP A N   1 
ATOM   197  C  CA  . ASP A 1 27  ? 14.0125920  18.0834887  15.5219977  1 47.6   ? 32  ASP A CA  1 
ATOM   198  C  C   . ASP A 1 27  ? 15.1541729  19.0233303  15.1496578  1 53.27  ? 32  ASP A C   1 
ATOM   199  O  O   . ASP A 1 27  ? 16.3203899  18.7330419  15.4335758  1 55.6   ? 32  ASP A O   1 
ATOM   200  C  CB  . ASP A 1 27  ? 14.1161696  17.6260818  16.9737417  1 51.25  ? 32  ASP A CB  1 
ATOM   201  C  CG  . ASP A 1 27  ? 14.0524944  18.7737406  17.9549934  1 54.52  ? 32  ASP A CG  1 
ATOM   202  O  OD1 . ASP A 1 27  ? 13.5105739  19.8469568  17.5986690  1 56.79  ? 32  ASP A OD1 1 
ATOM   203  O  OD2 . ASP A 1 27  ? 14.5368436  18.5973101  19.0933221  1 53.52  ? 32  ASP A OD2 1 
ATOM   204  N  N   . VAL A 1 28  ? 14.8313641  20.1502122  14.5181789  1 46.3   ? 33  VAL A N   1 
ATOM   205  C  CA  . VAL A 1 28  ? 15.8703030  21.0594920  14.0506992  1 46.35  ? 33  VAL A CA  1 
ATOM   206  C  C   . VAL A 1 28  ? 15.6354927  22.4533361  14.6070478  1 46.43  ? 33  VAL A C   1 
ATOM   207  O  O   . VAL A 1 28  ? 14.5070409  22.8398864  14.9257976  1 48.06  ? 33  VAL A O   1 
ATOM   208  C  CB  . VAL A 1 28  ? 15.9477706  21.1114046  12.5121967  1 50.93  ? 33  VAL A CB  1 
ATOM   209  C  CG1 . VAL A 1 28  ? 15.9738353  19.7027972  11.9316547  1 49.51  ? 33  VAL A CG1 1 
ATOM   210  C  CG2 . VAL A 1 28  ? 14.7931214  21.9029814  11.9595520  1 51.14  ? 33  VAL A CG2 1 
ATOM   211  N  N   . ASN A 1 29  ? 16.7302874  23.2138011  14.7141630  1 48.35  ? 34  ASN A N   1 
ATOM   212  C  CA  . ASN A 1 29  ? 16.7077174  24.5892949  15.1901044  1 46.97  ? 34  ASN A CA  1 
ATOM   213  C  C   . ASN A 1 29  ? 16.7227452  25.5159291  13.9916260  1 46.1   ? 34  ASN A C   1 
ATOM   214  O  O   . ASN A 1 29  ? 17.7463778  25.5986534  13.3006449  1 43.64  ? 34  ASN A O   1 
ATOM   215  C  CB  . ASN A 1 29  ? 17.9073053  24.8788330  16.0962134  1 43.2   ? 34  ASN A CB  1 
ATOM   216  C  CG  . ASN A 1 29  ? 18.0035291  26.3564755  16.4926394  1 48.73  ? 34  ASN A CG  1 
ATOM   217  O  OD1 . ASN A 1 29  ? 17.0925425  27.1487849  16.2327489  1 55.17  ? 34  ASN A OD1 1 
ATOM   218  N  ND2 . ASN A 1 29  ? 19.1115057  26.7269697  17.1208735  1 49.09  ? 34  ASN A ND2 1 
ATOM   219  N  N   . PRO A 1 30  ? 15.6493481  26.2460238  13.7184237  1 47.51  ? 35  PRO A N   1 
ATOM   220  C  CA  . PRO A 1 30  ? 15.6289553  27.0714961  12.5053282  1 46.97  ? 35  PRO A CA  1 
ATOM   221  C  C   . PRO A 1 30  ? 16.6875681  28.1628676  12.4970625  1 48.22  ? 35  PRO A C   1 
ATOM   222  O  O   . PRO A 1 30  ? 17.1617227  28.5464047  11.4200301  1 46.37  ? 35  PRO A O   1 
ATOM   223  C  CB  . PRO A 1 30  ? 14.2119665  27.6568948  12.5093293  1 48.68  ? 35  PRO A CB  1 
ATOM   224  C  CG  . PRO A 1 30  ? 13.4339813  26.8110567  13.4583662  1 52.3   ? 35  PRO A CG  1 
ATOM   225  C  CD  . PRO A 1 30  ? 14.4046262  26.3613230  14.4894246  1 47.79  ? 35  PRO A CD  1 
ATOM   226  N  N   . GLU A 1 31  ? 17.0846351  28.6700690  13.6633791  1 44.59  ? 36  GLU A N   1 
ATOM   227  C  CA  . GLU A 1 31  ? 18.0541633  29.7588684  13.6890888  1 46.24  ? 36  GLU A CA  1 
ATOM   228  C  C   . GLU A 1 31  ? 19.4472929  29.2649629  13.3393628  1 46.07  ? 36  GLU A C   1 
ATOM   229  O  O   . GLU A 1 31  ? 20.1661209  29.9136223  12.5728060  1 50.05  ? 36  GLU A O   1 
ATOM   230  C  CB  . GLU A 1 31  ? 18.0653270  30.4187932  15.0546318  1 52.4   ? 36  GLU A CB  1 
ATOM   231  C  CG  . GLU A 1 31  ? 16.6989475  30.7031552  15.5898462  1 67.13  ? 36  GLU A CG  1 
ATOM   232  C  CD  . GLU A 1 31  ? 16.7438404  31.1515889  17.0229899  1 84.38  ? 36  GLU A CD  1 
ATOM   233  O  OE1 . GLU A 1 31  ? 16.4864163  30.3087492  17.9185367  1 78.76  ? 36  GLU A OE1 1 
ATOM   234  O  OE2 . GLU A 1 31  ? 17.0836035  32.3361126  17.2471633  1 80.85  ? 36  GLU A OE2 1 
ATOM   235  N  N   . ALA A 1 32  ? 19.8419040  28.1090997  13.8765363  1 44.52  ? 37  ALA A N   1 
ATOM   236  C  CA  . ALA A 1 32  ? 21.1311634  27.5433173  13.5030255  1 39.02  ? 37  ALA A CA  1 
ATOM   237  C  C   . ALA A 1 32  ? 21.1405071  27.1188836  12.0421077  1 39.38  ? 37  ALA A C   1 
ATOM   238  O  O   . ALA A 1 32  ? 22.1947959  27.1451315  11.3960333  1 42.09  ? 37  ALA A O   1 
ATOM   239  C  CB  . ALA A 1 32  ? 21.4753883  26.3671661  14.4160642  1 34.63  ? 37  ALA A CB  1 
ATOM   240  N  N   . MET A 1 33  ? 19.9811523  26.7438522  11.4975318  1 41.37  ? 38  MET A N   1 
ATOM   241  C  CA  . MET A 1 33  ? 19.9233404  26.4165125  10.0790631  1 39.4   ? 38  MET A CA  1 
ATOM   242  C  C   . MET A 1 33  ? 20.0948013  27.6630315  9.2251735   1 38.75  ? 38  MET A C   1 
ATOM   243  O  O   . MET A 1 33  ? 20.8189172  27.6392122  8.2254592   1 41.08  ? 38  MET A O   1 
ATOM   244  C  CB  . MET A 1 33  ? 18.6092883  25.7171537  9.7510155   1 40.02  ? 38  MET A CB  1 
ATOM   245  C  CG  . MET A 1 33  ? 18.5729814  25.1677570  8.3428070   1 44.33  ? 38  MET A CG  1 
ATOM   246  S  SD  . MET A 1 33  ? 17.1324019  24.1716375  8.0111706   1 61.94  ? 38  MET A SD  1 
ATOM   247  C  CE  . MET A 1 33  ? 17.4484785  22.7693646  9.0868212   1 56.34  ? 38  MET A CE  1 
ATOM   248  N  N   . ALA A 1 34  ? 19.4252135  28.7553992  9.5933160   1 38.94  ? 39  ALA A N   1 
ATOM   249  C  CA  . ALA A 1 34  ? 19.6001651  29.9930528  8.8509532   1 40.4   ? 39  ALA A CA  1 
ATOM   250  C  C   . ALA A 1 34  ? 21.0525088  30.4398710  8.8781973   1 40.8   ? 39  ALA A C   1 
ATOM   251  O  O   . ALA A 1 34  ? 21.5651429  30.9553785  7.8813220   1 46.74  ? 39  ALA A O   1 
ATOM   252  C  CB  . ALA A 1 34  ? 18.6772402  31.0784455  9.4063378   1 39.54  ? 39  ALA A CB  1 
ATOM   253  N  N   . LYS A 1 35  ? 21.7410811  30.2488973  9.9978862   1 37.34  ? 40  LYS A N   1 
ATOM   254  C  CA  . LYS A 1 35  ? 23.1361018  30.6738504  10.0397928  1 40.82  ? 40  LYS A CA  1 
ATOM   255  C  C   . LYS A 1 35  ? 23.9902487  29.8925765  9.0449195   1 41     ? 40  LYS A C   1 
ATOM   256  O  O   . LYS A 1 35  ? 24.8244750  30.4737198  8.3480465   1 45.58  ? 40  LYS A O   1 
ATOM   257  C  CB  . LYS A 1 35  ? 23.6876839  30.5380131  11.4530796  1 40.01  ? 40  LYS A CB  1 
ATOM   258  C  CG  . LYS A 1 35  ? 25.2004122  30.5263585  11.5197369  1 48.38  ? 40  LYS A CG  1 
ATOM   259  C  CD  . LYS A 1 35  ? 25.8148570  31.9150678  11.3312323  1 60.07  ? 40  LYS A CD  1 
ATOM   260  C  CE  . LYS A 1 35  ? 27.3461445  31.8605055  11.4737084  1 52     ? 40  LYS A CE  1 
ATOM   261  N  NZ  . LYS A 1 35  ? 28.0273780  32.8990682  10.6399203  1 52.35  ? 40  LYS A NZ  1 
ATOM   262  N  N   . GLY A 1 36  ? 23.7921325  28.5789924  8.9519465   1 39.27  ? 41  GLY A N   1 
ATOM   263  C  CA  . GLY A 1 36  ? 24.6153098  27.7851268  8.0594026   1 40.68  ? 41  GLY A CA  1 
ATOM   264  C  C   . GLY A 1 36  ? 24.2865068  28.0009190  6.6006664   1 37.72  ? 41  GLY A C   1 
ATOM   265  O  O   . GLY A 1 36  ? 25.1735120  27.9483237  5.7488204   1 40.75  ? 41  GLY A O   1 
ATOM   266  N  N   . MET A 1 37  ? 23.0151082  28.2443952  6.2931590   1 38.99  ? 42  MET A N   1 
ATOM   267  C  CA  . MET A 1 37  ? 22.6402261  28.5935324  4.9332602   1 41.96  ? 42  MET A CA  1 
ATOM   268  C  C   . MET A 1 37  ? 23.2578298  29.9249051  4.5465220   1 44.52  ? 42  MET A C   1 
ATOM   269  O  O   . MET A 1 37  ? 23.7849203  30.0831595  3.4391828   1 46.16  ? 42  MET A O   1 
ATOM   270  C  CB  . MET A 1 37  ? 21.1158549  28.6182571  4.8263212   1 42.38  ? 42  MET A CB  1 
ATOM   271  C  CG  . MET A 1 37  ? 20.5182994  29.4750192  3.7094192   1 50.35  ? 42  MET A CG  1 
ATOM   272  S  SD  . MET A 1 37  ? 18.7414031  29.1904157  3.4748082   1 57.72  ? 42  MET A SD  1 
ATOM   273  C  CE  . MET A 1 37  ? 18.6811775  27.4140203  3.4744463   1 49.42  ? 42  MET A CE  1 
ATOM   274  N  N   . GLN A 1 38  ? 23.2596467  30.8749793  5.4781238   1 41.59  ? 43  GLN A N   1 
ATOM   275  C  CA  . GLN A 1 38  ? 23.8372002  32.1852477  5.2062881   1 45.9   ? 43  GLN A CA  1 
ATOM   276  C  C   . GLN A 1 38  ? 25.3460223  32.0971714  5.0035583   1 43.54  ? 43  GLN A C   1 
ATOM   277  O  O   . GLN A 1 38  ? 25.8965831  32.7216323  4.0877983   1 39.05  ? 43  GLN A O   1 
ATOM   278  C  CB  . GLN A 1 38  ? 23.4970089  33.1395117  6.3449255   1 44.54  ? 43  GLN A CB  1 
ATOM   279  C  CG  . GLN A 1 38  ? 23.8459029  34.5643470  6.0757877   1 56.19  ? 43  GLN A CG  1 
ATOM   280  C  CD  . GLN A 1 38  ? 23.3956692  35.4786666  7.1933271   1 72.91  ? 43  GLN A CD  1 
ATOM   281  O  OE1 . GLN A 1 38  ? 22.3487163  35.2588019  7.8014186   1 87.4   ? 43  GLN A OE1 1 
ATOM   282  N  NE2 . GLN A 1 38  ? 24.1840253  36.5157774  7.4696421   1 80.58  ? 43  GLN A NE2 1 
ATOM   283  N  N   . ASP A 1 39  ? 26.0236096  31.3061962  5.8339538   1 39.44  ? 44  ASP A N   1 
ATOM   284  C  CA  . ASP A 1 39  ? 27.4564020  31.1202435  5.6595731   1 39.99  ? 44  ASP A CA  1 
ATOM   285  C  C   . ASP A 1 39  ? 27.7650764  30.4968374  4.3100287   1 40.96  ? 44  ASP A C   1 
ATOM   286  O  O   . ASP A 1 39  ? 28.7347047  30.8808693  3.6496300   1 45.35  ? 44  ASP A O   1 
ATOM   287  C  CB  . ASP A 1 39  ? 28.0129554  30.2545807  6.7832288   1 42.84  ? 44  ASP A CB  1 
ATOM   288  C  CG  . ASP A 1 39  ? 28.1456396  31.0126299  8.0868738   1 47.47  ? 44  ASP A CG  1 
ATOM   289  O  OD1 . ASP A 1 39  ? 28.0158750  32.2542478  8.0560159   1 49.55  ? 44  ASP A OD1 1 
ATOM   290  O  OD2 . ASP A 1 39  ? 28.3815464  30.3664281  9.1375599   1 42.35  ? 44  ASP A OD2 1 
ATOM   291  N  N   . ALA A 1 40  ? 26.9505786  29.5346413  3.8801579   1 37.83  ? 45  ALA A N   1 
ATOM   292  C  CA  . ALA A 1 40  ? 27.1843962  28.9190857  2.5820802   1 40.34  ? 45  ALA A CA  1 
ATOM   293  C  C   . ALA A 1 40  ? 26.9756402  29.9194679  1.4605698   1 40.95  ? 45  ALA A C   1 
ATOM   294  O  O   . ALA A 1 40  ? 27.7509356  29.9544904  0.4980484   1 44.46  ? 45  ALA A O   1 
ATOM   295  C  CB  . ALA A 1 40  ? 26.2734825  27.7098133  2.3951296   1 38.96  ? 45  ALA A CB  1 
ATOM   296  N  N   . MET A 1 41  ? 25.9436274  30.7485671  1.5699775   1 38.04  ? 46  MET A N   1 
ATOM   297  C  CA  . MET A 1 41  ? 25.6247531  31.6461815  0.4711551   1 42.92  ? 46  MET A CA  1 
ATOM   298  C  C   . MET A 1 41  ? 26.6209109  32.7948228  0.3842602   1 45.01  ? 46  MET A C   1 
ATOM   299  O  O   . MET A 1 41  ? 26.9632486  33.2488589  -0.7128019  1 38.49  ? 46  MET A O   1 
ATOM   300  C  CB  . MET A 1 41  ? 24.2051403  32.1479013  0.6489289   1 37.39  ? 46  MET A CB  1 
ATOM   301  C  CG  . MET A 1 41  ? 23.2015776  31.0612700  0.4083473   1 43.89  ? 46  MET A CG  1 
ATOM   302  S  SD  . MET A 1 41  ? 21.5741518  31.7877017  0.4382517   1 60.22  ? 46  MET A SD  1 
ATOM   303  C  CE  . MET A 1 41  ? 20.8267346  30.8550284  -0.8873901  1 57.49  ? 46  MET A CE  1 
ATOM   304  N  N   . SER A 1 42  ? 27.1067054  33.2629601  1.5275236   1 45.25  ? 47  SER A N   1 
ATOM   305  C  CA  . SER A 1 42  ? 28.0481883  34.3714860  1.5725810   1 37.67  ? 47  SER A CA  1 
ATOM   306  C  C   . SER A 1 42  ? 29.4715256  33.9680388  1.2090422   1 44.72  ? 47  SER A C   1 
ATOM   307  O  O   . SER A 1 42  ? 30.3076702  34.8501769  0.9838657   1 43.15  ? 47  SER A O   1 
ATOM   308  C  CB  . SER A 1 42  ? 28.0500623  35.0025223  2.9683259   1 37.43  ? 47  SER A CB  1 
ATOM   309  O  OG  . SER A 1 42  ? 28.9619549  34.3319279  3.8292910   1 47.25  ? 47  SER A OG  1 
ATOM   310  N  N   . GLY A 1 43  ? 29.7709168  32.6735116  1.1407115   1 41.06  ? 48  GLY A N   1 
ATOM   311  C  CA  . GLY A 1 43  ? 31.1379236  32.2350355  0.9364267   1 41.48  ? 48  GLY A CA  1 
ATOM   312  C  C   . GLY A 1 43  ? 32.0172938  32.3025722  2.1673157   1 41.92  ? 48  GLY A C   1 
ATOM   313  O  O   . GLY A 1 43  ? 33.2388112  32.1470110  2.0500598   1 43.41  ? 48  GLY A O   1 
ATOM   314  N  N   . ALA A 1 44  ? 31.4393417  32.5309503  3.3434835   1 44.42  ? 49  ALA A N   1 
ATOM   315  C  CA  . ALA A 1 44  ? 32.2221955  32.6123850  4.5645016   1 42.5   ? 49  ALA A CA  1 
ATOM   316  C  C   . ALA A 1 44  ? 32.7592853  31.2370904  4.9473649   1 45.95  ? 49  ALA A C   1 
ATOM   317  O  O   . ALA A 1 44  ? 32.3534039  30.2012093  4.4140333   1 39.57  ? 49  ALA A O   1 
ATOM   318  C  CB  . ALA A 1 44  ? 31.3806203  33.1773378  5.7053788   1 45.39  ? 49  ALA A CB  1 
ATOM   319  N  N   . GLN A 1 45  ? 33.6886009  31.2361375  5.8925239   1 47.31  ? 50  GLN A N   1 
ATOM   320  C  CA  . GLN A 1 45  ? 34.1841040  29.9793507  6.4242913   1 44.36  ? 50  GLN A CA  1 
ATOM   321  C  C   . GLN A 1 45  ? 33.1128227  29.3465976  7.3038644   1 46.64  ? 50  GLN A C   1 
ATOM   322  O  O   . GLN A 1 45  ? 32.6864701  29.9365799  8.3024120   1 43.21  ? 50  GLN A O   1 
ATOM   323  C  CB  . GLN A 1 45  ? 35.4613151  30.2151161  7.2106291   1 49.87  ? 50  GLN A CB  1 
ATOM   324  C  CG  . GLN A 1 45  ? 36.1339769  28.9486147  7.6801196   1 62.86  ? 50  GLN A CG  1 
ATOM   325  C  CD  . GLN A 1 45  ? 37.6320082  29.0556959  7.6067384   1 70.35  ? 50  GLN A CD  1 
ATOM   326  O  OE1 . GLN A 1 45  ? 38.3224174  29.0091389  8.6273292   1 75.88  ? 50  GLN A OE1 1 
ATOM   327  N  NE2 . GLN A 1 45  ? 38.1508770  29.2007957  6.3915782   1 67.39  ? 50  GLN A NE2 1 
ATOM   328  N  N   . LEU A 1 46  ? 32.6608438  28.1561826  6.9235535   1 45.79  ? 51  LEU A N   1 
ATOM   329  C  CA  . LEU A 1 46  ? 31.6391113  27.4670019  7.6973115   1 41.61  ? 51  LEU A CA  1 
ATOM   330  C  C   . LEU A 1 46  ? 32.1594599  27.1300520  9.0894739   1 42.17  ? 51  LEU A C   1 
ATOM   331  O  O   . LEU A 1 46  ? 33.3518646  26.8896747  9.2881036   1 43.29  ? 51  LEU A O   1 
ATOM   332  C  CB  . LEU A 1 46  ? 31.2089745  26.1974481  6.9752902   1 39.23  ? 51  LEU A CB  1 
ATOM   333  C  CG  . LEU A 1 46  ? 30.8868896  26.4373441  5.5045591   1 40.53  ? 51  LEU A CG  1 
ATOM   334  C  CD1 . LEU A 1 46  ? 30.6753896  25.1098326  4.8001117   1 33.03  ? 51  LEU A CD1 1 
ATOM   335  C  CD2 . LEU A 1 46  ? 29.6584931  27.3223467  5.4002256   1 41.88  ? 51  LEU A CD2 1 
ATOM   336  N  N   . ALA A 1 47  ? 31.2460042  27.1019877  10.0642970  1 39.15  ? 52  ALA A N   1 
ATOM   337  C  CA  . ALA A 1 47  ? 31.6437427  26.8346212  11.4416638  1 40.93  ? 52  ALA A CA  1 
ATOM   338  C  C   . ALA A 1 47  ? 32.0922736  25.3910923  11.6716598  1 43.56  ? 52  ALA A C   1 
ATOM   339  O  O   . ALA A 1 47  ? 32.7598992  25.1261294  12.6738717  1 49.35  ? 52  ALA A O   1 
ATOM   340  C  CB  . ALA A 1 47  ? 30.5026877  27.1862085  12.3941452  1 38.66  ? 52  ALA A CB  1 
ATOM   341  N  N   . LEU A 1 48  ? 31.7497819  24.4534184  10.7881824  1 36.47  ? 53  LEU A N   1 
ATOM   342  C  CA  . LEU A 1 48  ? 32.2370117  23.0832061  10.8855546  1 41.81  ? 53  LEU A CA  1 
ATOM   343  C  C   . LEU A 1 48  ? 33.1148504  22.7541215  9.6862296   1 49.37  ? 53  LEU A C   1 
ATOM   344  O  O   . LEU A 1 48  ? 32.9467946  23.3175415  8.5991508   1 52.64  ? 53  LEU A O   1 
ATOM   345  C  CB  . LEU A 1 48  ? 31.0948732  22.0693690  10.9454039  1 46.18  ? 53  LEU A CB  1 
ATOM   346  C  CG  . LEU A 1 48  ? 29.9343127  22.4157489  11.8617407  1 44.63  ? 53  LEU A CG  1 
ATOM   347  C  CD1 . LEU A 1 48  ? 28.7533614  21.5295605  11.5152584  1 39.3   ? 53  LEU A CD1 1 
ATOM   348  C  CD2 . LEU A 1 48  ? 30.3483835  22.2563147  13.3114118  1 42.48  ? 53  LEU A CD2 1 
ATOM   349  N  N   . THR A 1 49  ? 34.0461964  21.8244282  9.8857037   1 47.89  ? 54  THR A N   1 
ATOM   350  C  CA  . THR A 1 49  ? 34.8902446  21.3708544  8.7886169   1 49.31  ? 54  THR A CA  1 
ATOM   351  C  C   . THR A 1 49  ? 34.0788154  20.5450666  7.7956401   1 51.7   ? 54  THR A C   1 
ATOM   352  O  O   . THR A 1 49  ? 33.0597937  19.9451208  8.1440620   1 51.63  ? 54  THR A O   1 
ATOM   353  C  CB  . THR A 1 49  ? 36.0549252  20.5346488  9.3144728   1 50.55  ? 54  THR A CB  1 
ATOM   354  O  OG1 . THR A 1 49  ? 35.5882014  19.2153872  9.6158026   1 51.05  ? 54  THR A OG1 1 
ATOM   355  C  CG2 . THR A 1 49  ? 36.6425197  21.1610846  10.5744080  1 45.16  ? 54  THR A CG2 1 
ATOM   356  N  N   . GLU A 1 50  ? 34.5392151  20.5108185  6.5529896   1 55     ? 55  GLU A N   1 
ATOM   357  C  CA  . GLU A 1 50  ? 33.8525697  19.6904902  5.5283236   1 53.77  ? 55  GLU A CA  1 
ATOM   358  C  C   . GLU A 1 50  ? 33.6220899  18.3006302  6.1078866   1 50.04  ? 55  GLU A C   1 
ATOM   359  O  O   . GLU A 1 50  ? 32.5540682  17.7225238  5.8694149   1 50.51  ? 55  GLU A O   1 
ATOM   360  C  CB  . GLU A 1 50  ? 34.7345706  19.5988911  4.2877519   1 57.55  ? 55  GLU A CB  1 
ATOM   361  C  CG  . GLU A 1 50  ? 34.2345721  18.6343362  3.2312803   1 69.05  ? 55  GLU A CG  1 
ATOM   362  C  CD  . GLU A 1 50  ? 35.1035131  18.6066015  1.9862592   1 83.95  ? 55  GLU A CD  1 
ATOM   363  O  OE1 . GLU A 1 50  ? 36.3325426  18.7628655  2.1250787   1 87.09  ? 55  GLU A OE1 1 
ATOM   364  O  OE2 . GLU A 1 50  ? 34.5497445  18.4389829  0.8810093   1 85.9   ? 55  GLU A OE2 1 
ATOM   365  N  N   . GLN A 1 51  ? 34.5901381  17.8138694  6.8710881   1 46.92  ? 56  GLN A N   1 
ATOM   366  C  CA  . GLN A 1 51  ? 34.4917612  16.4569972  7.3862567   1 49.24  ? 56  GLN A CA  1 
ATOM   367  C  C   . GLN A 1 51  ? 33.4777957  16.3641662  8.5225359   1 52.54  ? 56  GLN A C   1 
ATOM   368  O  O   . GLN A 1 51  ? 32.6414301  15.4569681  8.5369972   1 53.53  ? 56  GLN A O   1 
ATOM   369  C  CB  . GLN A 1 51  ? 35.8689772  15.9777645  7.8368465   1 56.09  ? 56  GLN A CB  1 
ATOM   370  C  CG  . GLN A 1 51  ? 35.8730104  14.5609270  8.3639037   1 57.01  ? 56  GLN A CG  1 
ATOM   371  C  CD  . GLN A 1 51  ? 35.5200546  13.5483089  7.2897018   1 68.13  ? 56  GLN A CD  1 
ATOM   372  O  OE1 . GLN A 1 51  ? 35.9586401  13.6678771  6.1444253   1 67.8   ? 56  GLN A OE1 1 
ATOM   373  N  NE2 . GLN A 1 51  ? 34.7278997  12.5432750  7.6532928   1 69.57  ? 56  GLN A NE2 1 
ATOM   374  N  N   . GLN A 1 52  ? 33.5304583  17.2961998  9.4790426   1 50.01  ? 57  GLN A N   1 
ATOM   375  C  CA  . GLN A 1 52  ? 32.5498734  17.3020364  10.5625920  1 48.92  ? 57  GLN A CA  1 
ATOM   376  C  C   . GLN A 1 52  ? 31.1329944  17.2385358  10.0171000  1 47.72  ? 57  GLN A C   1 
ATOM   377  O  O   . GLN A 1 52  ? 30.3069913  16.4464774  10.4801585  1 51     ? 57  GLN A O   1 
ATOM   378  C  CB  . GLN A 1 52  ? 32.7030014  18.5544003  11.4257326  1 50.64  ? 57  GLN A CB  1 
ATOM   379  C  CG  . GLN A 1 52  ? 33.9892146  18.6572925  12.1877049  1 47.33  ? 57  GLN A CG  1 
ATOM   380  C  CD  . GLN A 1 52  ? 34.0665382  19.9364382  12.9960968  1 51.58  ? 57  GLN A CD  1 
ATOM   381  O  OE1 . GLN A 1 52  ? 34.3487933  21.0040344  12.4542220  1 53.57  ? 57  GLN A OE1 1 
ATOM   382  N  NE2 . GLN A 1 52  ? 33.8132599  19.8375239  14.2966655  1 51.69  ? 57  GLN A NE2 1 
ATOM   383  N  N   . MET A 1 53  ? 30.8278386  18.0916990  9.0418894   1 48.83  ? 58  MET A N   1 
ATOM   384  C  CA  . MET A 1 53  ? 29.4866815  18.0910337  8.4777448   1 52     ? 58  MET A CA  1 
ATOM   385  C  C   . MET A 1 53  ? 29.1769759  16.7592978  7.8249386   1 49.34  ? 58  MET A C   1 
ATOM   386  O  O   . MET A 1 53  ? 28.0679901  16.2365164  7.9681554   1 48.84  ? 58  MET A O   1 
ATOM   387  C  CB  . MET A 1 53  ? 29.3372020  19.2178401  7.4685743   1 45.66  ? 58  MET A CB  1 
ATOM   388  C  CG  . MET A 1 53  ? 28.8752778  20.5009605  8.0833142   1 48.48  ? 58  MET A CG  1 
ATOM   389  S  SD  . MET A 1 53  ? 29.2416538  21.8621294  6.9681422   1 50.7   ? 58  MET A SD  1 
ATOM   390  C  CE  . MET A 1 53  ? 28.1038389  21.4968657  5.6374984   1 47.57  ? 58  MET A CE  1 
ATOM   391  N  N   . LYS A 1 54  ? 30.1421724  16.1971468  7.0981532   1 49.25  ? 59  LYS A N   1 
ATOM   392  C  CA  . LYS A 1 54  ? 29.9059724  14.9186229  6.4384621   1 52.33  ? 59  LYS A CA  1 
ATOM   393  C  C   . LYS A 1 54  ? 29.4872890  13.8553016  7.4457421   1 52.6   ? 59  LYS A C   1 
ATOM   394  O  O   . LYS A 1 54  ? 28.5112450  13.1282333  7.2293935   1 56.2   ? 59  LYS A O   1 
ATOM   395  C  CB  . LYS A 1 54  ? 31.1518974  14.4832702  5.6758482   1 52.98  ? 59  LYS A CB  1 
ATOM   396  C  CG  . LYS A 1 54  ? 31.0853212  14.7649726  4.1857917   1 60.79  ? 59  LYS A CG  1 
ATOM   397  C  CD  . LYS A 1 54  ? 32.2473456  14.0920264  3.4753222   1 67.88  ? 59  LYS A CD  1 
ATOM   398  C  CE  . LYS A 1 54  ? 32.6399769  14.8621569  2.2356107   1 73.04  ? 59  LYS A CE  1 
ATOM   399  N  NZ  . LYS A 1 54  ? 34.0872016  14.6825747  1.9345527   1 68.77  ? 59  LYS A NZ  1 
ATOM   400  N  N   . ASP A 1 55  ? 30.2123649  13.7531726  8.5603222   1 44.29  ? 60  ASP A N   1 
ATOM   401  C  CA  . ASP A 1 55  ? 29.8051010  12.8348532  9.6164394   1 51.34  ? 60  ASP A CA  1 
ATOM   402  C  C   . ASP A 1 55  ? 28.4202368  13.1917469  10.1299868  1 53.79  ? 60  ASP A C   1 
ATOM   403  O  O   . ASP A 1 55  ? 27.5670729  12.3161792  10.3090638  1 57.8   ? 60  ASP A O   1 
ATOM   404  C  CB  . ASP A 1 55  ? 30.8120335  12.8603480  10.7657604  1 53.74  ? 60  ASP A CB  1 
ATOM   405  C  CG  . ASP A 1 55  ? 32.1943228  12.4145702  10.3416891  1 62.39  ? 60  ASP A CG  1 
ATOM   406  O  OD1 . ASP A 1 55  ? 32.3499287  11.9790051  9.1767518   1 57.41  ? 60  ASP A OD1 1 
ATOM   407  O  OD2 . ASP A 1 55  ? 33.1253958  12.5043451  11.1754417  1 67.66  ? 60  ASP A OD2 1 
ATOM   408  N  N   . VAL A 1 56  ? 28.1832244  14.4844903  10.3698947  1 48.47  ? 61  VAL A N   1 
ATOM   409  C  CA  . VAL A 1 56  ? 26.8904568  14.9334566  10.8783562  1 45.71  ? 61  VAL A CA  1 
ATOM   410  C  C   . VAL A 1 56  ? 25.7671493  14.4298832  9.9813678   1 49.27  ? 61  VAL A C   1 
ATOM   411  O  O   . VAL A 1 56  ? 24.7938385  13.8231578  10.4468947  1 46.04  ? 61  VAL A O   1 
ATOM   412  C  CB  . VAL A 1 56  ? 26.8706081  16.4669658  10.9906484  1 49.48  ? 61  VAL A CB  1 
ATOM   413  C  CG1 . VAL A 1 56  ? 25.4708720  16.9657157  11.3245666  1 39.85  ? 61  VAL A CG1 1 
ATOM   414  C  CG2 . VAL A 1 56  ? 27.8720370  16.9288006  12.0326281  1 48.34  ? 61  VAL A CG2 1 
ATOM   415  N  N   . LEU A 1 57  ? 25.8960250  14.6638996  8.6733570   1 47.97  ? 62  LEU A N   1 
ATOM   416  C  CA  . LEU A 1 57  ? 24.8121068  14.3436744  7.7511905   1 48.38  ? 62  LEU A CA  1 
ATOM   417  C  C   . LEU A 1 57  ? 24.6821244  12.8424865  7.5179729   1 54.61  ? 62  LEU A C   1 
ATOM   418  O  O   . LEU A 1 57  ? 23.5724007  12.3468490  7.2858916   1 54.9   ? 62  LEU A O   1 
ATOM   419  C  CB  . LEU A 1 57  ? 25.0273490  15.0706169  6.4237184   1 46.27  ? 62  LEU A CB  1 
ATOM   420  C  CG  . LEU A 1 57  ? 24.9701003  16.5990828  6.5122659   1 47.85  ? 62  LEU A CG  1 
ATOM   421  C  CD1 . LEU A 1 57  ? 24.9078256  17.2591353  5.1368029   1 43.71  ? 62  LEU A CD1 1 
ATOM   422  C  CD2 . LEU A 1 57  ? 23.7914278  17.0341667  7.3666951   1 42.95  ? 62  LEU A CD2 1 
ATOM   423  N  N   . ASN A 1 58  ? 25.7947453  12.1086091  7.5570210   1 56.25  ? 63  ASN A N   1 
ATOM   424  C  CA  . ASN A 1 58  ? 25.7216864  10.6648699  7.3684169   1 57.28  ? 63  ASN A CA  1 
ATOM   425  C  C   . ASN A 1 58  ? 25.1344340  9.9799402   8.5888033   1 56.45  ? 63  ASN A C   1 
ATOM   426  O  O   . ASN A 1 58  ? 24.2660669  9.1118989   8.4577735   1 56.78  ? 63  ASN A O   1 
ATOM   427  C  CB  . ASN A 1 58  ? 27.0959743  10.0953508  7.0418550   1 55.15  ? 63  ASN A CB  1 
ATOM   428  C  CG  . ASN A 1 58  ? 27.4680264  10.3018749  5.5957014   1 68.05  ? 63  ASN A CG  1 
ATOM   429  O  OD1 . ASN A 1 58  ? 27.0956016  11.3057067  4.9854578   1 70.63  ? 63  ASN A OD1 1 
ATOM   430  N  ND2 . ASN A 1 58  ? 28.1940015  9.3463831   5.0288948   1 66.66  ? 63  ASN A ND2 1 
ATOM   431  N  N   . LYS A 1 59  ? 25.5687819  10.3591346  9.7825484   1 53.15  ? 64  LYS A N   1 
ATOM   432  C  CA  . LYS A 1 59  ? 24.8308998  9.9044898   10.9436432  1 50.39  ? 64  LYS A CA  1 
ATOM   433  C  C   . LYS A 1 59  ? 23.3583552  10.2523162  10.7881108  1 56.87  ? 64  LYS A C   1 
ATOM   434  O  O   . LYS A 1 59  ? 22.4897708  9.3932195   10.9719745  1 61.73  ? 64  LYS A O   1 
ATOM   435  C  CB  . LYS A 1 59  ? 25.4302963  10.5054490  12.2089309  1 51.63  ? 64  LYS A CB  1 
ATOM   436  C  CG  . LYS A 1 59  ? 24.4921582  10.5754085  13.3920017  1 55.25  ? 64  LYS A CG  1 
ATOM   437  C  CD  . LYS A 1 59  ? 25.2066527  10.2306890  14.6938755  1 61.77  ? 64  LYS A CD  1 
ATOM   438  C  CE  . LYS A 1 59  ? 24.3183953  10.5127223  15.8966099  1 70.94  ? 64  LYS A CE  1 
ATOM   439  N  NZ  . LYS A 1 59  ? 23.9126381  9.2786992   16.6149594  1 75.13  ? 64  LYS A NZ  1 
ATOM   440  N  N   . PHE A 1 60  ? 23.0542372  11.4869369  10.3821823  1 59.2   ? 65  PHE A N   1 
ATOM   441  C  CA  . PHE A 1 60  ? 21.6523722  11.8540969  10.1964569  1 57.09  ? 65  PHE A CA  1 
ATOM   442  C  C   . PHE A 1 60  ? 20.9216232  10.8468240  9.3144885   1 57.13  ? 65  PHE A C   1 
ATOM   443  O  O   . PHE A 1 60  ? 19.9056933  10.2820835  9.7276332   1 52.99  ? 65  PHE A O   1 
ATOM   444  C  CB  . PHE A 1 60  ? 21.5391192  13.2502612  9.6076207   1 50.4   ? 65  PHE A CB  1 
ATOM   445  C  CG  . PHE A 1 60  ? 20.1335610  13.6941508  9.4062769   1 50.02  ? 65  PHE A CG  1 
ATOM   446  C  CD1 . PHE A 1 60  ? 19.2261886  13.6679818  10.4551770  1 49.57  ? 65  PHE A CD1 1 
ATOM   447  C  CD2 . PHE A 1 60  ? 19.7155499  14.1284210  8.1722878   1 50.78  ? 65  PHE A CD2 1 
ATOM   448  C  CE1 . PHE A 1 60  ? 17.9272361  14.0763451  10.2603241  1 49.26  ? 65  PHE A CE1 1 
ATOM   449  C  CE2 . PHE A 1 60  ? 18.4395534  14.5410983  7.9721995   1 50.82  ? 65  PHE A CE2 1 
ATOM   450  C  CZ  . PHE A 1 60  ? 17.5346749  14.5154500  9.0068691   1 50.56  ? 65  PHE A CZ  1 
ATOM   451  N  N   . GLN A 1 61  ? 21.4633304  10.5565722  8.1245749   1 58.3   ? 66  GLN A N   1 
ATOM   452  C  CA  . GLN A 1 61  ? 20.7980506  9.6320666   7.2084106   1 56.76  ? 66  GLN A CA  1 
ATOM   453  C  C   . GLN A 1 61  ? 20.6767326  8.2369292   7.8055761   1 57.58  ? 66  GLN A C   1 
ATOM   454  O  O   . GLN A 1 61  ? 19.6395298  7.5837554   7.6539438   1 57.56  ? 66  GLN A O   1 
ATOM   455  C  CB  . GLN A 1 61  ? 21.5409481  9.5730847   5.8758587   1 53.62  ? 66  GLN A CB  1 
ATOM   456  C  CG  . GLN A 1 61  ? 21.3010293  10.7807913  4.9826058   1 59.33  ? 66  GLN A CG  1 
ATOM   457  C  CD  . GLN A 1 61  ? 19.8213783  11.0961056  4.7840215   1 63.21  ? 66  GLN A CD  1 
ATOM   458  O  OE1 . GLN A 1 61  ? 18.9744529  10.1985107  4.8007782   1 62.08  ? 66  GLN A OE1 1 
ATOM   459  N  NE2 . GLN A 1 61  ? 19.5035816  12.3719935  4.6069225   1 59.11  ? 66  GLN A NE2 1 
ATOM   460  N  N   . LYS A 1 62  ? 21.7454197  7.7687101   8.4523129   1 59.92  ? 67  LYS A N   1 
ATOM   461  C  CA  . LYS A 1 62  ? 21.7126318  6.4279126   9.0908740   1 58.79  ? 67  LYS A CA  1 
ATOM   462  C  C   . LYS A 1 62  ? 20.5394493  6.3861862   10.0698533  1 58.49  ? 67  LYS A C   1 
ATOM   463  O  O   . LYS A 1 62  ? 19.6646919  5.5103459   9.9137369   1 61.6   ? 67  LYS A O   1 
ATOM   464  C  CB  . LYS A 1 62  ? 23.0322870  6.1660391   9.8202034   1 63.75  ? 67  LYS A CB  1 
ATOM   465  C  CG  . LYS A 1 62  ? 24.2558105  6.0232694   8.9250212   1 68.23  ? 67  LYS A CG  1 
ATOM   466  C  CD  . LYS A 1 62  ? 25.5304706  5.7903017   9.7028263   1 67.6   ? 67  LYS A CD  1 
ATOM   467  C  CE  . LYS A 1 62  ? 26.7426808  5.6242477   8.8116258   1 67.84  ? 67  LYS A CE  1 
ATOM   468  N  NZ  . LYS A 1 62  ? 27.9808865  5.4214396   9.6009405   1 70.78  ? 67  LYS A NZ  1 
ATOM   469  N  N   . ASP A 1 63  ? 20.5156120  7.3351146   10.9967064  1 56.95  ? 68  ASP A N   1 
ATOM   470  C  CA  . ASP A 1 63  ? 19.4587487  7.3736928   12.0306312  1 55.12  ? 68  ASP A CA  1 
ATOM   471  C  C   . ASP A 1 63  ? 18.0828045  7.4941801   11.3729082  1 56.34  ? 68  ASP A C   1 
ATOM   472  O  O   . ASP A 1 63  ? 17.1360753  6.8736552   11.8729458  1 56.8   ? 68  ASP A O   1 
ATOM   473  C  CB  . ASP A 1 63  ? 19.7371956  8.5141011   13.0037633  1 57.56  ? 68  ASP A CB  1 
ATOM   474  C  CG  . ASP A 1 63  ? 21.1126837  8.4452965   13.6409512  1 67.29  ? 68  ASP A CG  1 
ATOM   475  O  OD1 . ASP A 1 63  ? 21.8773636  7.5308283   13.2866369  1 69.54  ? 68  ASP A OD1 1 
ATOM   476  O  OD2 . ASP A 1 63  ? 21.4059251  9.3076368   14.4866892  1 75.7   ? 68  ASP A OD2 1 
ATOM   477  N  N   . LEU A 1 64  ? 17.9861261  8.2792673   10.3041303  1 51.48  ? 69  LEU A N   1 
ATOM   478  C  CA  . LEU A 1 64  ? 16.7023469  8.4593985   9.6357197   1 58.6   ? 69  LEU A CA  1 
ATOM   479  C  C   . LEU A 1 64  ? 16.1925880  7.1380791   9.0676257   1 62.32  ? 69  LEU A C   1 
ATOM   480  O  O   . LEU A 1 64  ? 15.0324459  6.7622536   9.2799149   1 52.84  ? 69  LEU A O   1 
ATOM   481  C  CB  . LEU A 1 64  ? 16.8456905  9.5143631   8.5381390   1 54.75  ? 69  LEU A CB  1 
ATOM   482  C  CG  . LEU A 1 64  ? 15.5846012  10.1662938  7.9885746   1 55.09  ? 69  LEU A CG  1 
ATOM   483  C  CD1 . LEU A 1 64  ? 14.8830716  10.9703723  9.0682296   1 51.81  ? 69  LEU A CD1 1 
ATOM   484  C  CD2 . LEU A 1 64  ? 15.9264223  11.0388989  6.7891032   1 57.48  ? 69  LEU A CD2 1 
ATOM   485  N  N   . MET A 1 65  ? 17.0330120  6.4243924   8.3232671   1 57.51  ? 70  MET A N   1 
ATOM   486  C  CA  . MET A 1 65  ? 16.5355090  5.1865569   7.6761907   1 56.34  ? 70  MET A CA  1 
ATOM   487  C  C   . MET A 1 65  ? 16.1144242  4.2039621   8.7677291   1 56.52  ? 70  MET A C   1 
ATOM   488  O  O   . MET A 1 65  ? 15.1227348  3.4955028   8.5823470   1 54.75  ? 70  MET A O   1 
ATOM   489  C  CB  . MET A 1 65  ? 17.6039041  4.5383773   6.7990653   1 61.08  ? 70  MET A CB  1 
ATOM   490  C  CG  . MET A 1 65  ? 17.0406674  3.5702863   5.7871067   1 72.39  ? 70  MET A CG  1 
ATOM   491  S  SD  . MET A 1 65  ? 18.2661955  2.3320330   5.3098692   1 108.13 ? 70  MET A SD  1 
ATOM   492  C  CE  . MET A 1 65  ? 19.7806626  3.2038740   5.7076000   1 79.61  ? 70  MET A CE  1 
ATOM   493  N  N   . ALA A 1 66  ? 16.8472015  4.1910764   9.8732916   1 53.62  ? 71  ALA A N   1 
ATOM   494  C  CA  . ALA A 1 66  ? 16.5193112  3.2454357   10.9544764  1 51.28  ? 71  ALA A CA  1 
ATOM   495  C  C   . ALA A 1 66  ? 15.1609724  3.6208543   11.5369458  1 51.77  ? 71  ALA A C   1 
ATOM   496  O  O   . ALA A 1 66  ? 14.3262913  2.7313142   11.6978801  1 51.97  ? 71  ALA A O   1 
ATOM   497  C  CB  . ALA A 1 66  ? 17.5870373  3.2716908   12.0099860  1 53.37  ? 71  ALA A CB  1 
ATOM   498  N  N   . LYS A 1 67  ? 14.9618255  4.9036511   11.8227586  1 54.09  ? 72  LYS A N   1 
ATOM   499  C  CA  . LYS A 1 67  ? 13.6559610  5.2958980   12.3387957  1 52.78  ? 72  LYS A CA  1 
ATOM   500  C  C   . LYS A 1 67  ? 12.5417216  4.9089256   11.3768997  1 54.97  ? 72  LYS A C   1 
ATOM   501  O  O   . LYS A 1 67  ? 11.4750186  4.4533590   11.8002493  1 55.78  ? 72  LYS A O   1 
ATOM   502  C  CB  . LYS A 1 67  ? 13.6343324  6.8001130   12.6042305  1 53.77  ? 72  LYS A CB  1 
ATOM   503  C  CG  . LYS A 1 67  ? 12.2863841  7.3384350   13.0356684  1 58.88  ? 72  LYS A CG  1 
ATOM   504  C  CD  . LYS A 1 67  ? 12.0545947  8.7441685   12.4862095  1 66.9   ? 72  LYS A CD  1 
ATOM   505  C  CE  . LYS A 1 67  ? 11.9445330  9.7712127   13.6022774  1 64.38  ? 72  LYS A CE  1 
ATOM   506  N  NZ  . LYS A 1 67  ? 10.7213206  9.5661487   14.4297646  1 69.55  ? 72  LYS A NZ  1 
ATOM   507  N  N   . ARG A 1 68  ? 12.7620756  5.0937451   10.0795367  1 51.23  ? 73  ARG A N   1 
ATOM   508  C  CA  . ARG A 1 68  ? 11.7346448  4.7470805   9.1152854   1 51.58  ? 73  ARG A CA  1 
ATOM   509  C  C   . ARG A 1 68  ? 11.6204801  3.2468603   8.9050431   1 52.07  ? 73  ARG A C   1 
ATOM   510  O  O   . ARG A 1 68  ? 10.5493350  2.7747608   8.5123547   1 49.43  ? 73  ARG A O   1 
ATOM   511  C  CB  . ARG A 1 68  ? 12.0034351  5.4551167   7.7934842   1 51.74  ? 73  ARG A CB  1 
ATOM   512  C  CG  . ARG A 1 68  ? 11.6224347  6.9172999   7.8501338   1 59.4   ? 73  ARG A CG  1 
ATOM   513  C  CD  . ARG A 1 68  ? 11.5637277  7.5347634   6.4806242   1 66.77  ? 73  ARG A CD  1 
ATOM   514  N  NE  . ARG A 1 68  ? 12.8522580  7.4883547   5.8054822   1 67.92  ? 73  ARG A NE  1 
ATOM   515  C  CZ  . ARG A 1 68  ? 13.4409195  8.5450898   5.2639940   1 67.37  ? 73  ARG A CZ  1 
ATOM   516  N  NH1 . ARG A 1 68  ? 12.8916597  9.7488372   5.3306788   1 64.58  ? 73  ARG A NH1 1 
ATOM   517  N  NH2 . ARG A 1 68  ? 14.6089838  8.3920456   4.6441583   1 65.13  ? 73  ARG A NH2 1 
ATOM   518  N  N   . THR A 1 69  ? 12.6891297  2.4910722   9.1719760   1 51.08  ? 74  THR A N   1 
ATOM   519  C  CA  . THR A 1 69  ? 12.6120226  1.0356672   9.1015561   1 46.62  ? 74  THR A CA  1 
ATOM   520  C  C   . THR A 1 69  ? 11.8626441  0.4667942   10.2986193  1 49.54  ? 74  THR A C   1 
ATOM   521  O  O   . THR A 1 69  ? 11.1230222  -0.5153625  10.1681983  1 50.11  ? 74  THR A O   1 
ATOM   522  C  CB  . THR A 1 69  ? 14.0148001  0.4346690   9.0277360   1 48.36  ? 74  THR A CB  1 
ATOM   523  O  OG1 . THR A 1 69  ? 14.5517206  0.6242826   7.7150532   1 47.24  ? 74  THR A OG1 1 
ATOM   524  C  CG2 . THR A 1 69  ? 13.9735861  -1.0545539  9.3397256   1 47.56  ? 74  THR A CG2 1 
ATOM   525  N  N   . ALA A 1 70  ? 12.0450043  1.0653907   11.4732367  1 46.67  ? 75  ALA A N   1 
ATOM   526  C  CA  . ALA A 1 70  ? 11.3364919  0.5905629   12.6517403  1 43.21  ? 75  ALA A CA  1 
ATOM   527  C  C   . ALA A 1 70  ? 9.8428453   0.8794725   12.5528250  1 45.3   ? 75  ALA A C   1 
ATOM   528  O  O   . ALA A 1 70  ? 9.0187296   0.0427448   12.9396005  1 51.17  ? 75  ALA A O   1 
ATOM   529  C  CB  . ALA A 1 70  ? 11.9373572  1.2214603   13.9043968  1 43.39  ? 75  ALA A CB  1 
ATOM   530  N  N   . GLU A 1 71  ? 9.4728547   2.0553936   12.0389005  1 48.63  ? 76  GLU A N   1 
ATOM   531  C  CA  . GLU A 1 71  ? 8.0587189   2.3759709   11.8761638  1 47.05  ? 76  GLU A CA  1 
ATOM   532  C  C   . GLU A 1 71  ? 7.3884995   1.4205063   10.8960217  1 49.31  ? 76  GLU A C   1 
ATOM   533  O  O   . GLU A 1 71  ? 6.2529383   0.9809522   11.1164005  1 49.18  ? 76  GLU A O   1 
ATOM   534  C  CB  . GLU A 1 71  ? 7.8915547   3.8233623   11.4065935  1 51.76  ? 76  GLU A CB  1 
ATOM   535  C  CG  . GLU A 1 71  ? 8.6073544   4.8764685   12.2506564  1 64.47  ? 76  GLU A CG  1 
ATOM   536  C  CD  . GLU A 1 71  ? 8.2401197   6.3044155   11.8372970  1 78.04  ? 76  GLU A CD  1 
ATOM   537  O  OE1 . GLU A 1 71  ? 7.0587329   6.6895919   11.9923336  1 76.27  ? 76  GLU A OE1 1 
ATOM   538  O  OE2 . GLU A 1 71  ? 9.1330179   7.0368685   11.3523698  1 73.05  ? 76  GLU A OE2 1 
ATOM   539  N  N   . PHE A 1 72  ? 8.0758145   1.0946375   9.8017888   1 47.26  ? 77  PHE A N   1 
ATOM   540  C  CA  . PHE A 1 72  ? 7.5181764   0.1780303   8.8149712   1 44.97  ? 77  PHE A CA  1 
ATOM   541  C  C   . PHE A 1 72  ? 7.3362532   -1.2182177  9.4037236   1 44.97  ? 77  PHE A C   1 
ATOM   542  O  O   . PHE A 1 72  ? 6.2710225   -1.8277043  9.2584050   1 41.72  ? 77  PHE A O   1 
ATOM   543  C  CB  . PHE A 1 72  ? 8.4168598   0.1507097   7.5782697   1 42.81  ? 77  PHE A CB  1 
ATOM   544  C  CG  . PHE A 1 72  ? 8.0764037   -0.9257323  6.5968216   1 41.93  ? 77  PHE A CG  1 
ATOM   545  C  CD1 . PHE A 1 72  ? 8.6554609   -2.1813141  6.6954375   1 46.89  ? 77  PHE A CD1 1 
ATOM   546  C  CD2 . PHE A 1 72  ? 7.2023914   -0.6760892  5.5552795   1 42.74  ? 77  PHE A CD2 1 
ATOM   547  C  CE1 . PHE A 1 72  ? 8.3520803   -3.1731179  5.7866172   1 43.12  ? 77  PHE A CE1 1 
ATOM   548  C  CE2 . PHE A 1 72  ? 6.8937781   -1.6598601  4.6454145   1 51.15  ? 77  PHE A CE2 1 
ATOM   549  C  CZ  . PHE A 1 72  ? 7.4701943   -2.9125105  4.7596966   1 51.67  ? 77  PHE A CZ  1 
ATOM   550  N  N   . ASN A 1 73  ? 8.3684584   -1.7401682  10.0756203  1 47.34  ? 78  ASN A N   1 
ATOM   551  C  CA  . ASN A 1 73  ? 8.2340451   -3.0213406  10.7665755  1 46.01  ? 78  ASN A CA  1 
ATOM   552  C  C   . ASN A 1 73  ? 7.0908774   -2.9878363  11.7697301  1 45.47  ? 78  ASN A C   1 
ATOM   553  O  O   . ASN A 1 73  ? 6.3556618   -3.9700989  11.9179299  1 43.96  ? 78  ASN A O   1 
ATOM   554  C  CB  . ASN A 1 73  ? 9.5368734   -3.3867376  11.4791193  1 43.97  ? 78  ASN A CB  1 
ATOM   555  C  CG  . ASN A 1 73  ? 10.6554438  -3.7088515  10.5203326  1 44.81  ? 78  ASN A CG  1 
ATOM   556  O  OD1 . ASN A 1 73  ? 10.4321542  -3.8765504  9.3251461   1 42.18  ? 78  ASN A OD1 1 
ATOM   557  N  ND2 . ASN A 1 73  ? 11.8718145  -3.7951581  11.0398203  1 56.24  ? 78  ASN A ND2 1 
ATOM   558  N  N   . LYS A 1 74  ? 6.9283878   -1.8634832  12.4723161  1 45.69  ? 79  LYS A N   1 
ATOM   559  C  CA  . LYS A 1 74  ? 5.8726263   -1.7667867  13.4689979  1 42.97  ? 79  LYS A CA  1 
ATOM   560  C  C   . LYS A 1 74  ? 4.4967128   -1.8225490  12.8199397  1 43.82  ? 79  LYS A C   1 
ATOM   561  O  O   . LYS A 1 74  ? 3.5980515   -2.5131102  13.3122061  1 45.22  ? 79  LYS A O   1 
ATOM   562  C  CB  . LYS A 1 74  ? 6.0390916   -0.4838307  14.2794485  1 46.02  ? 79  LYS A CB  1 
ATOM   563  C  CG  . LYS A 1 74  ? 4.8955929   -0.2153409  15.2350666  1 46.12  ? 79  LYS A CG  1 
ATOM   564  C  CD  . LYS A 1 74  ? 5.4105118   0.2494259   16.5865352  1 60.93  ? 79  LYS A CD  1 
ATOM   565  C  CE  . LYS A 1 74  ? 4.3935608   1.1427667   17.2771573  1 68.93  ? 79  LYS A CE  1 
ATOM   566  N  NZ  . LYS A 1 74  ? 4.2973009   2.4772441   16.6189816  1 68.47  ? 79  LYS A NZ  1 
ATOM   567  N  N   . LYS A 1 75  ? 4.3082413   -1.1056460  11.7134663  1 40.58  ? 80  LYS A N   1 
ATOM   568  C  CA  . LYS A 1 75  ? 3.0208318   -1.1562847  11.0319000  1 44.52  ? 80  LYS A CA  1 
ATOM   569  C  C   . LYS A 1 75  ? 2.8370830   -2.4951433  10.3213602  1 46.32  ? 80  LYS A C   1 
ATOM   570  O  O   . LYS A 1 75  ? 1.7335216   -3.0516678  10.3052692  1 44.83  ? 80  LYS A O   1 
ATOM   571  C  CB  . LYS A 1 75  ? 2.8974208   0.0145419   10.0525900  1 40.75  ? 80  LYS A CB  1 
ATOM   572  C  CG  . LYS A 1 75  ? 1.5455928   0.1095278   9.3785547   1 45.17  ? 80  LYS A CG  1 
ATOM   573  C  CD  . LYS A 1 75  ? 1.0045090   1.5263054   9.3949473   1 56.99  ? 80  LYS A CD  1 
ATOM   574  C  CE  . LYS A 1 75  ? -0.5001338  1.5301132   9.6265969   1 63.02  ? 80  LYS A CE  1 
ATOM   575  N  NZ  . LYS A 1 75  ? -0.8461803  1.6721588   11.0793808  1 67.89  ? 80  LYS A NZ  1 
ATOM   576  N  N   . ALA A 1 76  ? 3.9084899   -3.0387091  9.7453458   1 42.83  ? 81  ALA A N   1 
ATOM   577  C  CA  . ALA A 1 76  ? 3.7992313   -4.3380628  9.0937175   1 42.35  ? 81  ALA A CA  1 
ATOM   578  C  C   . ALA A 1 76  ? 3.3134548   -5.4002465  10.0677077  1 43.49  ? 81  ALA A C   1 
ATOM   579  O  O   . ALA A 1 76  ? 2.5128766   -6.2702268  9.7038026   1 43.23  ? 81  ALA A O   1 
ATOM   580  C  CB  . ALA A 1 76  ? 5.1420336   -4.7400614  8.4899850   1 38.76  ? 81  ALA A CB  1 
ATOM   581  N  N   . ASP A 1 77  ? 3.7743408   -5.3428093  11.3155370  1 42.18  ? 82  ASP A N   1 
ATOM   582  C  CA  . ASP A 1 77  ? 3.3491511   -6.3445713  12.2793070  1 43.7   ? 82  ASP A CA  1 
ATOM   583  C  C   . ASP A 1 77  ? 1.9529306   -6.0738136  12.8086534  1 40.92  ? 82  ASP A C   1 
ATOM   584  O  O   . ASP A 1 77  ? 1.2407493   -7.0165225  13.1657023  1 44.12  ? 82  ASP A O   1 
ATOM   585  C  CB  . ASP A 1 77  ? 4.3230300   -6.4246767  13.4465178  1 45.33  ? 82  ASP A CB  1 
ATOM   586  C  CG  . ASP A 1 77  ? 3.7845454   -7.2842874  14.5660417  1 60.84  ? 82  ASP A CG  1 
ATOM   587  O  OD1 . ASP A 1 77  ? 3.9017837   -8.5286351  14.4740190  1 60.77  ? 82  ASP A OD1 1 
ATOM   588  O  OD2 . ASP A 1 77  ? 3.2107064   -6.7159228  15.5206643  1 63.9   ? 82  ASP A OD2 1 
ATOM   589  N  N   . GLU A 1 78  ? 1.5550837   -4.8058766  12.8890437  1 45.61  ? 83  GLU A N   1 
ATOM   590  C  CA  . GLU A 1 78  ? 0.1966330   -4.4859567  13.3124065  1 43.41  ? 83  GLU A CA  1 
ATOM   591  C  C   . GLU A 1 78  ? -0.8225934  -4.9794371  12.2952421  1 39.82  ? 83  GLU A C   1 
ATOM   592  O  O   . GLU A 1 78  ? -1.8277032  -5.5942194  12.6647434  1 44.96  ? 83  GLU A O   1 
ATOM   593  C  CB  . GLU A 1 78  ? 0.0471426   -2.9819362  13.5275989  1 46.28  ? 83  GLU A CB  1 
ATOM   594  C  CG  . GLU A 1 78  ? 0.1634867   -2.5376422  14.9682643  1 63.13  ? 83  GLU A CG  1 
ATOM   595  C  CD  . GLU A 1 78  ? 0.5901157   -1.0841671  15.0937543  1 77     ? 83  GLU A CD  1 
ATOM   596  O  OE1 . GLU A 1 78  ? 0.0302656   -0.2286438  14.3633012  1 76.38  ? 83  GLU A OE1 1 
ATOM   597  O  OE2 . GLU A 1 78  ? 1.4803983   -0.7993204  15.9279175  1 77.04  ? 83  GLU A OE2 1 
ATOM   598  N  N   . ASN A 1 79  ? -0.5870932  -4.7060864  11.0073566  1 42.12  ? 84  ASN A N   1 
ATOM   599  C  CA  . ASN A 1 79  ? -1.4874434  -5.1899854  9.9633106   1 42.68  ? 84  ASN A CA  1 
ATOM   600  C  C   . ASN A 1 79  ? -1.5532569  -6.7069287  9.9709707   1 38.71  ? 84  ASN A C   1 
ATOM   601  O  O   . ASN A 1 79  ? -2.6354332  -7.2960831  9.8878651   1 39.19  ? 84  ASN A O   1 
ATOM   602  C  CB  . ASN A 1 79  ? -1.0324706  -4.6988827  8.5880590   1 39.73  ? 84  ASN A CB  1 
ATOM   603  C  CG  . ASN A 1 79  ? -1.1622464  -3.2020927  8.4249392   1 43.08  ? 84  ASN A CG  1 
ATOM   604  O  OD1 . ASN A 1 79  ? -1.9056895  -2.5479066  9.1516515   1 39.61  ? 84  ASN A OD1 1 
ATOM   605  N  ND2 . ASN A 1 79  ? -0.4351054  -2.6477793  7.4570277   1 44.15  ? 84  ASN A ND2 1 
ATOM   606  N  N   . LYS A 1 80  ? -0.3930942  -7.3534214  10.0513430  1 36.8   ? 85  LYS A N   1 
ATOM   607  C  CA  . LYS A 1 80  ? -0.3559372  -8.8076359  10.0629007  1 42.62  ? 85  LYS A CA  1 
ATOM   608  C  C   . LYS A 1 80  ? -1.1861530  -9.3535859  11.2160678  1 44.59  ? 85  LYS A C   1 
ATOM   609  O  O   . LYS A 1 80  ? -1.9749598  -10.2913484 11.0435157  1 45.79  ? 85  LYS A O   1 
ATOM   610  C  CB  . LYS A 1 80  ? 1.0959611   -9.2867122  10.1502116  1 42.3   ? 85  LYS A CB  1 
ATOM   611  C  CG  . LYS A 1 80  ? 1.2708359   -10.7858414 9.9794907   1 42.56  ? 85  LYS A CG  1 
ATOM   612  C  CD  . LYS A 1 80  ? 1.8169415   -11.1080812 8.6029588   1 50.56  ? 85  LYS A CD  1 
ATOM   613  C  CE  . LYS A 1 80  ? 1.5218389   -12.5487900 8.2087983   1 51.87  ? 85  LYS A CE  1 
ATOM   614  N  NZ  . LYS A 1 80  ? 2.6073050   -13.4913404 8.6047277   1 51.06  ? 85  LYS A NZ  1 
ATOM   615  N  N   . VAL A 1 81  ? -1.0351546  -8.7639049  12.4026413  1 41.13  ? 86  VAL A N   1 
ATOM   616  C  CA  . VAL A 1 81  ? -1.7982376  -9.2345810  13.5523383  1 39.36  ? 86  VAL A CA  1 
ATOM   617  C  C   . VAL A 1 81  ? -3.2848281  -8.9636423  13.3545684  1 41.82  ? 86  VAL A C   1 
ATOM   618  O  O   . VAL A 1 81  ? -4.1294060  -9.8159634  13.6492779  1 44.35  ? 86  VAL A O   1 
ATOM   619  C  CB  . VAL A 1 81  ? -1.2685129  -8.5968746  14.8461124  1 43.61  ? 86  VAL A CB  1 
ATOM   620  C  CG1 . VAL A 1 81  ? -2.2275416  -8.8635841  15.9888897  1 36.8   ? 86  VAL A CG1 1 
ATOM   621  C  CG2 . VAL A 1 81  ? 0.1059417   -9.1391799  15.1701628  1 39.57  ? 86  VAL A CG2 1 
ATOM   622  N  N   . LYS A 1 82  ? -3.6303090  -7.7792741  12.8479185  1 41.61  ? 87  LYS A N   1 
ATOM   623  C  CA  . LYS A 1 82  ? -5.0268411  -7.4891166  12.5344545  1 40.2   ? 87  LYS A CA  1 
ATOM   624  C  C   . LYS A 1 82  ? -5.5899124  -8.5170207  11.5604612  1 42.89  ? 87  LYS A C   1 
ATOM   625  O  O   . LYS A 1 82  ? -6.6664470  -9.0847101  11.7864259  1 46.76  ? 87  LYS A O   1 
ATOM   626  C  CB  . LYS A 1 82  ? -5.1467127  -6.0806285  11.9529202  1 36.88  ? 87  LYS A CB  1 
ATOM   627  C  CG  . LYS A 1 82  ? -5.4272673  -5.0057895  12.9790893  1 43.94  ? 87  LYS A CG  1 
ATOM   628  C  CD  . LYS A 1 82  ? -4.6593794  -3.7260489  12.6754760  1 54.4   ? 87  LYS A CD  1 
ATOM   629  C  CE  . LYS A 1 82  ? -4.9313284  -2.6570249  13.7172055  1 54.99  ? 87  LYS A CE  1 
ATOM   630  N  NZ  . LYS A 1 82  ? -6.3415265  -2.1944829  13.6356138  1 66.16  ? 87  LYS A NZ  1 
ATOM   631  N  N   . GLY A 1 83  ? -4.8636171  -8.7760098  10.4703067  1 40.48  ? 88  GLY A N   1 
ATOM   632  C  CA  . GLY A 1 83  ? -5.3808044  -9.6646836  9.4420590   1 39.62  ? 88  GLY A CA  1 
ATOM   633  C  C   . GLY A 1 83  ? -5.6342689  -11.0668518 9.9569211   1 36.19  ? 88  GLY A C   1 
ATOM   634  O  O   . GLY A 1 83  ? -6.6214502  -11.7094664 9.5899951   1 41.71  ? 88  GLY A O   1 
ATOM   635  N  N   . GLU A 1 84  ? -4.7414668  -11.5656075 10.8018548  1 35.35  ? 89  GLU A N   1 
ATOM   636  C  CA  . GLU A 1 84  ? -4.9227335  -12.9001085 11.3557377  1 39.27  ? 89  GLU A CA  1 
ATOM   637  C  C   . GLU A 1 84  ? -6.1421303  -12.9441020 12.2692640  1 40.74  ? 89  GLU A C   1 
ATOM   638  O  O   . GLU A 1 84  ? -6.9572658  -13.8721709 12.2016540  1 41.59  ? 89  GLU A O   1 
ATOM   639  C  CB  . GLU A 1 84  ? -3.6791504  -13.2979980 12.1333758  1 43.03  ? 89  GLU A CB  1 
ATOM   640  C  CG  . GLU A 1 84  ? -2.4502324  -13.3752696 11.3118068  1 57.64  ? 89  GLU A CG  1 
ATOM   641  C  CD  . GLU A 1 84  ? -1.2301989  -13.5614360 12.1679034  1 77.07  ? 89  GLU A CD  1 
ATOM   642  O  OE1 . GLU A 1 84  ? -0.9824104  -14.7031773 12.5181686  1 89.65  ? 89  GLU A OE1 1 
ATOM   643  O  OE2 . GLU A 1 84  ? -0.5525562  -12.5714150 12.5266022  1 67.42  ? 89  GLU A OE2 1 
ATOM   644  N  N   . ALA A 1 85  ? -6.2700749  -11.9553489 13.1565613  1 35.3   ? 90  ALA A N   1 
ATOM   645  C  CA  . ALA A 1 85  ? -7.4689278  -11.8868983 13.9808278  1 38.31  ? 90  ALA A CA  1 
ATOM   646  C  C   . ALA A 1 85  ? -8.7068935  -11.9626983 13.1022356  1 38.7   ? 90  ALA A C   1 
ATOM   647  O  O   . ALA A 1 85  ? -9.6269636  -12.7420437 13.3655849  1 41.64  ? 90  ALA A O   1 
ATOM   648  C  CB  . ALA A 1 85  ? -7.4642085  -10.6053418 14.8115087  1 36.44  ? 90  ALA A CB  1 
ATOM   649  N  N   . PHE A 1 86  ? -8.7173662  -11.1931026 12.0147602  1 38.03  ? 91  PHE A N   1 
ATOM   650  C  CA  . PHE A 1 86  ? -9.8807900  -11.1604656 11.1352098  1 35.67  ? 91  PHE A CA  1 
ATOM   651  C  C   . PHE A 1 86  ? -10.1767894 -12.5380235 10.5668220  1 35.69  ? 91  PHE A C   1 
ATOM   652  O  O   . PHE A 1 86  ? -11.3099520 -13.0259322 10.6446067  1 35.49  ? 91  PHE A O   1 
ATOM   653  C  CB  . PHE A 1 86  ? -9.6528202  -10.1640167 10.0052048  1 35     ? 91  PHE A CB  1 
ATOM   654  C  CG  . PHE A 1 86  ? -10.7649679 -10.1279480 9.0091212   1 42.07  ? 91  PHE A CG  1 
ATOM   655  C  CD1 . PHE A 1 86  ? -11.8610701 -9.3178501  9.2168575   1 41.03  ? 91  PHE A CD1 1 
ATOM   656  C  CD2 . PHE A 1 86  ? -10.7177593 -10.9047298 7.8664596   1 39.18  ? 91  PHE A CD2 1 
ATOM   657  C  CE1 . PHE A 1 86  ? -12.8937369 -9.2750819  8.2991761   1 45.03  ? 91  PHE A CE1 1 
ATOM   658  C  CE2 . PHE A 1 86  ? -11.7485662 -10.8707372 6.9456912   1 39.67  ? 91  PHE A CE2 1 
ATOM   659  C  CZ  . PHE A 1 86  ? -12.8375750 -10.0527353 7.1595274   1 42.84  ? 91  PHE A CZ  1 
ATOM   660  N  N   . LEU A 1 87  ? -9.1603247  -13.1827816 9.9923739   1 33.9   ? 92  LEU A N   1 
ATOM   661  C  CA  . LEU A 1 87  ? -9.3896197  -14.4663264 9.3475526   1 38.07  ? 92  LEU A CA  1 
ATOM   662  C  C   . LEU A 1 87  ? -9.7704455  -15.5342374 10.3634778  1 36.99  ? 92  LEU A C   1 
ATOM   663  O  O   . LEU A 1 87  ? -10.5682813 -16.4248558 10.0501745  1 39.2   ? 92  LEU A O   1 
ATOM   664  C  CB  . LEU A 1 87  ? -8.1529129  -14.8774220 8.5486536   1 30.44  ? 92  LEU A CB  1 
ATOM   665  C  CG  . LEU A 1 87  ? -7.8176672  -13.9222661 7.3965861   1 32.6   ? 92  LEU A CG  1 
ATOM   666  C  CD1 . LEU A 1 87  ? -6.3380576  -13.9440066 7.1017086   1 29.89  ? 92  LEU A CD1 1 
ATOM   667  C  CD2 . LEU A 1 87  ? -8.6111678  -14.2628230 6.1441936   1 33.98  ? 92  LEU A CD2 1 
ATOM   668  N  N   . THR A 1 88  ? -9.2394846  -15.4458564 11.5872655  1 35.82  ? 93  THR A N   1 
ATOM   669  C  CA  . THR A 1 88  ? -9.5942974  -16.4215606 12.6133016  1 36.4   ? 93  THR A CA  1 
ATOM   670  C  C   . THR A 1 88  ? -11.0703153 -16.3316835 12.9689943  1 38.01  ? 93  THR A C   1 
ATOM   671  O  O   . THR A 1 88  ? -11.7370777 -17.3567907 13.1513044  1 42.31  ? 93  THR A O   1 
ATOM   672  C  CB  . THR A 1 88  ? -8.7383116  -16.2168642 13.8567761  1 38.27  ? 93  THR A CB  1 
ATOM   673  O  OG1 . THR A 1 88  ? -7.4098295  -16.6732938 13.5935038  1 33.65  ? 93  THR A OG1 1 
ATOM   674  C  CG2 . THR A 1 88  ? -9.3196469  -16.9860574 15.0352022  1 35.67  ? 93  THR A CG2 1 
ATOM   675  N  N   . GLU A 1 89  ? -11.5950489 -15.1113905 13.0840807  1 35.59  ? 94  GLU A N   1 
ATOM   676  C  CA  . GLU A 1 89  ? -13.0242407 -14.9577300 13.3051331  1 38.98  ? 94  GLU A CA  1 
ATOM   677  C  C   . GLU A 1 89  ? -13.8209022 -15.3154506 12.0581642  1 42.85  ? 94  GLU A C   1 
ATOM   678  O  O   . GLU A 1 89  ? -14.9228568 -15.8630063 12.1613711  1 48.05  ? 94  GLU A O   1 
ATOM   679  C  CB  . GLU A 1 89  ? -13.3354273 -13.5299474 13.7497642  1 41.01  ? 94  GLU A CB  1 
ATOM   680  C  CG  . GLU A 1 89  ? -14.8234174 -13.2712244 13.9120745  1 56.61  ? 94  GLU A CG  1 
ATOM   681  C  CD  . GLU A 1 89  ? -15.1694421 -12.5179951 15.1901142  1 72.23  ? 94  GLU A CD  1 
ATOM   682  O  OE1 . GLU A 1 89  ? -14.3461757 -11.6955644 15.6490840  1 75.9   ? 94  GLU A OE1 1 
ATOM   683  O  OE2 . GLU A 1 89  ? -16.2652267 -12.7694914 15.7459764  1 80.43  ? 94  GLU A OE2 1 
ATOM   684  N  N   . ASN A 1 90  ? -13.2734927 -15.0440891 10.8773612  1 40.92  ? 95  ASN A N   1 
ATOM   685  C  CA  . ASN A 1 90  ? -14.0503117 -15.2282457 9.6594747   1 41.7   ? 95  ASN A CA  1 
ATOM   686  C  C   . ASN A 1 90  ? -14.2518425 -16.7038094 9.3336328   1 42.22  ? 95  ASN A C   1 
ATOM   687  O  O   . ASN A 1 90  ? -15.3160138 -17.0939374 8.8413753   1 43.14  ? 95  ASN A O   1 
ATOM   688  C  CB  . ASN A 1 90  ? -13.3680914 -14.5225317 8.4984440   1 36.19  ? 95  ASN A CB  1 
ATOM   689  C  CG  . ASN A 1 90  ? -14.2796940 -14.3550320 7.3218041   1 36.46  ? 95  ASN A CG  1 
ATOM   690  O  OD1 . ASN A 1 90  ? -15.2363654 -13.5907471 7.3767620   1 38.2   ? 95  ASN A OD1 1 
ATOM   691  N  ND2 . ASN A 1 90  ? -14.0093400 -15.0900011 6.2540012   1 32.25  ? 95  ASN A ND2 1 
ATOM   692  N  N   . LYS A 1 91  ? -13.2398921 -17.5350466 9.5839332   1 39.71  ? 96  LYS A N   1 
ATOM   693  C  CA  . LYS A 1 91  ? -13.3649327 -18.9547389 9.2729786   1 40.23  ? 96  LYS A CA  1 
ATOM   694  C  C   . LYS A 1 91  ? -14.5841361 -19.5691514 9.9442426   1 47.66  ? 96  LYS A C   1 
ATOM   695  O  O   . LYS A 1 91  ? -15.1267702 -20.5643019 9.4556848   1 52.44  ? 96  LYS A O   1 
ATOM   696  C  CB  . LYS A 1 91  ? -12.1035970 -19.7008537 9.7049493   1 42.05  ? 96  LYS A CB  1 
ATOM   697  C  CG  . LYS A 1 91  ? -12.0227008 -19.9012115 11.2098379  1 42.03  ? 96  LYS A CG  1 
ATOM   698  C  CD  . LYS A 1 91  ? -10.7785157 -20.6539177 11.6301292  1 43.26  ? 96  LYS A CD  1 
ATOM   699  C  CE  . LYS A 1 91  ? -10.5404641 -20.4863389 13.1189619  1 48.68  ? 96  LYS A CE  1 
ATOM   700  N  NZ  . LYS A 1 91  ? -9.4395583  -21.3586994 13.6068097  1 61.01  ? 96  LYS A NZ  1 
ATOM   701  N  N   . ASN A 1 92  ? -15.0248682 -18.9969293 11.0620329  1 48.88  ? 97  ASN A N   1 
ATOM   702  C  CA  . ASN A 1 92  ? -16.1526755 -19.5532212 11.7951496  1 52.3   ? 97  ASN A CA  1 
ATOM   703  C  C   . ASN A 1 92  ? -17.4954251 -19.1486445 11.2085908  1 50.82  ? 97  ASN A C   1 
ATOM   704  O  O   . ASN A 1 92  ? -18.5074934 -19.7761536 11.5313630  1 54.06  ? 97  ASN A O   1 
ATOM   705  C  CB  . ASN A 1 92  ? -16.0944511 -19.1155975 13.2612237  1 52.32  ? 97  ASN A CB  1 
ATOM   706  C  CG  . ASN A 1 92  ? -14.9896764 -19.8087764 14.0353529  1 53.62  ? 97  ASN A CG  1 
ATOM   707  O  OD1 . ASN A 1 92  ? -14.7499055 -21.0060752 13.8636487  1 55.35  ? 97  ASN A OD1 1 
ATOM   708  N  ND2 . ASN A 1 92  ? -14.3098522 -19.0575452 14.8960065  1 54.31  ? 97  ASN A ND2 1 
ATOM   709  N  N   . LYS A 1 93  ? -17.5331099 -18.1323110 10.3560047  1 49.16  ? 98  LYS A N   1 
ATOM   710  C  CA  . LYS A 1 93  ? -18.7985111 -17.5489821 9.9437872   1 46     ? 98  LYS A CA  1 
ATOM   711  C  C   . LYS A 1 93  ? -19.5027622 -18.4104410 8.8978063   1 43.17  ? 98  LYS A C   1 
ATOM   712  O  O   . LYS A 1 93  ? -18.8748032 -19.2219487 8.2108728   1 40.79  ? 98  LYS A O   1 
ATOM   713  C  CB  . LYS A 1 93  ? -18.5705286 -16.1372330 9.4158152   1 45.08  ? 98  LYS A CB  1 
ATOM   714  C  CG  . LYS A 1 93  ? -18.5697106 -15.0952497 10.5163747  1 41.25  ? 98  LYS A CG  1 
ATOM   715  C  CD  . LYS A 1 93  ? -17.6496145 -13.9268734 10.2021933  1 52.7   ? 98  LYS A CD  1 
ATOM   716  C  CE  . LYS A 1 93  ? -18.0891273 -12.6560125 10.9329868  1 57.08  ? 98  LYS A CE  1 
ATOM   717  N  NZ  . LYS A 1 93  ? -17.2546471 -12.3678559 12.1400484  1 57.76  ? 98  LYS A NZ  1 
ATOM   718  N  N   . PRO A 1 94  ? -20.8202602 -18.2540890 8.7658131   1 44.16  ? 99  PRO A N   1 
ATOM   719  C  CA  . PRO A 1 94  ? -21.5849143 -19.1664590 7.9084999   1 44.35  ? 99  PRO A CA  1 
ATOM   720  C  C   . PRO A 1 94  ? -21.1288354 -19.0848596 6.4592902   1 39.96  ? 99  PRO A C   1 
ATOM   721  O  O   . PRO A 1 94  ? -20.8661669 -18.0028499 5.9329916   1 39.84  ? 99  PRO A O   1 
ATOM   722  C  CB  . PRO A 1 94  ? -23.0308484 -18.6825280 8.0727180   1 38.91  ? 99  PRO A CB  1 
ATOM   723  C  CG  . PRO A 1 94  ? -23.0251645 -17.8419027 9.3236080   1 36.91  ? 99  PRO A CG  1 
ATOM   724  C  CD  . PRO A 1 94  ? -21.6728392 -17.2144447 9.3617876   1 41.33  ? 99  PRO A CD  1 
ATOM   725  N  N   . GLY A 1 95  ? -21.0366990 -20.2498662 5.8166017   1 38.35  ? 100 GLY A N   1 
ATOM   726  C  CA  . GLY A 1 95  ? -20.6852252 -20.3249670 4.4158462   1 35.46  ? 100 GLY A CA  1 
ATOM   727  C  C   . GLY A 1 95  ? -19.2403673 -20.0301866 4.0897782   1 37.84  ? 100 GLY A C   1 
ATOM   728  O  O   . GLY A 1 95  ? -18.8786180 -20.0403180 2.9092848   1 39.19  ? 100 GLY A O   1 
ATOM   729  N  N   . VAL A 1 96  ? -18.3987820 -19.7696311 5.0825370   1 37.1   ? 101 VAL A N   1 
ATOM   730  C  CA  . VAL A 1 96  ? -16.9988794 -19.4745674 4.8124774   1 37.24  ? 101 VAL A CA  1 
ATOM   731  C  C   . VAL A 1 96  ? -16.2483345 -20.7763351 4.5862736   1 36.39  ? 101 VAL A C   1 
ATOM   732  O  O   . VAL A 1 96  ? -16.4220910 -21.7434016 5.3356546   1 39.54  ? 101 VAL A O   1 
ATOM   733  C  CB  . VAL A 1 96  ? -16.3851296 -18.6713957 5.9621749   1 34.99  ? 101 VAL A CB  1 
ATOM   734  C  CG1 . VAL A 1 96  ? -14.8832973 -18.6073865 5.7893636   1 36.47  ? 101 VAL A CG1 1 
ATOM   735  C  CG2 . VAL A 1 96  ? -16.9879032 -17.2913615 5.9839797   1 32.11  ? 101 VAL A CG2 1 
ATOM   736  N  N   . VAL A 1 97  ? -15.4191122 -20.8076786 3.5478546   1 30.06  ? 102 VAL A N   1 
ATOM   737  C  CA  . VAL A 1 97  ? -14.5733161 -21.9528035 3.2382467   1 28.42  ? 102 VAL A CA  1 
ATOM   738  C  C   . VAL A 1 97  ? -13.1200606 -21.4998915 3.2934199   1 32.54  ? 102 VAL A C   1 
ATOM   739  O  O   . VAL A 1 97  ? -12.7704511 -20.4506339 2.7412454   1 38.96  ? 102 VAL A O   1 
ATOM   740  C  CB  . VAL A 1 97  ? -14.9063752 -22.5559176 1.8619379   1 34.08  ? 102 VAL A CB  1 
ATOM   741  C  CG1 . VAL A 1 97  ? -13.9521440 -23.6815040 1.5394424   1 30.36  ? 102 VAL A CG1 1 
ATOM   742  C  CG2 . VAL A 1 97  ? -16.3292151 -23.0480292 1.8344827   1 32.89  ? 102 VAL A CG2 1 
ATOM   743  N  N   . VAL A 1 98  ? -12.2785804 -22.2913030 3.9542868   1 32.97  ? 103 VAL A N   1 
ATOM   744  C  CA  . VAL A 1 98  ? -10.8462312 -22.0298115 4.0580309   1 31.74  ? 103 VAL A CA  1 
ATOM   745  C  C   . VAL A 1 98  ? -10.1151676 -23.0491696 3.1967481   1 33.57  ? 103 VAL A C   1 
ATOM   746  O  O   . VAL A 1 98  ? -10.4166408 -24.2455062 3.2556512   1 35.14  ? 103 VAL A O   1 
ATOM   747  C  CB  . VAL A 1 98  ? -10.3634204 -22.0965161 5.5174497   1 30.77  ? 103 VAL A CB  1 
ATOM   748  C  CG1 . VAL A 1 98  ? -8.9735132  -21.5172044 5.6480822   1 31.78  ? 103 VAL A CG1 1 
ATOM   749  C  CG2 . VAL A 1 98  ? -11.3245882 -21.3532028 6.4310425   1 28.17  ? 103 VAL A CG2 1 
ATOM   750  N  N   . LEU A 1 99  ? -9.1775391  -22.5795061 2.3863752   1 31     ? 104 LEU A N   1 
ATOM   751  C  CA  . LEU A 1 99  ? -8.3871847  -23.4249576 1.5037594   1 29.1   ? 104 LEU A CA  1 
ATOM   752  C  C   . LEU A 1 99  ? -6.9875476  -23.6361263 2.0538880   1 33.71  ? 104 LEU A C   1 
ATOM   753  O  O   . LEU A 1 99  ? -6.5425295  -22.9387101 2.9704346   1 38.17  ? 104 LEU A O   1 
ATOM   754  C  CB  . LEU A 1 99  ? -8.3029149  -22.7979500 0.1203744   1 29.57  ? 104 LEU A CB  1 
ATOM   755  C  CG  . LEU A 1 99  ? -9.6594993  -22.5099193 -0.4966250  1 29.02  ? 104 LEU A CG  1 
ATOM   756  C  CD1 . LEU A 1 99  ? -9.4930014  -21.5134322 -1.6142121  1 26.6   ? 104 LEU A CD1 1 
ATOM   757  C  CD2 . LEU A 1 99  ? -10.2893845 -23.8077895 -0.9996743  1 31.33  ? 104 LEU A CD2 1 
ATOM   758  N  N   . PRO A 1 100 ? -6.2506122  -24.6017672 1.5063392   1 36.62  ? 105 PRO A N   1 
ATOM   759  C  CA  . PRO A 1 100 ? -4.9204382  -24.8914593 2.0619404   1 34.52  ? 105 PRO A CA  1 
ATOM   760  C  C   . PRO A 1 100 ? -4.0057792  -23.6844474 2.0777920   1 35.32  ? 105 PRO A C   1 
ATOM   761  O  O   . PRO A 1 100 ? -3.2439842  -23.5076821 3.0374796   1 39.35  ? 105 PRO A O   1 
ATOM   762  C  CB  . PRO A 1 100 ? -4.4038710  -26.0050525 1.1426834   1 31.47  ? 105 PRO A CB  1 
ATOM   763  C  CG  . PRO A 1 100 ? -5.6550969  -26.6828876 0.6759830   1 29.13  ? 105 PRO A CG  1 
ATOM   764  C  CD  . PRO A 1 100 ? -6.6528026  -25.5865485 0.4869282   1 33.05  ? 105 PRO A CD  1 
ATOM   765  N  N   . SER A 1 101 ? -4.0660655  -22.8365135 1.0524756   1 30.63  ? 106 SER A N   1 
ATOM   766  C  CA  . SER A 1 101 ? -3.2028386  -21.6665371 1.0162876   1 26.59  ? 106 SER A CA  1 
ATOM   767  C  C   . SER A 1 101 ? -3.5925230  -20.6052614 2.0262785   1 31.94  ? 106 SER A C   1 
ATOM   768  O  O   . SER A 1 101 ? -2.8957086  -19.5925697 2.1234711   1 36.47  ? 106 SER A O   1 
ATOM   769  C  CB  . SER A 1 101 ? -3.2201518  -21.0585995 -0.3734409  1 29.82  ? 106 SER A CB  1 
ATOM   770  O  OG  . SER A 1 101 ? -4.5306003  -20.6494683 -0.6723142  1 31.03  ? 106 SER A OG  1 
ATOM   771  N  N   . GLY A 1 102 ? -4.6737025  -20.7939345 2.7690014   1 29.92  ? 107 GLY A N   1 
ATOM   772  C  CA  . GLY A 1 102 ? -5.1535279  -19.7923699 3.6890525   1 27.48  ? 107 GLY A CA  1 
ATOM   773  C  C   . GLY A 1 102 ? -6.2004863  -18.8679902 3.1136907   1 32.37  ? 107 GLY A C   1 
ATOM   774  O  O   . GLY A 1 102 ? -6.8299113  -18.1187926 3.8715912   1 36.16  ? 107 GLY A O   1 
ATOM   775  N  N   . LEU A 1 103 ? -6.4070332  -18.8978735 1.8040685   1 26.74  ? 108 LEU A N   1 
ATOM   776  C  CA  . LEU A 1 103 ? -7.4923541  -18.1471599 1.1958831   1 25.47  ? 108 LEU A CA  1 
ATOM   777  C  C   . LEU A 1 103 ? -8.8326965  -18.6026640 1.7603088   1 32.13  ? 108 LEU A C   1 
ATOM   778  O  O   . LEU A 1 103 ? -9.0647423  -19.7956979 1.9792805   1 31.93  ? 108 LEU A O   1 
ATOM   779  C  CB  . LEU A 1 103 ? -7.4642860  -18.3403999 -0.3175219  1 26.78  ? 108 LEU A CB  1 
ATOM   780  C  CG  . LEU A 1 103 ? -8.4692945  -17.5653738 -1.1563409  1 29.15  ? 108 LEU A CG  1 
ATOM   781  C  CD1 . LEU A 1 103 ? -8.2495859  -16.0694747 -1.0140530  1 30.28  ? 108 LEU A CD1 1 
ATOM   782  C  CD2 . LEU A 1 103 ? -8.3562554  -18.0013194 -2.5991557  1 26.54  ? 108 LEU A CD2 1 
ATOM   783  N  N   . GLN A 1 104 ? -9.7106085  -17.6438390 2.0158711   1 31.35  ? 109 GLN A N   1 
ATOM   784  C  CA  . GLN A 1 104 ? -11.0650735 -17.9224768 2.4593510   1 30.38  ? 109 GLN A CA  1 
ATOM   785  C  C   . GLN A 1 104 ? -12.0347765 -17.3086214 1.4669985   1 29.04  ? 109 GLN A C   1 
ATOM   786  O  O   . GLN A 1 104 ? -11.7298535 -16.3008139 0.8295127   1 32.52  ? 109 GLN A O   1 
ATOM   787  C  CB  . GLN A 1 104 ? -11.3416039 -17.3616827 3.8575627   1 29.36  ? 109 GLN A CB  1 
ATOM   788  C  CG  . GLN A 1 104 ? -10.5027391 -17.9616235 4.9709183   1 30.83  ? 109 GLN A CG  1 
ATOM   789  C  CD  . GLN A 1 104 ? -10.7663337 -17.2805193 6.3047549   1 34.46  ? 109 GLN A CD  1 
ATOM   790  O  OE1 . GLN A 1 104 ? -11.6917488 -16.4742143 6.4353128   1 33.48  ? 109 GLN A OE1 1 
ATOM   791  N  NE2 . GLN A 1 104 ? -9.9577943  -17.6067452 7.3036311   1 31.2   ? 109 GLN A NE2 1 
ATOM   792  N  N   . TYR A 1 105 ? -13.2029103 -17.9226185 1.3324327   1 32.09  ? 110 TYR A N   1 
ATOM   793  C  CA  . TYR A 1 105 ? -14.2007681 -17.3765440 0.4270402   1 33.57  ? 110 TYR A CA  1 
ATOM   794  C  C   . TYR A 1 105 ? -15.5826508 -17.8164832 0.8655051   1 32.63  ? 110 TYR A C   1 
ATOM   795  O  O   . TYR A 1 105 ? -15.7506003 -18.7275521 1.6765590   1 37.03  ? 110 TYR A O   1 
ATOM   796  C  CB  . TYR A 1 105 ? -13.9453775 -17.7987863 -1.0146398  1 30.4   ? 110 TYR A CB  1 
ATOM   797  C  CG  . TYR A 1 105 ? -14.2219035 -19.2451669 -1.2525609  1 33.26  ? 110 TYR A CG  1 
ATOM   798  C  CD1 . TYR A 1 105 ? -13.2493443 -20.1997179 -1.0065081  1 38.07  ? 110 TYR A CD1 1 
ATOM   799  C  CD2 . TYR A 1 105 ? -15.4559740 -19.6645772 -1.7134046  1 32.58  ? 110 TYR A CD2 1 
ATOM   800  C  CE1 . TYR A 1 105 ? -13.4947500 -21.5248340 -1.2221706  1 34.2   ? 110 TYR A CE1 1 
ATOM   801  C  CE2 . TYR A 1 105 ? -15.7063019 -20.9863664 -1.9333918  1 34.62  ? 110 TYR A CE2 1 
ATOM   802  C  CZ  . TYR A 1 105 ? -14.7237253 -21.9136074 -1.6892924  1 33.49  ? 110 TYR A CZ  1 
ATOM   803  O  OH  . TYR A 1 105 ? -14.9828189 -23.2433623 -1.9084369  1 44.32  ? 110 TYR A OH  1 
ATOM   804  N  N   . LYS A 1 106 ? -16.5713151 -17.1580845 0.2809299   1 34.77  ? 111 LYS A N   1 
ATOM   805  C  CA  . LYS A 1 106 ? -17.9735863 -17.3768751 0.5721276   1 36.35  ? 111 LYS A CA  1 
ATOM   806  C  C   . LYS A 1 106 ? -18.7361976 -17.1920579 -0.7256184  1 34     ? 111 LYS A C   1 
ATOM   807  O  O   . LYS A 1 106 ? -18.6007994 -16.1508860 -1.3764143  1 33.31  ? 111 LYS A O   1 
ATOM   808  C  CB  . LYS A 1 106 ? -18.4606121 -16.3892096 1.6300372   1 32.08  ? 111 LYS A CB  1 
ATOM   809  C  CG  . LYS A 1 106 ? -19.9494365 -16.3700469 1.8201175   1 39     ? 111 LYS A CG  1 
ATOM   810  C  CD  . LYS A 1 106 ? -20.3022066 -15.7218621 3.1445701   1 34.15  ? 111 LYS A CD  1 
ATOM   811  C  CE  . LYS A 1 106 ? -20.7239024 -14.2907016 2.9616900   1 34.14  ? 111 LYS A CE  1 
ATOM   812  N  NZ  . LYS A 1 106 ? -21.8197831 -13.9829378 3.9176036   1 49.17  ? 111 LYS A NZ  1 
ATOM   813  N  N   . VAL A 1 107 ? -19.5134034 -18.1961436 -1.1101508  1 31.31  ? 112 VAL A N   1 
ATOM   814  C  CA  . VAL A 1 107 ? -20.2814028 -18.1153808 -2.3463123  1 33.43  ? 112 VAL A CA  1 
ATOM   815  C  C   . VAL A 1 107 ? -21.4893788 -17.2204733 -2.1101756  1 32.05  ? 112 VAL A C   1 
ATOM   816  O  O   . VAL A 1 107 ? -22.3044001 -17.4877795 -1.2242514  1 37.29  ? 112 VAL A O   1 
ATOM   817  C  CB  . VAL A 1 107 ? -20.7108701 -19.5097594 -2.8196665  1 36.31  ? 112 VAL A CB  1 
ATOM   818  C  CG1 . VAL A 1 107 ? -21.5128181 -19.4131709 -4.1335779  1 27.98  ? 112 VAL A CG1 1 
ATOM   819  C  CG2 . VAL A 1 107 ? -19.4947381 -20.4032558 -2.9671156  1 30.48  ? 112 VAL A CG2 1 
ATOM   820  N  N   . ILE A 1 108 ? -21.6015919 -16.1478970 -2.8883152  1 30.94  ? 113 ILE A N   1 
ATOM   821  C  CA  . ILE A 1 108 ? -22.8275389 -15.3569498 -2.8867404  1 27.75  ? 113 ILE A CA  1 
ATOM   822  C  C   . ILE A 1 108 ? -23.8324667 -15.9121833 -3.8855988  1 32.48  ? 113 ILE A C   1 
ATOM   823  O  O   . ILE A 1 108 ? -24.9976365 -16.1347429 -3.5513001  1 37.67  ? 113 ILE A O   1 
ATOM   824  C  CB  . ILE A 1 108 ? -22.5215701 -13.8742709 -3.1718954  1 29.97  ? 113 ILE A CB  1 
ATOM   825  C  CG1 . ILE A 1 108 ? -21.3046496 -13.4113009 -2.3696802  1 30.65  ? 113 ILE A CG1 1 
ATOM   826  C  CG2 . ILE A 1 108 ? -23.7290043 -13.0232887 -2.8196369  1 19.96  ? 113 ILE A CG2 1 
ATOM   827  C  CD1 . ILE A 1 108 ? -21.6513172 -12.9170789 -1.0143046  1 34.4   ? 113 ILE A CD1 1 
ATOM   828  N  N   . ASN A 1 109 ? -23.4058757 -16.1343439 -5.1249578  1 30.68  ? 114 ASN A N   1 
ATOM   829  C  CA  . ASN A 1 109 ? -24.2606837 -16.7735183 -6.1092924  1 32.48  ? 114 ASN A CA  1 
ATOM   830  C  C   . ASN A 1 109 ? -23.4003632 -17.6581962 -6.9921144  1 35.46  ? 114 ASN A C   1 
ATOM   831  O  O   . ASN A 1 109 ? -22.4043506 -17.1945597 -7.5535536  1 32.81  ? 114 ASN A O   1 
ATOM   832  C  CB  . ASN A 1 109 ? -25.0191216 -15.7535097 -6.9637474  1 31.38  ? 114 ASN A CB  1 
ATOM   833  C  CG  . ASN A 1 109 ? -25.7874334 -16.4147955 -8.0880481  1 32.82  ? 114 ASN A CG  1 
ATOM   834  O  OD1 . ASN A 1 109 ? -26.8049561 -17.0663438 -7.8605721  1 31.66  ? 114 ASN A OD1 1 
ATOM   835  N  ND2 . ASN A 1 109 ? -25.2809895 -16.2827570 -9.3079015  1 34.17  ? 114 ASN A ND2 1 
ATOM   836  N  N   . SER A 1 110 ? -23.7930200 -18.9235375 -7.1123562  1 34.33  ? 115 SER A N   1 
ATOM   837  C  CA  . SER A 1 110 ? -23.0446326 -19.8920150 -7.8998755  1 36.71  ? 115 SER A CA  1 
ATOM   838  C  C   . SER A 1 110 ? -23.5105028 -19.8652825 -9.3485122  1 36.88  ? 115 SER A C   1 
ATOM   839  O  O   . SER A 1 110 ? -24.7050550 -20.0130350 -9.6261584  1 38.84  ? 115 SER A O   1 
ATOM   840  C  CB  . SER A 1 110 ? -23.2108160 -21.2974596 -7.3257068  1 41.48  ? 115 SER A CB  1 
ATOM   841  O  OG  . SER A 1 110 ? -22.2602425 -22.1704866 -7.9048059  1 48.92  ? 115 SER A OG  1 
ATOM   842  N  N   . GLY A 1 111 ? -22.5617962 -19.6711706 -10.2655462 1 34.53  ? 116 GLY A N   1 
ATOM   843  C  CA  . GLY A 1 111 ? -22.8384416 -19.7188771 -11.6836743 1 29.04  ? 116 GLY A CA  1 
ATOM   844  C  C   . GLY A 1 111 ? -22.8048837 -21.1404138 -12.2135538 1 30.12  ? 116 GLY A C   1 
ATOM   845  O  O   . GLY A 1 111 ? -22.5832350 -22.1087764 -11.4895099 1 28.72  ? 116 GLY A O   1 
ATOM   846  N  N   . ASN A 1 112 ? -23.0287558 -21.2573272 -13.5197696 1 31.38  ? 117 ASN A N   1 
ATOM   847  C  CA  . ASN A 1 112 ? -23.1168654 -22.5535059 -14.1705970 1 31.92  ? 117 ASN A CA  1 
ATOM   848  C  C   . ASN A 1 112 ? -22.0961147 -22.7329179 -15.2833236 1 30.89  ? 117 ASN A C   1 
ATOM   849  O  O   . ASN A 1 112 ? -22.0379493 -23.8088650 -15.8789549 1 38.82  ? 117 ASN A O   1 
ATOM   850  C  CB  . ASN A 1 112 ? -24.5312805 -22.7730388 -14.7307125 1 33.21  ? 117 ASN A CB  1 
ATOM   851  C  CG  . ASN A 1 112 ? -24.9492084 -21.6897553 -15.7254180 1 42.67  ? 117 ASN A CG  1 
ATOM   852  O  OD1 . ASN A 1 112 ? -24.1507636 -21.2526008 -16.5547670 1 41.42  ? 117 ASN A OD1 1 
ATOM   853  N  ND2 . ASN A 1 112 ? -26.2087128 -21.2585608 -15.6465455 1 39.77  ? 117 ASN A ND2 1 
ATOM   854  N  N   . GLY A 1 113 ? -21.2942952 -21.7266324 -15.5737092 1 32.6   ? 118 GLY A N   1 
ATOM   855  C  CA  . GLY A 1 113 ? -20.3176254 -21.8042826 -16.6375233 1 33.2   ? 118 GLY A CA  1 
ATOM   856  C  C   . GLY A 1 113 ? -19.0581365 -22.5229139 -16.2070491 1 33.94  ? 118 GLY A C   1 
ATOM   857  O  O   . GLY A 1 113 ? -19.0231890 -23.2372751 -15.2032106 1 34.87  ? 118 GLY A O   1 
ATOM   858  N  N   . VAL A 1 114 ? -18.0062895 -22.3029332 -16.9660645 1 33.84  ? 119 VAL A N   1 
ATOM   859  C  CA  . VAL A 1 114 ? -16.7695117 -23.0559663 -16.8146059 1 35.5   ? 119 VAL A CA  1 
ATOM   860  C  C   . VAL A 1 114 ? -15.8424404 -22.3462314 -15.8344201 1 38.15  ? 119 VAL A C   1 
ATOM   861  O  O   . VAL A 1 114 ? -15.8973206 -21.1229190 -15.6450322 1 35.1   ? 119 VAL A O   1 
ATOM   862  C  CB  . VAL A 1 114 ? -16.0878463 -23.2766839 -18.1852394 1 38.05  ? 119 VAL A CB  1 
ATOM   863  C  CG1 . VAL A 1 114 ? -17.0920199 -23.7787425 -19.2087933 1 37.97  ? 119 VAL A CG1 1 
ATOM   864  C  CG2 . VAL A 1 114 ? -15.4093038 -21.9959527 -18.6731254 1 38.23  ? 119 VAL A CG2 1 
ATOM   865  N  N   . LYS A 1 115 ? -14.9876937 -23.1413842 -15.1931493 1 31.3   ? 120 LYS A N   1 
ATOM   866  C  CA  . LYS A 1 115 ? -13.9120962 -22.6226853 -14.3610992 1 35.4   ? 120 LYS A CA  1 
ATOM   867  C  C   . LYS A 1 115 ? -12.7326951 -22.2160462 -15.2340733 1 36.68  ? 120 LYS A C   1 
ATOM   868  O  O   . LYS A 1 115 ? -12.3190600 -22.9916412 -16.0961797 1 41.51  ? 120 LYS A O   1 
ATOM   869  C  CB  . LYS A 1 115 ? -13.4675236 -23.6741779 -13.3607015 1 30.96  ? 120 LYS A CB  1 
ATOM   870  C  CG  . LYS A 1 115 ? -14.6131008 -24.2876838 -12.6032786 1 31.17  ? 120 LYS A CG  1 
ATOM   871  C  CD  . LYS A 1 115 ? -14.1728140 -24.7570530 -11.2415168 1 31.9   ? 120 LYS A CD  1 
ATOM   872  C  CE  . LYS A 1 115 ? -14.9862558 -25.9554724 -10.7640710 1 34.27  ? 120 LYS A CE  1 
ATOM   873  N  NZ  . LYS A 1 115 ? -16.4453602 -25.6529567 -10.6978326 1 40.58  ? 120 LYS A NZ  1 
ATOM   874  N  N   . PRO A 1 116 ? -12.1644034 -21.0324548 -15.0350958 1 36.03  ? 121 PRO A N   1 
ATOM   875  C  CA  . PRO A 1 116 ? -11.0535176 -20.6008991 -15.8844516 1 36.39  ? 121 PRO A CA  1 
ATOM   876  C  C   . PRO A 1 116 ? -9.7644414  -21.3176823 -15.5334014 1 40.28  ? 121 PRO A C   1 
ATOM   877  O  O   . PRO A 1 116 ? -9.5606181  -21.7938092 -14.4108599 1 38.14  ? 121 PRO A O   1 
ATOM   878  C  CB  . PRO A 1 116 ? -10.9448233 -19.1018409 -15.5925715 1 36.72  ? 121 PRO A CB  1 
ATOM   879  C  CG  . PRO A 1 116 ? -11.4525667 -18.9649250 -14.1934701 1 37.18  ? 121 PRO A CG  1 
ATOM   880  C  CD  . PRO A 1 116 ? -12.5233453 -20.0173112 -14.0322268 1 40.54  ? 121 PRO A CD  1 
ATOM   881  N  N   . GLY A 1 117 ? -8.8877367  -21.4391006 -16.5258969 1 44.22  ? 122 GLY A N   1 
ATOM   882  C  CA  . GLY A 1 117 ? -7.5804194  -22.0781578 -16.3041483 1 43.74  ? 122 GLY A CA  1 
ATOM   883  C  C   . GLY A 1 117 ? -6.5061474  -21.0504205 -16.0129237 1 39.85  ? 122 GLY A C   1 
ATOM   884  O  O   . GLY A 1 117 ? -6.7885631  -19.8695664 -16.1981914 1 44.46  ? 122 GLY A O   1 
ATOM   885  N  N   . LYS A 1 118 ? -5.3071934  -21.5139606 -15.6294712 1 49.03  ? 123 LYS A N   1 
ATOM   886  C  CA  . LYS A 1 118 ? -4.1912866  -20.6092099 -15.2346810 1 48.84  ? 123 LYS A CA  1 
ATOM   887  C  C   . LYS A 1 118 ? -3.6207611  -19.8513043 -16.4400095 1 49.53  ? 123 LYS A C   1 
ATOM   888  O  O   . LYS A 1 118 ? -2.7735549  -18.9701084 -16.2243678 1 52.95  ? 123 LYS A O   1 
ATOM   889  C  CB  . LYS A 1 118 ? -3.0909878  -21.3977625 -14.5186537 1 45.84  ? 123 LYS A CB  1 
ATOM   890  C  CG  . LYS A 1 118 ? -2.5849181  -20.7621725 -13.2298756 1 60.07  ? 123 LYS A CG  1 
ATOM   891  C  CD  . LYS A 1 118 ? -2.0028170  -21.7631574 -12.2581285 1 61.73  ? 123 LYS A CD  1 
ATOM   892  C  CE  . LYS A 1 118 ? -1.2813289  -21.1092183 -11.0993669 1 68.06  ? 123 LYS A CE  1 
ATOM   893  N  NZ  . LYS A 1 118 ? -1.9314344  -21.4182011 -9.8044929  1 72.53  ? 123 LYS A NZ  1 
ATOM   894  N  N   . SER A 1 119 ? -4.0624129  -20.1755069 -17.6538931 1 46.49  ? 124 SER A N   1 
ATOM   895  C  CA  . SER A 1 119 ? -3.6066391  -19.4444523 -18.8565628 1 46.75  ? 124 SER A CA  1 
ATOM   896  C  C   . SER A 1 119 ? -4.7660031  -18.6844975 -19.4889811 1 45.98  ? 124 SER A C   1 
ATOM   897  O  O   . SER A 1 119 ? -4.5716460  -18.1120238 -20.5690645 1 53.4   ? 124 SER A O   1 
ATOM   898  C  CB  . SER A 1 119 ? -3.0303201  -20.4132317 -19.8288451 1 48.44  ? 124 SER A CB  1 
ATOM   899  O  OG  . SER A 1 119 ? -3.9471806  -21.4644382 -20.0858229 1 62.2   ? 124 SER A OG  1 
ATOM   900  N  N   . ASP A 1 120 ? -5.9183931  -18.6530023 -18.8274183 1 45.95  ? 125 ASP A N   1 
ATOM   901  C  CA  . ASP A 1 120 ? -7.0728856  -18.0662786 -19.4885810 1 41.9   ? 125 ASP A CA  1 
ATOM   902  C  C   . ASP A 1 120 ? -7.1338684  -16.5633188 -19.2290349 1 39.22  ? 125 ASP A C   1 
ATOM   903  O  O   . ASP A 1 120 ? -6.3340458  -15.9894178 -18.4855281 1 40.98  ? 125 ASP A O   1 
ATOM   904  C  CB  . ASP A 1 120 ? -8.3725813  -18.7461372 -19.0331775 1 40.84  ? 125 ASP A CB  1 
ATOM   905  C  CG  . ASP A 1 120 ? -8.4980064  -20.1852106 -19.5218517 1 49.45  ? 125 ASP A CG  1 
ATOM   906  O  OD1 . ASP A 1 120 ? -7.7155888  -20.6027391 -20.4054498 1 57.94  ? 125 ASP A OD1 1 
ATOM   907  O  OD2 . ASP A 1 120 ? -9.3838275  -20.9104830 -19.0200321 1 48.07  ? 125 ASP A OD2 1 
ATOM   908  N  N   . THR A 1 121 ? -8.0990905  -15.9169952 -19.8678471 1 35.81  ? 126 THR A N   1 
ATOM   909  C  CA  . THR A 1 121 ? -8.4264429  -14.5231495 -19.6309370 1 34.75  ? 126 THR A CA  1 
ATOM   910  C  C   . THR A 1 121 ? -9.8455083  -14.4684384 -19.0852502 1 38.96  ? 126 THR A C   1 
ATOM   911  O  O   . THR A 1 121 ? -10.6816577 -15.3042594 -19.4381174 1 39.71  ? 126 THR A O   1 
ATOM   912  C  CB  . THR A 1 121 ? -8.3043866  -13.7058214 -20.9261783 1 37.89  ? 126 THR A CB  1 
ATOM   913  O  OG1 . THR A 1 121 ? -6.9214944  -13.5016661 -21.2357133 1 45.08  ? 126 THR A OG1 1 
ATOM   914  C  CG2 . THR A 1 121 ? -8.9805878  -12.3585097 -20.7872427 1 40.97  ? 126 THR A CG2 1 
ATOM   915  N  N   . VAL A 1 122 ? -10.1245942 -13.4952457 -18.2143287 1 34.99  ? 127 VAL A N   1 
ATOM   916  C  CA  . VAL A 1 122 ? -11.4325955 -13.4031729 -17.5806314 1 32.66  ? 127 VAL A CA  1 
ATOM   917  C  C   . VAL A 1 122 ? -11.9073864 -11.9602534 -17.5555292 1 35.11  ? 127 VAL A C   1 
ATOM   918  O  O   . VAL A 1 122 ? -11.1148093 -11.0179479 -17.6129210 1 36.15  ? 127 VAL A O   1 
ATOM   919  C  CB  . VAL A 1 122 ? -11.4155427 -13.9706720 -16.1495549 1 35.28  ? 127 VAL A CB  1 
ATOM   920  C  CG1 . VAL A 1 122 ? -10.9865003 -15.4234732 -16.1660305 1 35.34  ? 127 VAL A CG1 1 
ATOM   921  C  CG2 . VAL A 1 122 ? -10.4964269 -13.1444935 -15.2823097 1 34.61  ? 127 VAL A CG2 1 
ATOM   922  N  N   . THR A 1 123 ? -13.2301018 -11.8076943 -17.4560481 1 32.3   ? 128 THR A N   1 
ATOM   923  C  CA  . THR A 1 123 ? -13.9101117 -10.5287880 -17.2937204 1 31.98  ? 128 THR A CA  1 
ATOM   924  C  C   . THR A 1 123 ? -14.6730196 -10.5349599 -15.9723297 1 35.4   ? 128 THR A C   1 
ATOM   925  O  O   . THR A 1 123 ? -15.3292826 -11.5263732 -15.6352311 1 35.45  ? 128 THR A O   1 
ATOM   926  C  CB  . THR A 1 123 ? -14.8679709 -10.2819104 -18.4563081 1 35.51  ? 128 THR A CB  1 
ATOM   927  O  OG1 . THR A 1 123 ? -14.1432601 -10.3850082 -19.6818599 1 45.56  ? 128 THR A OG1 1 
ATOM   928  C  CG2 . THR A 1 123 ? -15.4971512 -8.9023468  -18.3671204 1 42.36  ? 128 THR A CG2 1 
ATOM   929  N  N   . VAL A 1 124 ? -14.4031812 -9.4879492  -15.2157103 1 36     ? 129 VAL A N   1 
ATOM   930  C  CA  . VAL A 1 124 ? -14.9373770 -9.5002932  -13.8449063 1 35.53  ? 129 VAL A CA  1 
ATOM   931  C  C   . VAL A 1 124 ? -15.4254543 -8.1233417  -13.4459249 1 33.5   ? 129 VAL A C   1 
ATOM   932  O  O   . VAL A 1 124 ? -14.9255277 -7.1301697  -13.9780948 1 40.91  ? 129 VAL A O   1 
ATOM   933  C  CB  . VAL A 1 124 ? -13.8203047 -9.9428511  -12.8794872 1 34.38  ? 129 VAL A CB  1 
ATOM   934  C  CG1 . VAL A 1 124 ? -13.4736750 -11.4164008 -13.0035716 1 32.64  ? 129 VAL A CG1 1 
ATOM   935  C  CG2 . VAL A 1 124 ? -12.5751255 -9.0844327  -13.0126961 1 33.12  ? 129 VAL A CG2 1 
ATOM   936  N  N   . GLU A 1 125 ? -16.4327674 -8.1050417  -12.5949852 1 41.43  ? 130 GLU A N   1 
ATOM   937  C  CA  . GLU A 1 125 ? -16.8257792 -6.8293993  -11.9761015 1 40.05  ? 130 GLU A CA  1 
ATOM   938  C  C   . GLU A 1 125 ? -16.3214447 -7.0521504  -10.5550911 1 42.37  ? 130 GLU A C   1 
ATOM   939  O  O   . GLU A 1 125 ? -16.5714149 -8.1339791  -10.0077277 1 43.7   ? 130 GLU A O   1 
ATOM   940  C  CB  . GLU A 1 125 ? -18.3293038 -6.5526197  -12.0183044 1 46.82  ? 130 GLU A CB  1 
ATOM   941  C  CG  . GLU A 1 125 ? -18.9800272 -6.6384352  -13.3872966 1 35.95  ? 130 GLU A CG  1 
ATOM   942  C  CD  . GLU A 1 125 ? -20.2097646 -5.7610745  -13.5695133 1 47.14  ? 130 GLU A CD  1 
ATOM   943  O  OE1 . GLU A 1 125 ? -21.3370063 -6.1930961  -13.2103720 1 17.87  ? 130 GLU A OE1 1 
ATOM   944  O  OE2 . GLU A 1 125 ? -20.0393599 -4.6394896  -14.0750463 1 61.51  ? 130 GLU A OE2 1 
ATOM   945  N  N   . TYR A 1 126 ? -15.5543605 -6.1211170  -10.0182303 1 38.42  ? 131 TYR A N   1 
ATOM   946  C  CA  . TYR A 1 126 ? -15.0231356 -6.4250736  -8.6757284  1 39.89  ? 131 TYR A CA  1 
ATOM   947  C  C   . TYR A 1 126 ? -14.9593508 -5.2052030  -7.7805254  1 40.26  ? 131 TYR A C   1 
ATOM   948  O  O   . TYR A 1 126 ? -14.9645468 -4.0689430  -8.2508733  1 41.6   ? 131 TYR A O   1 
ATOM   949  C  CB  . TYR A 1 126 ? -13.6111547 -7.0075276  -8.7277216  1 37.77  ? 131 TYR A CB  1 
ATOM   950  C  CG  . TYR A 1 126 ? -12.5310374 -6.0704179  -9.1979991  1 37.4   ? 131 TYR A CG  1 
ATOM   951  C  CD1 . TYR A 1 126 ? -11.8440116 -5.2584497  -8.3113040  1 37.68  ? 131 TYR A CD1 1 
ATOM   952  C  CD2 . TYR A 1 126 ? -12.1699684 -6.0256166  -10.5308472 1 37.73  ? 131 TYR A CD2 1 
ATOM   953  C  CE1 . TYR A 1 126 ? -10.8498212 -4.3996978  -8.7440633  1 39.33  ? 131 TYR A CE1 1 
ATOM   954  C  CE2 . TYR A 1 126 ? -11.1717719 -5.1815381  -10.9787605 1 39.31  ? 131 TYR A CE2 1 
ATOM   955  C  CZ  . TYR A 1 126 ? -10.5115612 -4.3641377  -10.0834955 1 42.05  ? 131 TYR A CZ  1 
ATOM   956  O  OH  . TYR A 1 126 ? -9.5258346  -3.5344629  -10.5433268 1 40.21  ? 131 TYR A OH  1 
ATOM   957  N  N   . THR A 1 127 ? -14.9320955 -5.4885522  -6.4967095  1 37.22  ? 132 THR A N   1 
ATOM   958  C  CA  . THR A 1 127 ? -14.7122371 -4.4327736  -5.5113629  1 37.49  ? 132 THR A CA  1 
ATOM   959  C  C   . THR A 1 127 ? -13.7528698 -4.9367167  -4.4395720  1 40.25  ? 132 THR A C   1 
ATOM   960  O  O   . THR A 1 127 ? -13.9502566 -6.0321558  -3.9070322  1 38.38  ? 132 THR A O   1 
ATOM   961  C  CB  . THR A 1 127 ? -16.0325323 -3.9989474  -4.8627479  1 37.46  ? 132 THR A CB  1 
ATOM   962  O  OG1 . THR A 1 127 ? -16.9080917 -3.4448039  -5.8544191  1 48.01  ? 132 THR A OG1 1 
ATOM   963  C  CG2 . THR A 1 127 ? -15.7704873 -2.9583918  -3.7960776  1 38.89  ? 132 THR A CG2 1 
ATOM   964  N  N   . GLY A 1 128 ? -12.7298123 -4.1440140  -4.1129381  1 39.17  ? 133 GLY A N   1 
ATOM   965  C  CA  . GLY A 1 128 ? -11.7797379 -4.5350147  -3.0824222  1 33.77  ? 133 GLY A CA  1 
ATOM   966  C  C   . GLY A 1 128 ? -11.6880763 -3.5688618  -1.9162945  1 36.27  ? 133 GLY A C   1 
ATOM   967  O  O   . GLY A 1 128 ? -11.5938100 -2.3580544  -2.1259453  1 38.94  ? 133 GLY A O   1 
ATOM   968  N  N   . ARG A 1 129 ? -11.7020390 -4.0806618  -0.6836182  1 35.59  ? 134 ARG A N   1 
ATOM   969  C  CA  . ARG A 1 129 ? -11.6842246 -3.2303962  0.5021494   1 41.35  ? 134 ARG A CA  1 
ATOM   970  C  C   . ARG A 1 129 ? -10.7057742 -3.7681246  1.5373291   1 41.15  ? 134 ARG A C   1 
ATOM   971  O  O   . ARG A 1 129 ? -10.4711229 -4.9748384  1.6280408   1 39.67  ? 134 ARG A O   1 
ATOM   972  C  CB  . ARG A 1 129 ? -13.0792612 -3.1164587  1.1349561   1 41.23  ? 134 ARG A CB  1 
ATOM   973  C  CG  . ARG A 1 129 ? -13.6789987 -4.4382893  1.5639642   1 34.77  ? 134 ARG A CG  1 
ATOM   974  C  CD  . ARG A 1 129 ? -15.0633150 -4.1933778  2.1211542   1 37.86  ? 134 ARG A CD  1 
ATOM   975  N  NE  . ARG A 1 129 ? -15.6239594 -5.3563171  2.8045603   1 36.65  ? 134 ARG A NE  1 
ATOM   976  C  CZ  . ARG A 1 129 ? -16.2699701 -6.3459565  2.1946480   1 46.75  ? 134 ARG A CZ  1 
ATOM   977  N  NH1 . ARG A 1 129 ? -16.4060752 -6.3745512  0.8752122   1 38.24  ? 134 ARG A NH1 1 
ATOM   978  N  NH2 . ARG A 1 129 ? -16.7907596 -7.3331625  2.9269557   1 41.45  ? 134 ARG A NH2 1 
ATOM   979  N  N   . LEU A 1 130 ? -10.1444479 -2.8535412  2.3273974   1 43.62  ? 135 LEU A N   1 
ATOM   980  C  CA  . LEU A 1 130 ? -9.3681963  -3.2348837  3.4958927   1 40.15  ? 135 LEU A CA  1 
ATOM   981  C  C   . LEU A 1 130 ? -10.2870227 -3.8041158  4.5740725   1 37.26  ? 135 LEU A C   1 
ATOM   982  O  O   . LEU A 1 130 ? -11.5151097 -3.7730207  4.4717173   1 38.94  ? 135 LEU A O   1 
ATOM   983  C  CB  . LEU A 1 130 ? -8.5888339  -2.0407560  4.0415101   1 39.57  ? 135 LEU A CB  1 
ATOM   984  C  CG  . LEU A 1 130 ? -7.5668940  -1.3983245  3.1092325   1 41.4   ? 135 LEU A CG  1 
ATOM   985  C  CD1 . LEU A 1 130 ? -6.9168704  -0.2212342  3.8002808   1 43.26  ? 135 LEU A CD1 1 
ATOM   986  C  CD2 . LEU A 1 130 ? -6.5142161  -2.4101670  2.6953665   1 43.91  ? 135 LEU A CD2 1 
ATOM   987  N  N   . ILE A 1 131 ? -9.6696686  -4.3430476  5.6225211   1 38.85  ? 136 ILE A N   1 
ATOM   988  C  CA  . ILE A 1 131 ? -10.4374496 -4.9526066  6.7051771   1 43.01  ? 136 ILE A CA  1 
ATOM   989  C  C   . ILE A 1 131 ? -11.4153367 -3.9481947  7.2998970   1 47.97  ? 136 ILE A C   1 
ATOM   990  O  O   . ILE A 1 131 ? -12.5411244 -4.3030516  7.6631004   1 56.26  ? 136 ILE A O   1 
ATOM   991  C  CB  . ILE A 1 131 ? -9.4963264  -5.5107541  7.7856309   1 42.39  ? 136 ILE A CB  1 
ATOM   992  C  CG1 . ILE A 1 131 ? -8.7585339  -6.7504922  7.2856850   1 42.75  ? 136 ILE A CG1 1 
ATOM   993  C  CG2 . ILE A 1 131 ? -10.2794295 -5.8437080  9.0416330   1 47.85  ? 136 ILE A CG2 1 
ATOM   994  C  CD1 . ILE A 1 131 ? -8.2616262  -7.6540016  8.4113464   1 49.7   ? 136 ILE A CD1 1 
ATOM   995  N  N   . ASP A 1 132 ? -11.0146298 -2.6778385  7.3887056   1 46.85  ? 137 ASP A N   1 
ATOM   996  C  CA  . ASP A 1 132 ? -11.8442086 -1.6528251  8.0096786   1 47.67  ? 137 ASP A CA  1 
ATOM   997  C  C   . ASP A 1 132 ? -12.9286856 -1.1123712  7.0852462   1 48.72  ? 137 ASP A C   1 
ATOM   998  O  O   . ASP A 1 132 ? -13.6450415 -0.1908959  7.4792051   1 52.94  ? 137 ASP A O   1 
ATOM   999  C  CB  . ASP A 1 132 ? -10.9711309 -0.4952451  8.5141655   1 42.78  ? 137 ASP A CB  1 
ATOM   1000 C  CG  . ASP A 1 132 ? -10.2003829 0.1950967   7.4012550   1 53.56  ? 137 ASP A CG  1 
ATOM   1001 O  OD1 . ASP A 1 132 ? -10.4304482 -0.1276907  6.2181797   1 53.57  ? 137 ASP A OD1 1 
ATOM   1002 O  OD2 . ASP A 1 132 ? -9.3583573  1.0644488   7.7144973   1 55.11  ? 137 ASP A OD2 1 
ATOM   1003 N  N   . GLY A 1 133 ? -13.0717714 -1.6554173  5.8806843   1 48.92  ? 138 GLY A N   1 
ATOM   1004 C  CA  . GLY A 1 133 ? -14.0876015 -1.2317523  4.9425061   1 40.99  ? 138 GLY A CA  1 
ATOM   1005 C  C   . GLY A 1 133 ? -13.6251296 -0.2109136  3.9262374   1 44.12  ? 138 GLY A C   1 
ATOM   1006 O  O   . GLY A 1 133 ? -14.4021963 0.1505891   3.0352176   1 47.1   ? 138 GLY A O   1 
ATOM   1007 N  N   . THR A 1 134 ? -12.3888567 0.2601950   4.0240888   1 45.47  ? 139 THR A N   1 
ATOM   1008 C  CA  . THR A 1 134 ? -11.8820565 1.2546602   3.0855273   1 46.21  ? 139 THR A CA  1 
ATOM   1009 C  C   . THR A 1 134 ? -11.7530755 0.6310830   1.7033608   1 49.09  ? 139 THR A C   1 
ATOM   1010 O  O   . THR A 1 134 ? -10.8933489 -0.2247743  1.4748712   1 48.06  ? 139 THR A O   1 
ATOM   1011 C  CB  . THR A 1 134 ? -10.5398460 1.7926352   3.5669907   1 46.57  ? 139 THR A CB  1 
ATOM   1012 O  OG1 . THR A 1 134 ? -10.7153102 2.4291282   4.8381146   1 51.74  ? 139 THR A OG1 1 
ATOM   1013 C  CG2 . THR A 1 134 ? -9.9945291  2.8000854   2.5774699   1 44.68  ? 139 THR A CG2 1 
ATOM   1014 N  N   . VAL A 1 135 ? -12.6082062 1.0578266   0.7784200   1 48.96  ? 140 VAL A N   1 
ATOM   1015 C  CA  . VAL A 1 135 ? -12.5337459 0.5850678   -0.5972423  1 43.07  ? 140 VAL A CA  1 
ATOM   1016 C  C   . VAL A 1 135 ? -11.3274813 1.2210014   -1.2756081  1 46.47  ? 140 VAL A C   1 
ATOM   1017 O  O   . VAL A 1 135 ? -11.0841197 2.4244864   -1.1368526  1 53.55  ? 140 VAL A O   1 
ATOM   1018 C  CB  . VAL A 1 135 ? -13.8332350 0.9176733   -1.3441309  1 41.42  ? 140 VAL A CB  1 
ATOM   1019 C  CG1 . VAL A 1 135 ? -13.7380404 0.5087741   -2.7987808  1 33.95  ? 140 VAL A CG1 1 
ATOM   1020 C  CG2 . VAL A 1 135 ? -15.0223134 0.2500307   -0.6692540  1 38.19  ? 140 VAL A CG2 1 
ATOM   1021 N  N   . PHE A 1 136 ? -10.5571138 0.4126349   -2.0084433  1 44.09  ? 141 PHE A N   1 
ATOM   1022 C  CA  . PHE A 1 136 ? -9.3984454  0.9246236   -2.7265995  1 38.07  ? 141 PHE A CA  1 
ATOM   1023 C  C   . PHE A 1 136 ? -9.4496097  0.7064754   -4.2328065  1 44.68  ? 141 PHE A C   1 
ATOM   1024 O  O   . PHE A 1 136 ? -8.6462981  1.3185992   -4.9453477  1 45.05  ? 141 PHE A O   1 
ATOM   1025 C  CB  . PHE A 1 136 ? -8.0943048  0.3119303   -2.1771195  1 41.76  ? 141 PHE A CB  1 
ATOM   1026 C  CG  . PHE A 1 136 ? -8.0537975  -1.2028424  -2.2000072  1 41.56  ? 141 PHE A CG  1 
ATOM   1027 C  CD1 . PHE A 1 136 ? -7.7161274  -1.8899030  -3.3524289  1 40.68  ? 141 PHE A CD1 1 
ATOM   1028 C  CD2 . PHE A 1 136 ? -8.3164678  -1.9332597  -1.0522250  1 39.76  ? 141 PHE A CD2 1 
ATOM   1029 C  CE1 . PHE A 1 136 ? -7.6674187  -3.2795508  -3.3674739  1 41.22  ? 141 PHE A CE1 1 
ATOM   1030 C  CE2 . PHE A 1 136 ? -8.2679511  -3.3193228  -1.0626752  1 37.78  ? 141 PHE A CE2 1 
ATOM   1031 C  CZ  . PHE A 1 136 ? -7.9453582  -3.9916966  -2.2247911  1 35.17  ? 141 PHE A CZ  1 
ATOM   1032 N  N   . ASP A 1 137 ? -10.3478482 -0.1382437  -4.7412880  1 43.54  ? 142 ASP A N   1 
ATOM   1033 C  CA  . ASP A 1 137 ? -10.5458207 -0.2634487  -6.1816322  1 43.2   ? 142 ASP A CA  1 
ATOM   1034 C  C   . ASP A 1 137 ? -11.8911430 -0.9181383  -6.4566059  1 42.89  ? 142 ASP A C   1 
ATOM   1035 O  O   . ASP A 1 137 ? -12.4034708 -1.6934983  -5.6463386  1 43.19  ? 142 ASP A O   1 
ATOM   1036 C  CB  . ASP A 1 137 ? -9.4365404  -1.0707369  -6.8558762  1 42.67  ? 142 ASP A CB  1 
ATOM   1037 C  CG  . ASP A 1 137 ? -9.3286307  -0.7696019  -8.3420485  1 50.13  ? 142 ASP A CG  1 
ATOM   1038 O  OD1 . ASP A 1 137 ? -9.6253886  0.3821278   -8.7310982  1 58.08  ? 142 ASP A OD1 1 
ATOM   1039 O  OD2 . ASP A 1 137 ? -8.9631158  -1.6767892  -9.1211314  1 46.52  ? 142 ASP A OD2 1 
ATOM   1040 N  N   . SER A 1 138 ? -12.5138534 -0.5183270  -7.5562679  1 46.57  ? 143 SER A N   1 
ATOM   1041 C  CA  . SER A 1 138 ? -13.8544079 -1.0377880  -7.8988914  1 47.18  ? 143 SER A CA  1 
ATOM   1042 C  C   . SER A 1 138 ? -14.0990399 -0.8011663  -9.3816771  1 51.2   ? 143 SER A C   1 
ATOM   1043 O  O   . SER A 1 138 ? -13.6923944 0.2526914   -9.8749897  1 57.03  ? 143 SER A O   1 
ATOM   1044 C  CB  . SER A 1 138 ? -14.9262453 -0.3900101  -7.0803578  1 45.7   ? 143 SER A CB  1 
ATOM   1045 O  OG  . SER A 1 138 ? -16.1924755 -0.9428496  -7.3866525  1 54.56  ? 143 SER A OG  1 
ATOM   1046 N  N   . THR A 1 139 ? -14.7254909 -1.7623136  -10.0504335 1 47.78  ? 144 THR A N   1 
ATOM   1047 C  CA  . THR A 1 139 ? -15.0739408 -1.6203955  -11.4791262 1 44.74  ? 144 THR A CA  1 
ATOM   1048 C  C   . THR A 1 139 ? -16.3414560 -0.7838900  -11.5718517 1 57.62  ? 144 THR A C   1 
ATOM   1049 O  O   . THR A 1 139 ? -16.6501278 -0.2950301  -12.6619176 1 62.48  ? 144 THR A O   1 
ATOM   1050 C  CB  . THR A 1 139 ? -15.3761868 -2.9926948  -12.0782113 1 45.45  ? 144 THR A CB  1 
ATOM   1051 O  OG1 . THR A 1 139 ? -16.1424956 -3.7159847  -11.1154764 1 44.46  ? 144 THR A OG1 1 
ATOM   1052 C  CG2 . THR A 1 139 ? -14.1316851 -3.7625322  -12.4574051 1 37.73  ? 144 THR A CG2 1 
ATOM   1053 N  N   . GLU A 1 140 ? -17.0419990 -0.6417866  -10.4536334 1 62.09  ? 145 GLU A N   1 
ATOM   1054 C  CA  . GLU A 1 140 ? -18.3409171 0.0673422   -10.4620081 1 66.98  ? 145 GLU A CA  1 
ATOM   1055 C  C   . GLU A 1 140 ? -18.0508114 1.5554493   -10.5570607 1 68.68  ? 145 GLU A C   1 
ATOM   1056 O  O   . GLU A 1 140 ? -18.9804824 2.3256730   -10.8166067 1 65.53  ? 145 GLU A O   1 
ATOM   1057 C  CB  . GLU A 1 140 ? -19.1375012 -0.3195866  -9.2203923  1 70.96  ? 145 GLU A CB  1 
ATOM   1058 C  CG  . GLU A 1 140 ? -19.0411761 -1.8034058  -8.8933768  1 68.94  ? 145 GLU A CG  1 
ATOM   1059 C  CD  . GLU A 1 140 ? -19.6949118 -2.7689220  -9.8706464  1 69.75  ? 145 GLU A CD  1 
ATOM   1060 O  OE1 . GLU A 1 140 ? -19.1466725 -2.9650076  -10.9770551 1 61.25  ? 145 GLU A OE1 1 
ATOM   1061 O  OE2 . GLU A 1 140 ? -20.7446440 -3.3415763  -9.5136781  1 57.49  ? 145 GLU A OE2 1 
ATOM   1062 N  N   . LYS A 1 141 ? -16.7885690 1.9350166   -10.3388275 1 70.61  ? 146 LYS A N   1 
ATOM   1063 C  CA  . LYS A 1 141 ? -16.3897081 3.3548647   -10.5079681 1 79.82  ? 146 LYS A CA  1 
ATOM   1064 C  C   . LYS A 1 141 ? -16.1376311 3.5718882   -12.0028016 1 79.43  ? 146 LYS A C   1 
ATOM   1065 O  O   . LYS A 1 141 ? -16.4752822 4.6592028   -12.5100141 1 76.16  ? 146 LYS A O   1 
ATOM   1066 C  CB  . LYS A 1 141 ? -15.1623190 3.6584629   -9.6425704  1 82.36  ? 146 LYS A CB  1 
ATOM   1067 C  CG  . LYS A 1 141 ? -15.3794514 3.6115454   -8.1366536  1 86.15  ? 146 LYS A CG  1 
ATOM   1068 C  CD  . LYS A 1 141 ? -14.1225493 3.8962179   -7.3425286  1 90.46  ? 146 LYS A CD  1 
ATOM   1069 C  CE  . LYS A 1 141 ? -14.3461567 3.8732067   -5.8453044  1 90.45  ? 146 LYS A CE  1 
ATOM   1070 N  NZ  . LYS A 1 141 ? -13.0938792 4.1318921   -5.0957358  1 88.52  ? 146 LYS A NZ  1 
ATOM   1071 N  N   . THR A 1 142 ? -15.5953375 2.5568373   -12.6722816 1 77.18  ? 147 THR A N   1 
ATOM   1072 C  CA  . THR A 1 142 ? -15.3666341 2.6396230   -14.1364900 1 76.45  ? 147 THR A CA  1 
ATOM   1073 C  C   . THR A 1 142 ? -16.7089792 2.5598067   -14.8524329 1 75.23  ? 147 THR A C   1 
ATOM   1074 O  O   . THR A 1 142 ? -16.8412899 3.1506939   -15.9322422 1 72.77  ? 147 THR A O   1 
ATOM   1075 C  CB  . THR A 1 142 ? -14.4949264 1.4772521   -14.6137200 1 72.55  ? 147 THR A CB  1 
ATOM   1076 O  OG1 . THR A 1 142 ? -13.5840928 1.1692693   -13.5590756 1 76.89  ? 147 THR A OG1 1 
ATOM   1077 C  CG2 . THR A 1 142 ? -13.7330466 1.7833071   -15.8831393 1 71.41  ? 147 THR A CG2 1 
ATOM   1078 N  N   . GLY A 1 143 ? -17.6721424 1.8582696   -14.2602815 1 73.33  ? 148 GLY A N   1 
ATOM   1079 C  CA  . GLY A 1 143 ? -18.9164986 1.6670497   -14.9720523 1 67.64  ? 148 GLY A CA  1 
ATOM   1080 C  C   . GLY A 1 143 ? -18.8668394 0.5946312   -16.0263002 1 68.04  ? 148 GLY A C   1 
ATOM   1081 O  O   . GLY A 1 143 ? -19.7963639 0.4819743   -16.8264669 1 64.95  ? 148 GLY A O   1 
ATOM   1082 N  N   . LYS A 1 144 ? -17.7983288 -0.1885004  -16.0655801 1 71.53  ? 149 LYS A N   1 
ATOM   1083 C  CA  . LYS A 1 144 ? -17.6975712 -1.2904405  -17.0073895 1 70.72  ? 149 LYS A CA  1 
ATOM   1084 C  C   . LYS A 1 144 ? -16.7704785 -2.3456937  -16.4263415 1 61.02  ? 149 LYS A C   1 
ATOM   1085 O  O   . LYS A 1 144 ? -15.9881646 -2.0647630  -15.5074526 1 61.45  ? 149 LYS A O   1 
ATOM   1086 C  CB  . LYS A 1 144 ? -17.1826402 -0.8291814  -18.3792686 1 69.58  ? 149 LYS A CB  1 
ATOM   1087 C  CG  . LYS A 1 144 ? -15.6931923 -0.5440499  -18.4323904 1 72.75  ? 149 LYS A CG  1 
ATOM   1088 C  CD  . LYS A 1 144 ? -15.3652528 0.3993357   -19.5771040 1 80.95  ? 149 LYS A CD  1 
ATOM   1089 C  CE  . LYS A 1 144 ? -15.8701766 1.8079714   -19.2971281 1 87.88  ? 149 LYS A CE  1 
ATOM   1090 N  NZ  . LYS A 1 144 ? -16.1157631 2.5919067   -20.5420737 1 79.58  ? 149 LYS A NZ  1 
ATOM   1091 N  N   . PRO A 1 145 ? -16.8344485 -3.5666102  -16.9429234 1 54.82  ? 150 PRO A N   1 
ATOM   1092 C  CA  . PRO A 1 145 ? -16.0265151 -4.6611574  -16.3945259 1 50.2   ? 150 PRO A CA  1 
ATOM   1093 C  C   . PRO A 1 145 ? -14.5549216 -4.5423325  -16.7802500 1 49.25  ? 150 PRO A C   1 
ATOM   1094 O  O   . PRO A 1 145 ? -14.1525679 -3.7269363  -17.6095905 1 54.22  ? 150 PRO A O   1 
ATOM   1095 C  CB  . PRO A 1 145 ? -16.6695425 -5.9194305  -16.9934362 1 50.2   ? 150 PRO A CB  1 
ATOM   1096 C  CG  . PRO A 1 145 ? -17.8109722 -5.4455314  -17.8744193 1 48.54  ? 150 PRO A CG  1 
ATOM   1097 C  CD  . PRO A 1 145 ? -17.6971551 -3.9845436  -18.0588410 1 55.98  ? 150 PRO A CD  1 
ATOM   1098 N  N   . ALA A 1 146 ? -13.7409451 -5.3800683  -16.1396714 1 48.72  ? 151 ALA A N   1 
ATOM   1099 C  CA  . ALA A 1 146 ? -12.3009644 -5.4204332  -16.3381036 1 39.77  ? 151 ALA A CA  1 
ATOM   1100 C  C   . ALA A 1 146 ? -11.8772251 -6.8085024  -16.7970435 1 38.78  ? 151 ALA A C   1 
ATOM   1101 O  O   . ALA A 1 146 ? -12.5691790 -7.8055731  -16.5725866 1 41.23  ? 151 ALA A O   1 
ATOM   1102 C  CB  . ALA A 1 146 ? -11.5437262 -5.0503514  -15.0580287 1 39.52  ? 151 ALA A CB  1 
ATOM   1103 N  N   . THR A 1 147 ? -10.7171827 -6.8638585  -17.4324893 1 39.3   ? 152 THR A N   1 
ATOM   1104 C  CA  . THR A 1 147 ? -10.2001958 -8.1025169  -17.9869032 1 38.31  ? 152 THR A CA  1 
ATOM   1105 C  C   . THR A 1 147 ? -8.7998813  -8.3524717  -17.4569779 1 40.79  ? 152 THR A C   1 
ATOM   1106 O  O   . THR A 1 147 ? -7.9875874  -7.4298669  -17.3625898 1 43.52  ? 152 THR A O   1 
ATOM   1107 C  CB  . THR A 1 147 ? -10.1757865 -8.0557467  -19.5136002 1 41.8   ? 152 THR A CB  1 
ATOM   1108 O  OG1 . THR A 1 147 ? -11.4539809 -7.6206081  -19.9894178 1 41.13  ? 152 THR A OG1 1 
ATOM   1109 C  CG2 . THR A 1 147 ? -9.8619852  -9.4291679  -20.0817100 1 42.91  ? 152 THR A CG2 1 
ATOM   1110 N  N   . PHE A 1 148 ? -8.5284989  -9.6080466  -17.1161593 1 38.53  ? 153 PHE A N   1 
ATOM   1111 C  CA  . PHE A 1 148 ? -7.2475397  -10.0039975 -16.5615465 1 37.93  ? 153 PHE A CA  1 
ATOM   1112 C  C   . PHE A 1 148 ? -6.9180650  -11.4053708 -17.0469096 1 40.16  ? 153 PHE A C   1 
ATOM   1113 O  O   . PHE A 1 148 ? -7.8135727  -12.2293228 -17.2428510 1 40.87  ? 153 PHE A O   1 
ATOM   1114 C  CB  . PHE A 1 148 ? -7.2652423  -9.9959472  -15.0259764 1 36.2   ? 153 PHE A CB  1 
ATOM   1115 C  CG  . PHE A 1 148 ? -7.6263310  -8.6749170  -14.4161402 1 37.3   ? 153 PHE A CG  1 
ATOM   1116 C  CD1 . PHE A 1 148 ? -6.7193966  -7.6372617  -14.3964552 1 38.58  ? 153 PHE A CD1 1 
ATOM   1117 C  CD2 . PHE A 1 148 ? -8.8598397  -8.4869023  -13.8237107 1 41.62  ? 153 PHE A CD2 1 
ATOM   1118 C  CE1 . PHE A 1 148 ? -7.0404113  -6.4265571  -13.8181360 1 42.34  ? 153 PHE A CE1 1 
ATOM   1119 C  CE2 . PHE A 1 148 ? -9.1868562  -7.2800135  -13.2465830 1 43.32  ? 153 PHE A CE2 1 
ATOM   1120 C  CZ  . PHE A 1 148 ? -8.2714019  -6.2470804  -13.2446211 1 41.53  ? 153 PHE A CZ  1 
ATOM   1121 N  N   . GLN A 1 149 ? -5.6278636  -11.6739717 -17.2287142 1 38.23  ? 154 GLN A N   1 
ATOM   1122 C  CA  . GLN A 1 149 ? -5.1625507  -13.0451834 -17.3652174 1 42.92  ? 154 GLN A CA  1 
ATOM   1123 C  C   . GLN A 1 149 ? -4.9669663  -13.6424461 -15.9794133 1 43     ? 154 GLN A C   1 
ATOM   1124 O  O   . GLN A 1 149 ? -4.2763424  -13.0581668 -15.1404029 1 42.76  ? 154 GLN A O   1 
ATOM   1125 C  CB  . GLN A 1 149 ? -3.8581372  -13.1010064 -18.1540084 1 43.66  ? 154 GLN A CB  1 
ATOM   1126 C  CG  . GLN A 1 149 ? -3.4452991  -14.5259223 -18.4836754 1 58.31  ? 154 GLN A CG  1 
ATOM   1127 C  CD  . GLN A 1 149 ? -2.1129103  -14.6037176 -19.1986586 1 66.75  ? 154 GLN A CD  1 
ATOM   1128 O  OE1 . GLN A 1 149 ? -1.4432862  -13.5874575 -19.4039804 1 71.97  ? 154 GLN A OE1 1 
ATOM   1129 N  NE2 . GLN A 1 149 ? -1.7218756  -15.8137752 -19.5895671 1 65.36  ? 154 GLN A NE2 1 
ATOM   1130 N  N   . VAL A 1 150 ? -5.6452856  -14.7532349 -15.7078893 1 37.46  ? 155 VAL A N   1 
ATOM   1131 C  CA  . VAL A 1 150 ? -5.6729383  -15.3187354 -14.3265966 1 38.84  ? 155 VAL A CA  1 
ATOM   1132 C  C   . VAL A 1 150 ? -4.2782355  -15.4007884 -13.7085210 1 47.13  ? 155 VAL A C   1 
ATOM   1133 O  O   . VAL A 1 150 ? -4.1574338  -15.1744382 -12.5004790 1 45.5   ? 155 VAL A O   1 
ATOM   1134 C  CB  . VAL A 1 150 ? -6.4194909  -16.6672017 -14.2964492 1 37.91  ? 155 VAL A CB  1 
ATOM   1135 C  CG1 . VAL A 1 150 ? -6.3628868  -17.3283247 -12.9343165 1 40.64  ? 155 VAL A CG1 1 
ATOM   1136 C  CG2 . VAL A 1 150 ? -7.8278779  -16.5974470 -14.8515288 1 43.16  ? 155 VAL A CG2 1 
ATOM   1137 N  N   . SER A 1 151 ? -3.2670151  -15.6846826 -14.5124877 1 52.03  ? 156 SER A N   1 
ATOM   1138 C  CA  . SER A 1 151 ? -1.9362401  -15.8555908 -13.9492025 1 52.34  ? 156 SER A CA  1 
ATOM   1139 C  C   . SER A 1 151 ? -1.2315331  -14.5320590 -13.6819862 1 54.13  ? 156 SER A C   1 
ATOM   1140 O  O   . SER A 1 151 ? -0.0990439  -14.5477930 -13.1875466 1 54     ? 156 SER A O   1 
ATOM   1141 C  CB  . SER A 1 151 ? -1.0734043  -16.7120097 -14.8781233 1 51.45  ? 156 SER A CB  1 
ATOM   1142 O  OG  . SER A 1 151 ? -0.6724422  -15.9665386 -16.0103243 1 53.28  ? 156 SER A OG  1 
ATOM   1143 N  N   . GLN A 1 152 ? -1.8677649  -13.3957545 -13.9767780 1 49.56  ? 157 GLN A N   1 
ATOM   1144 C  CA  . GLN A 1 152 ? -1.2187818  -12.0934005 -13.8746990 1 45.18  ? 157 GLN A CA  1 
ATOM   1145 C  C   . GLN A 1 152 ? -1.8643840  -11.1918747 -12.8265101 1 44.89  ? 157 GLN A C   1 
ATOM   1146 O  O   . GLN A 1 152 ? -1.7599090  -9.9643540  -12.9262452 1 41.77  ? 157 GLN A O   1 
ATOM   1147 C  CB  . GLN A 1 152 ? -1.2242689  -11.4046389 -15.2353648 1 49.58  ? 157 GLN A CB  1 
ATOM   1148 C  CG  . GLN A 1 152 ? -0.5521668  -12.2071098 -16.3246858 1 52.5   ? 157 GLN A CG  1 
ATOM   1149 C  CD  . GLN A 1 152 ? 0.8751400   -12.5563399 -15.9753840 1 64.89  ? 157 GLN A CD  1 
ATOM   1150 O  OE1 . GLN A 1 152 ? 1.7023339   -11.6714132 -15.7380262 1 60.67  ? 157 GLN A OE1 1 
ATOM   1151 N  NE2 . GLN A 1 152 ? 1.1788195   -13.8516901 -15.9451758 1 66.84  ? 157 GLN A NE2 1 
ATOM   1152 N  N   . VAL A 1 153 ? -2.5376213  -11.7655077 -11.8282152 1 37.31  ? 158 VAL A N   1 
ATOM   1153 C  CA  . VAL A 1 153 ? -3.0128221  -10.9624113 -10.7104776 1 39.81  ? 158 VAL A CA  1 
ATOM   1154 C  C   . VAL A 1 153 ? -2.4302617  -11.5465509 -9.4343019  1 36.91  ? 158 VAL A C   1 
ATOM   1155 O  O   . VAL A 1 153 ? -1.6737982  -12.5193790 -9.4763925  1 39.67  ? 158 VAL A O   1 
ATOM   1156 C  CB  . VAL A 1 153 ? -4.5505288  -10.9055787 -10.6549874 1 37.91  ? 158 VAL A CB  1 
ATOM   1157 C  CG1 . VAL A 1 153 ? -5.1048694  -10.1306173 -11.8333640 1 34.57  ? 158 VAL A CG1 1 
ATOM   1158 C  CG2 . VAL A 1 153 ? -5.1270177  -12.3048630 -10.5952792 1 36.25  ? 158 VAL A CG2 1 
ATOM   1159 N  N   . ILE A 1 154 ? -2.7816722  -10.9666238 -8.2959381  1 38.34  ? 159 ILE A N   1 
ATOM   1160 C  CA  . ILE A 1 154 ? -2.2396383  -11.4067397 -7.0149895  1 38.81  ? 159 ILE A CA  1 
ATOM   1161 C  C   . ILE A 1 154 ? -2.6278138  -12.8600063 -6.7657925  1 40.43  ? 159 ILE A C   1 
ATOM   1162 O  O   . ILE A 1 154 ? -3.7132256  -13.2906685 -7.1857465  1 41.2   ? 159 ILE A O   1 
ATOM   1163 C  CB  . ILE A 1 154 ? -2.7280453  -10.5086645 -5.8713556  1 38.49  ? 159 ILE A CB  1 
ATOM   1164 C  CG1 . ILE A 1 154 ? -4.2511748  -10.5038752 -5.8334152  1 35.43  ? 159 ILE A CG1 1 
ATOM   1165 C  CG2 . ILE A 1 154 ? -2.1875448  -9.0901486  -6.0346253  1 39.76  ? 159 ILE A CG2 1 
ATOM   1166 C  CD1 . ILE A 1 154 ? -4.8065451  -9.6365004  -4.7426244  1 36.24  ? 159 ILE A CD1 1 
ATOM   1167 N  N   . PRO A 1 155 ? -1.7757774  -13.6415613 -6.0906284  1 31.75  ? 160 PRO A N   1 
ATOM   1168 C  CA  . PRO A 1 155 ? -2.0714046  -15.0685409 -5.8798349  1 29.45  ? 160 PRO A CA  1 
ATOM   1169 C  C   . PRO A 1 155 ? -3.4645869  -15.3670844 -5.3638999  1 32.34  ? 160 PRO A C   1 
ATOM   1170 O  O   . PRO A 1 155 ? -4.0712725  -16.3527745 -5.7967899  1 34.23  ? 160 PRO A O   1 
ATOM   1171 C  CB  . PRO A 1 155 ? -0.9970991  -15.4756238 -4.8696661  1 33.15  ? 160 PRO A CB  1 
ATOM   1172 C  CG  . PRO A 1 155 ? 0.1791802   -14.6264202 -5.2608146  1 30.82  ? 160 PRO A CG  1 
ATOM   1173 C  CD  . PRO A 1 155 ? -0.4047836  -13.2986298 -5.6784365  1 33.97  ? 160 PRO A CD  1 
ATOM   1174 N  N   . GLY A 1 156 ? -3.9844356  -14.5625894 -4.4386788  1 33.02  ? 161 GLY A N   1 
ATOM   1175 C  CA  . GLY A 1 156 ? -5.3328322  -14.7980056 -3.9459641  1 28.72  ? 161 GLY A CA  1 
ATOM   1176 C  C   . GLY A 1 156 ? -6.3575631  -14.8769084 -5.0578444  1 34.34  ? 161 GLY A C   1 
ATOM   1177 O  O   . GLY A 1 156 ? -7.2217119  -15.7568687 -5.0594828  1 33.98  ? 161 GLY A O   1 
ATOM   1178 N  N   . TRP A 1 157 ? -6.2709175  -13.9644392 -6.0261680  1 35.8   ? 162 TRP A N   1 
ATOM   1179 C  CA  . TRP A 1 157 ? -7.1798985  -14.0000529 -7.1648067  1 33.87  ? 162 TRP A CA  1 
ATOM   1180 C  C   . TRP A 1 157 ? -6.9403678  -15.2294771 -8.0331327  1 35.25  ? 162 TRP A C   1 
ATOM   1181 O  O   . TRP A 1 157 ? -7.8927168  -15.8813308 -8.4703960  1 35.16  ? 162 TRP A O   1 
ATOM   1182 C  CB  . TRP A 1 157 ? -7.0025907  -12.7305839 -7.9806422  1 33.2   ? 162 TRP A CB  1 
ATOM   1183 C  CG  . TRP A 1 157 ? -7.8398604  -11.6213626 -7.5016406  1 36.69  ? 162 TRP A CG  1 
ATOM   1184 C  CD1 . TRP A 1 157 ? -7.9342839  -11.1545033 -6.2197102  1 38.59  ? 162 TRP A CD1 1 
ATOM   1185 C  CD2 . TRP A 1 157 ? -8.7010693  -10.8027709 -8.2911776  1 31.45  ? 162 TRP A CD2 1 
ATOM   1186 N  NE1 . TRP A 1 157 ? -8.8142606  -10.0973551 -6.1645581  1 32.56  ? 162 TRP A NE1 1 
ATOM   1187 C  CE2 . TRP A 1 157 ? -9.2931413  -9.8612034  -7.4243342  1 31.63  ? 162 TRP A CE2 1 
ATOM   1188 C  CE3 . TRP A 1 157 ? -9.0265430  -10.7714591 -9.6458951  1 31.93  ? 162 TRP A CE3 1 
ATOM   1189 C  CZ2 . TRP A 1 157 ? -10.1901969 -8.9056741  -7.8725706  1 33.83  ? 162 TRP A CZ2 1 
ATOM   1190 C  CZ3 . TRP A 1 157 ? -9.9220371  -9.8230538  -10.0858968 1 33.49  ? 162 TRP A CZ3 1 
ATOM   1191 C  CH2 . TRP A 1 157 ? -10.4963095 -8.9084000  -9.2040591  1 33.34  ? 162 TRP A CH2 1 
ATOM   1192 N  N   . THR A 1 158 ? -5.6757082  -15.5638725 -8.2885083  1 32.34  ? 163 THR A N   1 
ATOM   1193 C  CA  . THR A 1 158 ? -5.3745766  -16.7271507 -9.1166343  1 33.19  ? 163 THR A CA  1 
ATOM   1194 C  C   . THR A 1 158 ? -5.9378784  -18.0150416 -8.5182345  1 36.37  ? 163 THR A C   1 
ATOM   1195 O  O   . THR A 1 158 ? -6.4706007  -18.8613319 -9.2480876  1 38.72  ? 163 THR A O   1 
ATOM   1196 C  CB  . THR A 1 158 ? -3.8646316  -16.8546918 -9.3211735  1 33.85  ? 163 THR A CB  1 
ATOM   1197 O  OG1 . THR A 1 158 ? -3.3899620  -15.7479310 -10.0949250 1 40.45  ? 163 THR A OG1 1 
ATOM   1198 C  CG2 . THR A 1 158 ? -3.5566276  -18.1265216 -10.0477843 1 36.23  ? 163 THR A CG2 1 
ATOM   1199 N  N   . GLU A 1 159 ? -5.8070835  -18.2060216 -7.2007363  1 30.81  ? 164 GLU A N   1 
ATOM   1200 C  CA  . GLU A 1 159 ? -6.3599493  -19.4214253 -6.6083960  1 33.7   ? 164 GLU A CA  1 
ATOM   1201 C  C   . GLU A 1 159 ? -7.8872598  -19.3758922 -6.5741247  1 35.42  ? 164 GLU A C   1 
ATOM   1202 O  O   . GLU A 1 159 ? -8.5468265  -20.4159536 -6.6873643  1 34.16  ? 164 GLU A O   1 
ATOM   1203 C  CB  . GLU A 1 159 ? -5.7779412  -19.6533664 -5.2067856  1 33.66  ? 164 GLU A CB  1 
ATOM   1204 C  CG  . GLU A 1 159 ? -4.2413499  -19.9182469 -5.1946825  1 43.49  ? 164 GLU A CG  1 
ATOM   1205 C  CD  . GLU A 1 159 ? -3.8540338  -21.3694412 -4.8835695  1 40.71  ? 164 GLU A CD  1 
ATOM   1206 O  OE1 . GLU A 1 159 ? -4.7287997  -22.2484117 -4.9708658  1 47.83  ? 164 GLU A OE1 1 
ATOM   1207 O  OE2 . GLU A 1 159 ? -2.6744515  -21.6414304 -4.5593959  1 43.25  ? 164 GLU A OE2 1 
ATOM   1208 N  N   . ALA A 1 160 ? -8.4729635  -18.1885642 -6.4626376  1 33.56  ? 165 ALA A N   1 
ATOM   1209 C  CA  . ALA A 1 160 ? -9.9256531  -18.1136017 -6.4016335  1 33.79  ? 165 ALA A CA  1 
ATOM   1210 C  C   . ALA A 1 160 ? -10.5456494 -18.3354446 -7.7768234  1 35.84  ? 165 ALA A C   1 
ATOM   1211 O  O   . ALA A 1 160 ? -11.4445264 -19.1722239 -7.9415702  1 31.7   ? 165 ALA A O   1 
ATOM   1212 C  CB  . ALA A 1 160 ? -10.3561153 -16.7648510 -5.8265521  1 31.82  ? 165 ALA A CB  1 
ATOM   1213 N  N   . LEU A 1 161 ? -10.0621942 -17.6017577 -8.7782078  1 32.43  ? 166 LEU A N   1 
ATOM   1214 C  CA  . LEU A 1 161 ? -10.6575208 -17.6815883 -10.1029803 1 28.55  ? 166 LEU A CA  1 
ATOM   1215 C  C   . LEU A 1 161 ? -10.7136573 -19.1240520 -10.5924249 1 35.39  ? 166 LEU A C   1 
ATOM   1216 O  O   . LEU A 1 161 ? -11.7153439 -19.5509065 -11.1794285 1 33.59  ? 166 LEU A O   1 
ATOM   1217 C  CB  . LEU A 1 161 ? -9.8743870  -16.7932655 -11.0679715 1 31.24  ? 166 LEU A CB  1 
ATOM   1218 C  CG  . LEU A 1 161 ? -10.0727660 -15.2999892 -10.7852850 1 33.14  ? 166 LEU A CG  1 
ATOM   1219 C  CD1 . LEU A 1 161 ? -9.0965713  -14.4399552 -11.5545180 1 26.53  ? 166 LEU A CD1 1 
ATOM   1220 C  CD2 . LEU A 1 161 ? -11.5114976 -14.8905823 -11.0951758 1 35.25  ? 166 LEU A CD2 1 
ATOM   1221 N  N   . GLN A 1 162 ? -9.6598122  -19.9042211 -10.3373409 1 32.83  ? 167 GLN A N   1 
ATOM   1222 C  CA  . GLN A 1 162 ? -9.6327734  -21.2740564 -10.8438439 1 27.54  ? 167 GLN A CA  1 
ATOM   1223 C  C   . GLN A 1 162 ? -10.7034372 -22.1569808 -10.2187033 1 33.65  ? 167 GLN A C   1 
ATOM   1224 O  O   . GLN A 1 162 ? -10.9013045 -23.2838568 -10.6825793 1 32.02  ? 167 GLN A O   1 
ATOM   1225 C  CB  . GLN A 1 162 ? -8.2576304  -21.8932397 -10.6127843 1 29.47  ? 167 GLN A CB  1 
ATOM   1226 C  CG  . GLN A 1 162 ? -7.2150708  -21.4242055 -11.6156748 1 28     ? 167 GLN A CG  1 
ATOM   1227 C  CD  . GLN A 1 162 ? -5.8164613  -21.9329380 -11.3009198 1 39.43  ? 167 GLN A CD  1 
ATOM   1228 O  OE1 . GLN A 1 162 ? -5.1187084  -21.3761050 -10.4502101 1 39.95  ? 167 GLN A OE1 1 
ATOM   1229 N  NE2 . GLN A 1 162 ? -5.3920761  -22.9911760 -12.0019194 1 33.42  ? 167 GLN A NE2 1 
ATOM   1230 N  N   . LEU A 1 163 ? -11.4046471 -21.6858056 -9.1924926  1 30.17  ? 168 LEU A N   1 
ATOM   1231 C  CA  . LEU A 1 163 ? -12.4739417 -22.4672352 -8.5988151  1 33.83  ? 168 LEU A CA  1 
ATOM   1232 C  C   . LEU A 1 163 ? -13.8675469 -21.9523129 -8.9216722  1 30.52  ? 168 LEU A C   1 
ATOM   1233 O  O   . LEU A 1 163 ? -14.8392774 -22.6214114 -8.5665089  1 34.69  ? 168 LEU A O   1 
ATOM   1234 C  CB  . LEU A 1 163 ? -12.3240296 -22.5180314 -7.0745320  1 29.07  ? 168 LEU A CB  1 
ATOM   1235 C  CG  . LEU A 1 163 ? -10.9713500 -22.9406801 -6.5187271  1 31.05  ? 168 LEU A CG  1 
ATOM   1236 C  CD1 . LEU A 1 163 ? -10.8906184 -22.5880631 -5.0465485  1 28.13  ? 168 LEU A CD1 1 
ATOM   1237 C  CD2 . LEU A 1 163 ? -10.7595364 -24.4174733 -6.7170820  1 25.1   ? 168 LEU A CD2 1 
ATOM   1238 N  N   . MET A 1 164 ? -14.0017843 -20.7710087 -9.5929513  1 33.24  ? 169 MET A N   1 
ATOM   1239 C  CA  . MET A 1 164 ? -15.3246266 -20.1774480 -9.7737604  1 34.91  ? 169 MET A CA  1 
ATOM   1240 C  C   . MET A 1 164 ? -15.8963265 -20.4820748 -11.1371909 1 32.77  ? 169 MET A C   1 
ATOM   1241 O  O   . MET A 1 164 ? -15.2530535 -20.1742334 -12.1472298 1 37.37  ? 169 MET A O   1 
ATOM   1242 C  CB  . MET A 1 164 ? -15.2860136 -18.6707772 -9.5930363  1 32.82  ? 169 MET A CB  1 
ATOM   1243 C  CG  . MET A 1 164 ? -14.8814010 -18.1890067 -8.2254926  1 36.72  ? 169 MET A CG  1 
ATOM   1244 S  SD  . MET A 1 164 ? -14.5224629 -16.4159886 -8.2435270  1 42.52  ? 169 MET A SD  1 
ATOM   1245 C  CE  . MET A 1 164 ? -16.0631643 -15.7719801 -8.8347243  1 29.98  ? 169 MET A CE  1 
ATOM   1246 N  N   . PRO A 1 165 ? -17.0973126 -21.0517298 -11.2180584 1 34.86  ? 170 PRO A N   1 
ATOM   1247 C  CA  . PRO A 1 165 ? -17.7794625 -21.1231668 -12.5133986 1 32.37  ? 170 PRO A CA  1 
ATOM   1248 C  C   . PRO A 1 165 ? -18.1314162 -19.7283459 -12.9966876 1 33.12  ? 170 PRO A C   1 
ATOM   1249 O  O   . PRO A 1 165 ? -18.5494513 -18.8714169 -12.2184586 1 34.42  ? 170 PRO A O   1 
ATOM   1250 C  CB  . PRO A 1 165 ? -19.0405118 -21.9460877 -12.2192051 1 29.7   ? 170 PRO A CB  1 
ATOM   1251 C  CG  . PRO A 1 165 ? -18.7773344 -22.6416662 -10.9362513 1 32.4   ? 170 PRO A CG  1 
ATOM   1252 C  CD  . PRO A 1 165 ? -17.8504438 -21.7390331 -10.1566204 1 36.63  ? 170 PRO A CD  1 
ATOM   1253 N  N   . ALA A 1 166 ? -17.9518783 -19.4982799 -14.2920994 1 35.46  ? 171 ALA A N   1 
ATOM   1254 C  CA  . ALA A 1 166 ? -18.3518815 -18.2198933 -14.8604488 1 29.83  ? 171 ALA A CA  1 
ATOM   1255 C  C   . ALA A 1 166 ? -19.8091600 -17.9386739 -14.5220173 1 35.81  ? 171 ALA A C   1 
ATOM   1256 O  O   . ALA A 1 166 ? -20.6384900 -18.8535934 -14.4729456 1 34.43  ? 171 ALA A O   1 
ATOM   1257 C  CB  . ALA A 1 166 ? -18.1387163 -18.2145875 -16.3725889 1 31.2   ? 171 ALA A CB  1 
ATOM   1258 N  N   . GLY A 1 167 ? -20.1119704 -16.6646809 -14.2632668 1 31.62  ? 172 GLY A N   1 
ATOM   1259 C  CA  . GLY A 1 167 ? -21.4218861 -16.2664781 -13.7912197 1 31.92  ? 172 GLY A CA  1 
ATOM   1260 C  C   . GLY A 1 167 ? -21.5735363 -16.2060202 -12.2825471 1 30.85  ? 172 GLY A C   1 
ATOM   1261 O  O   . GLY A 1 167 ? -22.5965061 -15.7057090 -11.8002551 1 33.89  ? 172 GLY A O   1 
ATOM   1262 N  N   . SER A 1 168 ? -20.5899196 -16.6894666 -11.5278096 1 29.28  ? 173 SER A N   1 
ATOM   1263 C  CA  . SER A 1 168 ? -20.6440543 -16.7200655 -10.0743853 1 29.26  ? 173 SER A CA  1 
ATOM   1264 C  C   . SER A 1 168 ? -20.2791434 -15.3702728 -9.4788445  1 29.6   ? 173 SER A C   1 
ATOM   1265 O  O   . SER A 1 168 ? -19.6826919 -14.5076531 -10.1295093 1 31.41  ? 173 SER A O   1 
ATOM   1266 C  CB  . SER A 1 168 ? -19.6902443 -17.7721788 -9.5120810  1 28.74  ? 173 SER A CB  1 
ATOM   1267 O  OG  . SER A 1 168 ? -20.1612998 -19.0827241 -9.7489772  1 35.4   ? 173 SER A OG  1 
ATOM   1268 N  N   . THR A 1 169 ? -20.6405728 -15.2039451 -8.2093084  1 28.68  ? 174 THR A N   1 
ATOM   1269 C  CA  . THR A 1 169 ? -20.2157229 -14.0635276 -7.4113537  1 24.52  ? 174 THR A CA  1 
ATOM   1270 C  C   . THR A 1 169 ? -19.7654705 -14.5833691 -6.0539788  1 28.03  ? 174 THR A C   1 
ATOM   1271 O  O   . THR A 1 169 ? -20.5361347 -15.2505332 -5.3548059  1 33.56  ? 174 THR A O   1 
ATOM   1272 C  CB  . THR A 1 169 ? -21.3439720 -13.0416116 -7.2718425  1 27.85  ? 174 THR A CB  1 
ATOM   1273 O  OG1 . THR A 1 169 ? -21.7129060 -12.5821972 -8.5717117  1 32.37  ? 174 THR A OG1 1 
ATOM   1274 C  CG2 . THR A 1 169 ? -20.8891487 -11.8438155 -6.4527623  1 29.6   ? 174 THR A CG2 1 
ATOM   1275 N  N   . TRP A 1 170 ? -18.5121568 -14.3022725 -5.6953114  1 29.02  ? 175 TRP A N   1 
ATOM   1276 C  CA  . TRP A 1 170 ? -17.9479143 -14.7177596 -4.4204616  1 27.31  ? 175 TRP A CA  1 
ATOM   1277 C  C   . TRP A 1 170 ? -17.3782296 -13.5194892 -3.6896630  1 31.5   ? 175 TRP A C   1 
ATOM   1278 O  O   . TRP A 1 170 ? -16.9702737 -12.5316340 -4.3055355  1 32.08  ? 175 TRP A O   1 
ATOM   1279 C  CB  . TRP A 1 170 ? -16.8089039 -15.7161708 -4.5652378  1 29.1   ? 175 TRP A CB  1 
ATOM   1280 C  CG  . TRP A 1 170 ? -17.1680777 -17.0299121 -5.1305564  1 34.98  ? 175 TRP A CG  1 
ATOM   1281 C  CD1 . TRP A 1 170 ? -18.3418592 -17.3831871 -5.7275301  1 33.8   ? 175 TRP A CD1 1 
ATOM   1282 C  CD2 . TRP A 1 170 ? -16.3234394 -18.1757553 -5.1919846  1 28     ? 175 TRP A CD2 1 
ATOM   1283 N  NE1 . TRP A 1 170 ? -18.2812777 -18.6814328 -6.1387502  1 30.74  ? 175 TRP A NE1 1 
ATOM   1284 C  CE2 . TRP A 1 170 ? -17.0512621 -19.1912058 -5.8241360  1 32.13  ? 175 TRP A CE2 1 
ATOM   1285 C  CE3 . TRP A 1 170 ? -15.0206967 -18.4412886 -4.7669356  1 32.7   ? 175 TRP A CE3 1 
ATOM   1286 C  CZ2 . TRP A 1 170 ? -16.5265952 -20.4582798 -6.0391849  1 39.59  ? 175 TRP A CZ2 1 
ATOM   1287 C  CZ3 . TRP A 1 170 ? -14.5021744 -19.7005235 -4.9694231  1 33.25  ? 175 TRP A CZ3 1 
ATOM   1288 C  CH2 . TRP A 1 170 ? -15.2486798 -20.6915849 -5.6057130  1 36.93  ? 175 TRP A CH2 1 
ATOM   1289 N  N   . GLU A 1 171 ? -17.3308827 -13.6345709 -2.3660930  1 31.07  ? 176 GLU A N   1 
ATOM   1290 C  CA  . GLU A 1 171 ? -16.4991371 -12.7786634 -1.5333099  1 35.01  ? 176 GLU A CA  1 
ATOM   1291 C  C   . GLU A 1 171 ? -15.2728033 -13.5807631 -1.1200625  1 33.49  ? 176 GLU A C   1 
ATOM   1292 O  O   . GLU A 1 171 ? -15.4037848 -14.7147091 -0.6476355  1 34.09  ? 176 GLU A O   1 
ATOM   1293 C  CB  . GLU A 1 171 ? -17.2568843 -12.2872808 -0.2954055  1 32.49  ? 176 GLU A CB  1 
ATOM   1294 C  CG  . GLU A 1 171 ? -16.5804176 -11.1100326 0.4146884   1 39.36  ? 176 GLU A CG  1 
ATOM   1295 C  CD  . GLU A 1 171 ? -17.5174546 -10.3226128 1.3340538   1 40.61  ? 176 GLU A CD  1 
ATOM   1296 O  OE1 . GLU A 1 171 ? -18.1194744 -10.9279283 2.2479610   1 38.72  ? 176 GLU A OE1 1 
ATOM   1297 O  OE2 . GLU A 1 171 ? -17.6472273 -9.0933384  1.1413298   1 45.14  ? 176 GLU A OE2 1 
ATOM   1298 N  N   . ILE A 1 172 ? -14.0858802 -13.0131855 -1.3226097  1 28.84  ? 177 ILE A N   1 
ATOM   1299 C  CA  . ILE A 1 172 ? -12.8484299 -13.6915849 -0.9653591  1 28.25  ? 177 ILE A CA  1 
ATOM   1300 C  C   . ILE A 1 172 ? -12.0683530 -12.8409699 0.0204315   1 32.27  ? 177 ILE A C   1 
ATOM   1301 O  O   . ILE A 1 172 ? -12.0443440 -11.6075535 -0.0655028  1 30.49  ? 177 ILE A O   1 
ATOM   1302 C  CB  . ILE A 1 172 ? -11.9793689 -14.0285310 -2.1926510  1 28.93  ? 177 ILE A CB  1 
ATOM   1303 C  CG1 . ILE A 1 172 ? -11.4242567 -12.7637853 -2.8351443  1 28.09  ? 177 ILE A CG1 1 
ATOM   1304 C  CG2 . ILE A 1 172 ? -12.7687132 -14.8585339 -3.1927334  1 27.14  ? 177 ILE A CG2 1 
ATOM   1305 C  CD1 . ILE A 1 172 ? -10.3433753 -13.0570232 -3.8358800  1 32.88  ? 177 ILE A CD1 1 
ATOM   1306 N  N   . TYR A 1 173 ? -11.4142045 -13.5195452 0.9480172   1 32.5   ? 178 TYR A N   1 
ATOM   1307 C  CA  . TYR A 1 173 ? -10.6291357 -12.8944667 1.9981071   1 32.84  ? 178 TYR A CA  1 
ATOM   1308 C  C   . TYR A 1 173 ? -9.2045348  -13.3877699 1.8437914   1 33.51  ? 178 TYR A C   1 
ATOM   1309 O  O   . TYR A 1 173 ? -8.9391392  -14.5852909 1.9852011   1 32.92  ? 178 TYR A O   1 
ATOM   1310 C  CB  . TYR A 1 173 ? -11.2043528 -13.2356777 3.3697865   1 31.46  ? 178 TYR A CB  1 
ATOM   1311 C  CG  . TYR A 1 173 ? -12.7160265 -13.2251591 3.3484567   1 33.29  ? 178 TYR A CG  1 
ATOM   1312 C  CD1 . TYR A 1 173 ? -13.4377706 -14.3560130 2.9595894   1 36.46  ? 178 TYR A CD1 1 
ATOM   1313 C  CD2 . TYR A 1 173 ? -13.4313605 -12.0773860 3.6873497   1 36.45  ? 178 TYR A CD2 1 
ATOM   1314 C  CE1 . TYR A 1 173 ? -14.8349184 -14.3456429 2.9224868   1 33.35  ? 178 TYR A CE1 1 
ATOM   1315 C  CE2 . TYR A 1 173 ? -14.8236267 -12.0634825 3.6596644   1 33.4   ? 178 TYR A CE2 1 
ATOM   1316 C  CZ  . TYR A 1 173 ? -15.5138705 -13.1993784 3.2743060   1 30.9   ? 178 TYR A CZ  1 
ATOM   1317 O  OH  . TYR A 1 173 ? -16.8873018 -13.1848261 3.2386316   1 37.92  ? 178 TYR A OH  1 
ATOM   1318 N  N   . VAL A 1 174 ? -8.2988873  -12.4675313 1.5376042   1 31.68  ? 179 VAL A N   1 
ATOM   1319 C  CA  . VAL A 1 174 ? -6.9861726  -12.7948503 1.0040620   1 28.14  ? 179 VAL A CA  1 
ATOM   1320 C  C   . VAL A 1 174 ? -5.9433339  -12.4686144 2.0719486   1 34.47  ? 179 VAL A C   1 
ATOM   1321 O  O   . VAL A 1 174 ? -5.7409998  -11.2878457 2.3927664   1 33.07  ? 179 VAL A O   1 
ATOM   1322 C  CB  . VAL A 1 174 ? -6.7240113  -12.0205361 -0.2918107  1 27.93  ? 179 VAL A CB  1 
ATOM   1323 C  CG1 . VAL A 1 174 ? -5.4166807  -12.4702574 -0.9383604  1 28.05  ? 179 VAL A CG1 1 
ATOM   1324 C  CG2 . VAL A 1 174 ? -7.8992619  -12.2087947 -1.2369602  1 26.6   ? 179 VAL A CG2 1 
ATOM   1325 N  N   . PRO A 1 175 ? -5.2533038  -13.4580744 2.6376803   1 29.02  ? 180 PRO A N   1 
ATOM   1326 C  CA  . PRO A 1 175 ? -4.1389113  -13.1411360 3.5360451   1 30.9   ? 180 PRO A CA  1 
ATOM   1327 C  C   . PRO A 1 175 ? -3.0363070  -12.4284319 2.7697314   1 33.05  ? 180 PRO A C   1 
ATOM   1328 O  O   . PRO A 1 175 ? -2.8305343  -12.6549457 1.5739425   1 33.48  ? 180 PRO A O   1 
ATOM   1329 C  CB  . PRO A 1 175 ? -3.6806117  -14.5107575 4.0441638   1 29.23  ? 180 PRO A CB  1 
ATOM   1330 C  CG  . PRO A 1 175 ? -4.1376582  -15.4739775 2.9819168   1 36.47  ? 180 PRO A CG  1 
ATOM   1331 C  CD  . PRO A 1 175 ? -5.4221766  -14.9080979 2.4432278   1 30.98  ? 180 PRO A CD  1 
ATOM   1332 N  N   . SER A 1 176 ? -2.3259546  -11.5506936 3.4776861   1 30.11  ? 181 SER A N   1 
ATOM   1333 C  CA  . SER A 1 176 ? -1.3647883  -10.6763897 2.8139970   1 33.12  ? 181 SER A CA  1 
ATOM   1334 C  C   . SER A 1 176 ? -0.3729678  -11.4567197 1.9619035   1 36.03  ? 181 SER A C   1 
ATOM   1335 O  O   . SER A 1 176 ? 0.0635575   -10.9674563 0.9137671   1 36.58  ? 181 SER A O   1 
ATOM   1336 C  CB  . SER A 1 176 ? -0.6360854  -9.8280094  3.8542277   1 34.22  ? 181 SER A CB  1 
ATOM   1337 O  OG  . SER A 1 176 ? -0.0347873  -10.6399099 4.8455334   1 37.47  ? 181 SER A OG  1 
ATOM   1338 N  N   . GLY A 1 177 ? -0.0195605  -12.6722920 2.3841941   1 34.57  ? 182 GLY A N   1 
ATOM   1339 C  CA  . GLY A 1 177 ? 0.8952267   -13.4830173 1.6028679   1 31.46  ? 182 GLY A CA  1 
ATOM   1340 C  C   . GLY A 1 177 ? 0.3837236   -13.7776805 0.2098050   1 34.8   ? 182 GLY A C   1 
ATOM   1341 O  O   . GLY A 1 177 ? 1.1710540   -13.8865639 -0.7335265  1 34.37  ? 182 GLY A O   1 
ATOM   1342 N  N   . LEU A 1 178 ? -0.9297124  -13.9104821 0.0567705   1 34.03  ? 183 LEU A N   1 
ATOM   1343 C  CA  . LEU A 1 178 ? -1.5371930  -14.0859662 -1.2495992  1 33.9   ? 183 LEU A CA  1 
ATOM   1344 C  C   . LEU A 1 178 ? -1.8555342  -12.7562697 -1.9252966  1 38.02  ? 183 LEU A C   1 
ATOM   1345 O  O   . LEU A 1 178 ? -2.4450655  -12.7504978 -3.0095289  1 37.82  ? 183 LEU A O   1 
ATOM   1346 C  CB  . LEU A 1 178 ? -2.8056873  -14.9288255 -1.1192746  1 28.95  ? 183 LEU A CB  1 
ATOM   1347 C  CG  . LEU A 1 178 ? -2.5007088  -16.3298435 -0.5708708  1 35.3   ? 183 LEU A CG  1 
ATOM   1348 C  CD1 . LEU A 1 178 ? -3.7768510  -17.1288389 -0.3712752  1 33.71  ? 183 LEU A CD1 1 
ATOM   1349 C  CD2 . LEU A 1 178 ? -1.5431501  -17.0484198 -1.4934669  1 27.82  ? 183 LEU A CD2 1 
ATOM   1350 N  N   . ALA A 1 179 ? -1.4959092  -11.6306853 -1.3052259  1 36.84  ? 184 ALA A N   1 
ATOM   1351 C  CA  . ALA A 1 179 ? -1.7751261  -10.3187104 -1.8862437  1 36.78  ? 184 ALA A CA  1 
ATOM   1352 C  C   . ALA A 1 179 ? -0.6026558  -9.4314031  -2.2879090  1 37.89  ? 184 ALA A C   1 
ATOM   1353 O  O   . ALA A 1 179 ? -0.1224987  -9.4981124  -3.4254076  1 37.92  ? 184 ALA A O   1 
ATOM   1354 C  CB  . ALA A 1 179 ? -2.6813153  -9.4877928  -0.9812431  1 30.18  ? 184 ALA A CB  1 
ATOM   1355 N  N   . TYR A 1 180 ? -0.1461397  -8.5703339  -1.3910462  1 35.72  ? 185 TYR A N   1 
ATOM   1356 C  CA  . TYR A 1 180 ? 0.9597740   -7.6492703  -1.7434803  1 39.24  ? 185 TYR A CA  1 
ATOM   1357 C  C   . TYR A 1 180 ? 2.0649393   -7.7866661  -0.6932297  1 40.57  ? 185 TYR A C   1 
ATOM   1358 O  O   . TYR A 1 180 ? 3.0956102   -7.1200375  -0.8170104  1 45.07  ? 185 TYR A O   1 
ATOM   1359 C  CB  . TYR A 1 180 ? 0.4214709   -6.2309325  -1.9290650  1 37.54  ? 185 TYR A CB  1 
ATOM   1360 C  CG  . TYR A 1 180 ? -0.3501136  -6.0265073  -3.2024387  1 40.17  ? 185 TYR A CG  1 
ATOM   1361 C  CD1 . TYR A 1 180 ? 0.3051022   -5.8288228  -4.4033043  1 36.52  ? 185 TYR A CD1 1 
ATOM   1362 C  CD2 . TYR A 1 180 ? -1.7325570  -6.0499461  -3.2103740  1 38.23  ? 185 TYR A CD2 1 
ATOM   1363 C  CE1 . TYR A 1 180 ? -0.3933803  -5.6473637  -5.5819275  1 44.85  ? 185 TYR A CE1 1 
ATOM   1364 C  CE2 . TYR A 1 180 ? -2.4473397  -5.8725254  -4.3795636  1 42.02  ? 185 TYR A CE2 1 
ATOM   1365 C  CZ  . TYR A 1 180 ? -1.7751082  -5.6693267  -5.5696561  1 45.74  ? 185 TYR A CZ  1 
ATOM   1366 O  OH  . TYR A 1 180 ? -2.4738813  -5.4959980  -6.7308492  1 50.04  ? 185 TYR A OH  1 
ATOM   1367 N  N   . GLY A 1 181 ? 1.8547666   -8.6582356  0.2845965   1 36.35  ? 186 GLY A N   1 
ATOM   1368 C  CA  . GLY A 1 181 ? 2.8596830   -8.8952996  1.3281073   1 37.92  ? 186 GLY A CA  1 
ATOM   1369 C  C   . GLY A 1 181 ? 3.3984552   -7.6125621  1.9222907   1 45.67  ? 186 GLY A C   1 
ATOM   1370 O  O   . GLY A 1 181 ? 2.6127662   -6.6864520  2.1621800   1 45.67  ? 186 GLY A O   1 
ATOM   1371 N  N   . PRO A 1 182 ? 4.7161044   -7.5260697  2.1738732   1 47.45  ? 187 PRO A N   1 
ATOM   1372 C  CA  . PRO A 1 182 ? 5.3026818   -6.3426421  2.8083580   1 49.75  ? 187 PRO A CA  1 
ATOM   1373 C  C   . PRO A 1 182 ? 5.4637367   -5.1362666  1.8702234   1 48.76  ? 187 PRO A C   1 
ATOM   1374 O  O   . PRO A 1 182 ? 6.5527623   -4.6429063  1.7539135   1 53.91  ? 187 PRO A O   1 
ATOM   1375 C  CB  . PRO A 1 182 ? 6.6695154   -6.8869391  3.2241797   1 47.77  ? 187 PRO A CB  1 
ATOM   1376 C  CG  . PRO A 1 182 ? 7.0094267   -7.8929624  2.1570328   1 45.68  ? 187 PRO A CG  1 
ATOM   1377 C  CD  . PRO A 1 182 ? 5.6906738   -8.5657724  1.8566088   1 39.75  ? 187 PRO A CD  1 
ATOM   1378 N  N   . ARG A 1 183 ? 4.3743704   -4.6780096  1.2571634   1 53.55  ? 188 ARG A N   1 
ATOM   1379 C  CA  . ARG A 1 183 ? 4.4138856   -3.5425351  0.3022319   1 56.72  ? 188 ARG A CA  1 
ATOM   1380 C  C   . ARG A 1 183 ? 4.9571045   -2.2918393  0.9934182   1 60.39  ? 188 ARG A C   1 
ATOM   1381 O  O   . ARG A 1 183 ? 4.6311870   -1.9958406  2.1421638   1 62.76  ? 188 ARG A O   1 
ATOM   1382 C  CB  . ARG A 1 183 ? 2.9996583   -3.2980311  -0.2257634  1 55.37  ? 188 ARG A CB  1 
ATOM   1383 C  CG  . ARG A 1 183 ? 2.8957448   -2.2437999  -1.3176538  1 62.17  ? 188 ARG A CG  1 
ATOM   1384 C  CD  . ARG A 1 183 ? 1.5126980   -2.2729434  -1.9388093  1 62.57  ? 188 ARG A CD  1 
ATOM   1385 N  NE  . ARG A 1 183 ? 1.4136343   -1.4329570  -3.1210306  1 63.37  ? 188 ARG A NE  1 
ATOM   1386 C  CZ  . ARG A 1 183 ? 1.7852364   -1.8011771  -4.3407973  1 63.01  ? 188 ARG A CZ  1 
ATOM   1387 N  NH1 . ARG A 1 183 ? 2.2793942   -3.0078516  -4.5502694  1 59.77  ? 188 ARG A NH1 1 
ATOM   1388 N  NH2 . ARG A 1 183 ? 1.6611313   -0.9586530  -5.3512849  1 65.84  ? 188 ARG A NH2 1 
ATOM   1389 N  N   . SER A 1 184 ? 5.7908953   -1.5406281  0.2643938   1 30     ? 189 SER A N   1 
ATOM   1390 C  CA  . SER A 1 184 ? 6.3719437   -0.2896042  0.8193603   1 30     ? 189 SER A CA  1 
ATOM   1391 C  C   . SER A 1 184 ? 6.5744072   0.7269593   -0.3086868  1 30     ? 189 SER A C   1 
ATOM   1392 O  O   . SER A 1 184 ? 7.5328210   1.5181397   -0.2155649  1 30     ? 189 SER A O   1 
ATOM   1393 C  CB  . SER A 1 184 ? 7.6718194   -0.5626170  1.5295669   1 30     ? 189 SER A CB  1 
ATOM   1394 O  OG  . SER A 1 184 ? 8.1465299   -1.8712827  1.2478133   1 30     ? 189 SER A OG  1 
ATOM   1395 N  N   . VAL A 1 185 ? 5.7110929   0.7079360   -1.3293030  1 83.76  ? 190 VAL A N   1 
ATOM   1396 C  CA  . VAL A 1 185 ? 5.9045581   1.6071943   -2.5063657  1 90.24  ? 190 VAL A CA  1 
ATOM   1397 C  C   . VAL A 1 185 ? 4.5645508   2.2336518   -2.9024633  1 86.13  ? 190 VAL A C   1 
ATOM   1398 O  O   . VAL A 1 185 ? 4.5859516   3.3070477   -3.5337606  1 77.79  ? 190 VAL A O   1 
ATOM   1399 C  CB  . VAL A 1 185 ? 6.5168904   0.8356919   -3.6908998  1 95.23  ? 190 VAL A CB  1 
ATOM   1400 C  CG1 . VAL A 1 185 ? 8.0374526   0.8416957   -3.6463967  1 92.39  ? 190 VAL A CG1 1 
ATOM   1401 C  CG2 . VAL A 1 185 ? 5.9856915   -0.5879654  -3.7678509  1 97.41  ? 190 VAL A CG2 1 
ATOM   1402 N  N   . GLY A 1 186 ? 3.4492559   1.5891050   -2.5506910  1 84.08  ? 191 GLY A N   1 
ATOM   1403 C  CA  . GLY A 1 186 ? 2.1185326   2.0817893   -2.9612997  1 76.72  ? 191 GLY A CA  1 
ATOM   1404 C  C   . GLY A 1 186 ? 1.2842822   2.4941672   -1.7648505  1 75.31  ? 191 GLY A C   1 
ATOM   1405 O  O   . GLY A 1 186 ? 1.2012428   1.7061673   -0.8070814  1 70.82  ? 191 GLY A O   1 
ATOM   1406 N  N   . GLY A 1 187 ? 0.6814162   3.6805451   -1.8207000  1 71.57  ? 192 GLY A N   1 
ATOM   1407 C  CA  . GLY A 1 187 ? -0.0840727  4.2089659   -0.6775228  1 63.91  ? 192 GLY A CA  1 
ATOM   1408 C  C   . GLY A 1 187 ? -1.3892842  3.4926771   -0.3865347  1 65.3   ? 192 GLY A C   1 
ATOM   1409 O  O   . GLY A 1 187 ? -1.6303116  3.2195131   0.7993390   1 68.36  ? 192 GLY A O   1 
ATOM   1410 N  N   . PRO A 1 188 ? -2.2774243  3.2007419   -1.3615460  1 61.81  ? 193 PRO A N   1 
ATOM   1411 C  CA  . PRO A 1 188 ? -3.5845652  2.6148292   -1.0520011  1 61.39  ? 193 PRO A CA  1 
ATOM   1412 C  C   . PRO A 1 188 ? -3.4683870  1.4268187   -0.0920147  1 58.03  ? 193 PRO A C   1 
ATOM   1413 O  O   . PRO A 1 188 ? -4.1690468  1.3754742   0.8909301   1 49.06  ? 193 PRO A O   1 
ATOM   1414 C  CB  . PRO A 1 188 ? -4.0946362  2.1230115   -2.4117614  1 50.02  ? 193 PRO A CB  1 
ATOM   1415 C  CG  . PRO A 1 188 ? -2.9024414  2.2164037   -3.3347122  1 54.61  ? 193 PRO A CG  1 
ATOM   1416 C  CD  . PRO A 1 188 ? -2.1134517  3.3888584   -2.8000765  1 57.83  ? 193 PRO A CD  1 
ATOM   1417 N  N   . ILE A 1 189 ? -2.5740754  0.5010845   -0.4136229  1 55.19  ? 194 ILE A N   1 
ATOM   1418 C  CA  . ILE A 1 189 ? -2.4610583  -0.7232651  0.4167970   1 55.34  ? 194 ILE A CA  1 
ATOM   1419 C  C   . ILE A 1 189 ? -1.1614910  -0.6867163  1.2114988   1 53.55  ? 194 ILE A C   1 
ATOM   1420 O  O   . ILE A 1 189 ? -0.0914503  -0.6682941  0.5900341   1 52.04  ? 194 ILE A O   1 
ATOM   1421 C  CB  . ILE A 1 189 ? -2.5833850  -1.9799483  -0.4634499  1 51.41  ? 194 ILE A CB  1 
ATOM   1422 C  CG1 . ILE A 1 189 ? -3.8851583  -1.9691404  -1.2677680  1 41.25  ? 194 ILE A CG1 1 
ATOM   1423 C  CG2 . ILE A 1 189 ? -2.4464853  -3.2411166  0.3729704   1 42.93  ? 194 ILE A CG2 1 
ATOM   1424 C  CD1 . ILE A 1 189 ? -4.1162669  -3.2196930  -2.0729021  1 44.87  ? 194 ILE A CD1 1 
ATOM   1425 N  N   . GLY A 1 190 ? -1.2693792  -0.6217735  2.5306833   1 47.37  ? 195 GLY A N   1 
ATOM   1426 C  CA  . GLY A 1 190 ? -0.1418734  -0.7173167  3.4031833   1 47.12  ? 195 GLY A CA  1 
ATOM   1427 C  C   . GLY A 1 190 ? 0.4659245   -2.1054724  3.3770429   1 47.91  ? 195 GLY A C   1 
ATOM   1428 O  O   . GLY A 1 190 ? 0.0315698   -2.9908418  2.6293390   1 46.17  ? 195 GLY A O   1 
ATOM   1429 N  N   . PRO A 1 191 ? 1.4809736   -2.3061011  4.2058217   1 41.97  ? 196 PRO A N   1 
ATOM   1430 C  CA  . PRO A 1 191 ? 2.1779901   -3.5911104  4.2291672   1 43.56  ? 196 PRO A CA  1 
ATOM   1431 C  C   . PRO A 1 191 ? 1.4408894   -4.6447331  5.0384186   1 41.88  ? 196 PRO A C   1 
ATOM   1432 O  O   . PRO A 1 191 ? 0.7958178   -4.3608747  6.0527164   1 37.26  ? 196 PRO A O   1 
ATOM   1433 C  CB  . PRO A 1 191 ? 3.5161624   -3.2426017  4.8878741   1 49.02  ? 196 PRO A CB  1 
ATOM   1434 C  CG  . PRO A 1 191 ? 3.1791060   -2.0974100  5.7836704   1 44.85  ? 196 PRO A CG  1 
ATOM   1435 C  CD  . PRO A 1 191 ? 2.1411951   -1.3004991  5.0539362   1 44.57  ? 196 PRO A CD  1 
ATOM   1436 N  N   . ASN A 1 192 ? 1.6383463   -5.9113520  4.6288876   1 36.35  ? 197 ASN A N   1 
ATOM   1437 C  CA  . ASN A 1 192 ? 1.0684893   -7.0746723  5.3648049   1 38.41  ? 197 ASN A CA  1 
ATOM   1438 C  C   . ASN A 1 192 ? -0.4273920  -6.8887099  5.5959686   1 34.81  ? 197 ASN A C   1 
ATOM   1439 O  O   . ASN A 1 192 ? -0.9142505  -7.3055753  6.6424067   1 32.84  ? 197 ASN A O   1 
ATOM   1440 C  CB  . ASN A 1 192 ? 1.8543911   -7.3865245  6.6375132   1 34.29  ? 197 ASN A CB  1 
ATOM   1441 C  CG  . ASN A 1 192 ? 3.2291342   -7.9401160  6.3432703   1 37.66  ? 197 ASN A CG  1 
ATOM   1442 O  OD1 . ASN A 1 192 ? 3.5231473   -8.3074504  5.2102827   1 37.88  ? 197 ASN A OD1 1 
ATOM   1443 N  ND2 . ASN A 1 192 ? 4.0759368   -8.0019362  7.3553579   1 36.7   ? 197 ASN A ND2 1 
ATOM   1444 N  N   . GLU A 1 193 ? -1.1363949  -6.3233887  4.6142427   1 32.45  ? 198 GLU A N   1 
ATOM   1445 C  CA  . GLU A 1 193 ? -2.5849721  -6.0324736  4.7933415   1 38.76  ? 198 GLU A CA  1 
ATOM   1446 C  C   . GLU A 1 193 ? -3.4467037  -7.1555979  4.2050167   1 35.79  ? 198 GLU A C   1 
ATOM   1447 O  O   . GLU A 1 193 ? -3.2262754  -7.5101926  3.0301412   1 30.81  ? 198 GLU A O   1 
ATOM   1448 C  CB  . GLU A 1 193 ? -2.9371689  -4.6986730  4.1346368   1 40.25  ? 198 GLU A CB  1 
ATOM   1449 C  CG  . GLU A 1 193 ? -3.5360918  -3.6979880  5.1016191   1 49.99  ? 198 GLU A CG  1 
ATOM   1450 C  CD  . GLU A 1 193 ? -3.0911044  -2.2664278  4.8654798   1 51.93  ? 198 GLU A CD  1 
ATOM   1451 O  OE1 . GLU A 1 193 ? -3.3908202  -1.7289522  3.7820906   1 56.8   ? 198 GLU A OE1 1 
ATOM   1452 O  OE2 . GLU A 1 193 ? -2.4430107  -1.6952994  5.7631732   1 58.72  ? 198 GLU A OE2 1 
ATOM   1453 N  N   . THR A 1 194 ? -4.3973553  -7.6803619  4.9873686   1 29.55  ? 199 THR A N   1 
ATOM   1454 C  CA  . THR A 1 194 ? -5.3387020  -8.7139004  4.4726299   1 34.88  ? 199 THR A CA  1 
ATOM   1455 C  C   . THR A 1 194 ? -6.4143281  -8.0016631  3.6452266   1 38.82  ? 199 THR A C   1 
ATOM   1456 O  O   . THR A 1 194 ? -6.8504787  -6.9139009  4.0739637   1 41.67  ? 199 THR A O   1 
ATOM   1457 C  CB  . THR A 1 194 ? -5.9032714  -9.5580893  5.6240693   1 36.11  ? 199 THR A CB  1 
ATOM   1458 O  OG1 . THR A 1 194 ? -4.9844100  -10.6226630 5.8720779   1 34.42  ? 199 THR A OG1 1 
ATOM   1459 C  CG2 . THR A 1 194 ? -7.2769570  -10.1283645 5.3439251   1 28.15  ? 199 THR A CG2 1 
ATOM   1460 N  N   . LEU A 1 195 ? -6.8236947  -8.5767484  2.5089665   1 34.03  ? 200 LEU A N   1 
ATOM   1461 C  CA  . LEU A 1 195 ? -7.7720067  -7.8640709  1.6182337   1 31.62  ? 200 LEU A CA  1 
ATOM   1462 C  C   . LEU A 1 195 ? -9.0950900  -8.6172374  1.4609761   1 34.74  ? 200 LEU A C   1 
ATOM   1463 O  O   . LEU A 1 195 ? -9.0825108  -9.8537500  1.5130994   1 32.27  ? 200 LEU A O   1 
ATOM   1464 C  CB  . LEU A 1 195 ? -7.0911092  -7.6874635  0.2600480   1 29.69  ? 200 LEU A CB  1 
ATOM   1465 C  CG  . LEU A 1 195 ? -5.7327331  -6.9880953  0.2552476   1 36.67  ? 200 LEU A CG  1 
ATOM   1466 C  CD1 . LEU A 1 195 ? -5.2181227  -6.8424060  -1.1661258  1 27.62  ? 200 LEU A CD1 1 
ATOM   1467 C  CD2 . LEU A 1 195 ? -5.8104742  -5.6252452  0.9217232   1 36.73  ? 200 LEU A CD2 1 
ATOM   1468 N  N   . ILE A 1 196 ? -10.1935123 -7.8791667  1.2971396   1 32.13  ? 201 ILE A N   1 
ATOM   1469 C  CA  . ILE A 1 196 ? -11.5038612 -8.4725904  1.0644076   1 33.38  ? 201 ILE A CA  1 
ATOM   1470 C  C   . ILE A 1 196 ? -11.9957357 -8.0443598  -0.3102895  1 31.74  ? 201 ILE A C   1 
ATOM   1471 O  O   . ILE A 1 196 ? -12.0337838 -6.8475323  -0.6127168  1 34.95  ? 201 ILE A O   1 
ATOM   1472 C  CB  . ILE A 1 196 ? -12.5128951 -8.0709816  2.1518306   1 33.96  ? 201 ILE A CB  1 
ATOM   1473 C  CG1 . ILE A 1 196 ? -11.8795875 -8.2061025  3.5355466   1 36.14  ? 201 ILE A CG1 1 
ATOM   1474 C  CG2 . ILE A 1 196 ? -13.7407555 -8.9280231  2.0557380   1 32.88  ? 201 ILE A CG2 1 
ATOM   1475 C  CD1 . ILE A 1 196 ? -12.7828887 -7.7796643  4.6604676   1 38.84  ? 201 ILE A CD1 1 
ATOM   1476 N  N   . PHE A 1 197 ? -12.3937726 -9.0162909  -1.1282293  1 29.32  ? 202 PHE A N   1 
ATOM   1477 C  CA  . PHE A 1 197 ? -12.8725419 -8.7600412  -2.4781112  1 28.45  ? 202 PHE A CA  1 
ATOM   1478 C  C   . PHE A 1 197 ? -14.2531447 -9.3621160  -2.6867903  1 31.75  ? 202 PHE A C   1 
ATOM   1479 O  O   . PHE A 1 197 ? -14.5147026 -10.4952864 -2.2741813  1 33.71  ? 202 PHE A O   1 
ATOM   1480 C  CB  . PHE A 1 197 ? -11.9463032 -9.3561599  -3.5360740  1 32.14  ? 202 PHE A CB  1 
ATOM   1481 C  CG  . PHE A 1 197 ? -10.6148669 -8.6776064  -3.6570230  1 29.18  ? 202 PHE A CG  1 
ATOM   1482 C  CD1 . PHE A 1 197 ? -9.5277331  -9.1344098  -2.9383320  1 29.75  ? 202 PHE A CD1 1 
ATOM   1483 C  CD2 . PHE A 1 197 ? -10.4343979 -7.6202173  -4.5246867  1 31.25  ? 202 PHE A CD2 1 
ATOM   1484 C  CE1 . PHE A 1 197 ? -8.2916798  -8.5324272  -3.0688201  1 31.31  ? 202 PHE A CE1 1 
ATOM   1485 C  CE2 . PHE A 1 197 ? -9.1967866  -7.0103241  -4.6614989  1 32.35  ? 202 PHE A CE2 1 
ATOM   1486 C  CZ  . PHE A 1 197 ? -8.1253398  -7.4693205  -3.9356588  1 29.15  ? 202 PHE A CZ  1 
ATOM   1487 N  N   . LYS A 1 198 ? -15.1288776 -8.5961044  -3.3388486  1 32.05  ? 203 LYS A N   1 
ATOM   1488 C  CA  . LYS A 1 198 ? -16.3072931 -9.1274186  -4.0103984  1 32.32  ? 203 LYS A CA  1 
ATOM   1489 C  C   . LYS A 1 198 ? -15.9483850 -9.2764370  -5.4854972  1 33.81  ? 203 LYS A C   1 
ATOM   1490 O  O   . LYS A 1 198 ? -15.5205033 -8.3100321  -6.1229765  1 36.26  ? 203 LYS A O   1 
ATOM   1491 C  CB  . LYS A 1 198 ? -17.5207424 -8.2116264  -3.8236467  1 35.39  ? 203 LYS A CB  1 
ATOM   1492 C  CG  . LYS A 1 198 ? -18.8477839 -8.8260627  -4.2826923  1 38.95  ? 203 LYS A CG  1 
ATOM   1493 C  CD  . LYS A 1 198 ? -20.0461517 -7.9079044  -4.0116260  1 59.33  ? 203 LYS A CD  1 
ATOM   1494 C  CE  . LYS A 1 198 ? -20.9259264 -7.7335669  -5.2529901  1 61.66  ? 203 LYS A CE  1 
ATOM   1495 N  NZ  . LYS A 1 198 ? -21.6234361 -6.4079993  -5.2979870  1 59.82  ? 203 LYS A NZ  1 
ATOM   1496 N  N   . ILE A 1 199 ? -16.0735648 -10.4883290 -6.0147247  1 35.97  ? 204 ILE A N   1 
ATOM   1497 C  CA  . ILE A 1 199 ? -15.6603816 -10.7816785 -7.3782183  1 31.6   ? 204 ILE A CA  1 
ATOM   1498 C  C   . ILE A 1 199 ? -16.8089489 -11.4536672 -8.1054797  1 33.2   ? 204 ILE A C   1 
ATOM   1499 O  O   . ILE A 1 199 ? -17.2788857 -12.5173718 -7.6848256  1 33.26  ? 204 ILE A O   1 
ATOM   1500 C  CB  . ILE A 1 199 ? -14.4104680 -11.6702871 -7.4294805  1 31.52  ? 204 ILE A CB  1 
ATOM   1501 C  CG1 . ILE A 1 199 ? -13.2325658 -10.9702190 -6.7653381  1 33.42  ? 204 ILE A CG1 1 
ATOM   1502 C  CG2 . ILE A 1 199 ? -14.0603519 -11.9959089 -8.8688030  1 34.19  ? 204 ILE A CG2 1 
ATOM   1503 C  CD1 . ILE A 1 199 ? -11.9244574 -11.5969662 -7.0989866  1 31.05  ? 204 ILE A CD1 1 
ATOM   1504 N  N   . HIS A 1 200 ? -17.2471384 -10.8460308 -9.2004761  1 30.96  ? 205 HIS A N   1 
ATOM   1505 C  CA  . HIS A 1 200 ? -18.2245372 -11.4398952 -10.1001437 1 30.57  ? 205 HIS A CA  1 
ATOM   1506 C  C   . HIS A 1 200 ? -17.4884133 -11.8234590 -11.3780175 1 35.81  ? 205 HIS A C   1 
ATOM   1507 O  O   . HIS A 1 200 ? -16.9838052 -10.9523468 -12.0968194 1 34.87  ? 205 HIS A O   1 
ATOM   1508 C  CB  . HIS A 1 200 ? -19.3677501 -10.4686675 -10.3759152 1 30.84  ? 205 HIS A CB  1 
ATOM   1509 C  CG  . HIS A 1 200 ? -20.3403655 -10.9571925 -11.4037028 1 29.79  ? 205 HIS A CG  1 
ATOM   1510 N  ND1 . HIS A 1 200 ? -20.7057676 -12.2818471 -11.5115708 1 33.48  ? 205 HIS A ND1 1 
ATOM   1511 C  CD2 . HIS A 1 200 ? -21.0245066 -10.2999221 -12.3688058 1 28.81  ? 205 HIS A CD2 1 
ATOM   1512 C  CE1 . HIS A 1 200 ? -21.5635099 -12.4224493 -12.5032639 1 31.99  ? 205 HIS A CE1 1 
ATOM   1513 N  NE2 . HIS A 1 200 ? -21.7739863 -11.2351880 -13.0378677 1 35.68  ? 205 HIS A NE2 1 
ATOM   1514 N  N   . LEU A 1 201 ? -17.3900932 -13.1277602 -11.6342920 1 32.65  ? 206 LEU A N   1 
ATOM   1515 C  CA  . LEU A 1 201 ? -16.7237290 -13.6423300 -12.8244103 1 34.15  ? 206 LEU A CA  1 
ATOM   1516 C  C   . LEU A 1 201 ? -17.7498059 -13.7485145 -13.9411788 1 33.08  ? 206 LEU A C   1 
ATOM   1517 O  O   . LEU A 1 201 ? -18.6976231 -14.5348605 -13.8463291 1 35.26  ? 206 LEU A O   1 
ATOM   1518 C  CB  . LEU A 1 201 ? -16.0725703 -15.0011280 -12.5586843 1 29.33  ? 206 LEU A CB  1 
ATOM   1519 C  CG  . LEU A 1 201 ? -15.5802702 -15.7589441 -13.7967810 1 29.33  ? 206 LEU A CG  1 
ATOM   1520 C  CD1 . LEU A 1 201 ? -14.5104880 -14.9548040 -14.4958624 1 30.08  ? 206 LEU A CD1 1 
ATOM   1521 C  CD2 . LEU A 1 201 ? -15.0578536 -17.1410327 -13.4290354 1 32.33  ? 206 LEU A CD2 1 
ATOM   1522 N  N   . ILE A 1 202 ? -17.5575469 -12.9619668 -14.9929265 1 37.86  ? 207 ILE A N   1 
ATOM   1523 C  CA  . ILE A 1 202 ? -18.5320883 -12.8785015 -16.0735563 1 35.07  ? 207 ILE A CA  1 
ATOM   1524 C  C   . ILE A 1 202 ? -18.2273807 -13.8671085 -17.1903658 1 35.71  ? 207 ILE A C   1 
ATOM   1525 O  O   . ILE A 1 202 ? -19.1210726 -14.5791704 -17.6530717 1 37.08  ? 207 ILE A O   1 
ATOM   1526 C  CB  . ILE A 1 202 ? -18.5946653 -11.4369672 -16.6046994 1 35.78  ? 207 ILE A CB  1 
ATOM   1527 C  CG1 . ILE A 1 202 ? -19.2133044 -10.5181383 -15.5479898 1 40.1   ? 207 ILE A CG1 1 
ATOM   1528 C  CG2 . ILE A 1 202 ? -19.3802704 -11.4032350 -17.9037112 1 30.37  ? 207 ILE A CG2 1 
ATOM   1529 C  CD1 . ILE A 1 202 ? -19.3985638 -9.0789785  -15.9940483 1 36.48  ? 207 ILE A CD1 1 
ATOM   1530 N  N   . SER A 1 203 ? -16.9795837 -13.9387126 -17.6551653 1 36.67  ? 208 SER A N   1 
ATOM   1531 C  CA  . SER A 1 203 ? -16.6863889 -14.7039316 -18.8603336 1 36.2   ? 208 SER A CA  1 
ATOM   1532 C  C   . SER A 1 203 ? -15.2429329 -15.1872969 -18.8527304 1 40.14  ? 208 SER A C   1 
ATOM   1533 O  O   . SER A 1 203 ? -14.3407547 -14.5016913 -18.3631536 1 41.12  ? 208 SER A O   1 
ATOM   1534 C  CB  . SER A 1 203 ? -16.9402240 -13.8710699 -20.1213780 1 36.64  ? 208 SER A CB  1 
ATOM   1535 O  OG  . SER A 1 203 ? -15.8834808 -12.9495255 -20.3434854 1 39.03  ? 208 SER A OG  1 
ATOM   1536 N  N   . VAL A 1 204 ? -15.0172150 -16.3473936 -19.4538395 1 42.38  ? 209 VAL A N   1 
ATOM   1537 C  CA  . VAL A 1 204 ? -13.6502215 -16.9225239 -19.5343195 1 37.32  ? 209 VAL A CA  1 
ATOM   1538 C  C   . VAL A 1 204 ? -13.3050678 -17.1082119 -21.0090245 1 39.97  ? 209 VAL A C   1 
ATOM   1539 O  O   . VAL A 1 204 ? -14.1682025 -17.5796264 -21.7567850 1 42.51  ? 209 VAL A O   1 
ATOM   1540 C  CB  . VAL A 1 204 ? -13.5806260 -18.2597305 -18.7817639 1 41.41  ? 209 VAL A CB  1 
ATOM   1541 C  CG1 . VAL A 1 204 ? -12.2371276 -18.9444558 -18.9535726 1 43.26  ? 209 VAL A CG1 1 
ATOM   1542 C  CG2 . VAL A 1 204 ? -13.9449962 -18.1116940 -17.3146151 1 43.89  ? 209 VAL A CG2 1 
ATOM   1543 N  N   . LYS A 1 205 ? -12.0908288 -16.7368418 -21.3973013 1 43.72  ? 210 LYS A N   1 
ATOM   1544 C  CA  . LYS A 1 205 ? -11.6335165 -16.9237768 -22.7934384 1 43.07  ? 210 LYS A CA  1 
ATOM   1545 C  C   . LYS A 1 205 ? -10.2730565 -17.6144725 -22.7764148 1 45.93  ? 210 LYS A C   1 
ATOM   1546 O  O   . LYS A 1 205 ? -9.4040029  -17.1734716 -22.0231784 1 45.35  ? 210 LYS A O   1 
ATOM   1547 C  CB  . LYS A 1 205 ? -11.5330544 -15.5781814 -23.5062570 1 43.97  ? 210 LYS A CB  1 
ATOM   1548 C  CG  . LYS A 1 205 ? -11.0855419 -15.6535611 -24.9584954 1 61.89  ? 210 LYS A CG  1 
ATOM   1549 C  CD  . LYS A 1 205 ? -10.9230722 -14.3000974 -25.6093530 1 66.51  ? 210 LYS A CD  1 
ATOM   1550 C  CE  . LYS A 1 205 ? -11.3276556 -14.3043126 -27.0678466 1 72.31  ? 210 LYS A CE  1 
ATOM   1551 N  NZ  . LYS A 1 205 ? -10.7045800 -13.1869975 -27.8155549 1 70.18  ? 210 LYS A NZ  1 
ATOM   1552 N  N   . LYS A 1 206 ? -10.1097255 -18.6564942 -23.5891182 1 50.6   ? 211 LYS A N   1 
ATOM   1553 C  CA  . LYS A 1 206 ? -8.8342162  -19.3495143 -23.6957067 1 54.98  ? 211 LYS A CA  1 
ATOM   1554 C  C   . LYS A 1 206 ? -7.8756385  -18.5102193 -24.5380734 1 59.7   ? 211 LYS A C   1 
ATOM   1555 O  O   . LYS A 1 206 ? -8.1520735  -17.3551261 -24.8690484 1 59.16  ? 211 LYS A O   1 
ATOM   1556 C  CB  . LYS A 1 206 ? -9.0445211  -20.7462535 -24.2684001 1 51.07  ? 211 LYS A CB  1 
ATOM   1557 C  CG  . LYS A 1 206 ? -9.9305409  -21.6298764 -23.4095286 1 51.78  ? 211 LYS A CG  1 
ATOM   1558 C  CD  . LYS A 1 206 ? -9.1463494  -22.3565176 -22.3217041 1 48.79  ? 211 LYS A CD  1 
ATOM   1559 C  CE  . LYS A 1 206 ? -10.0557131 -22.7342626 -21.1624801 1 46.23  ? 211 LYS A CE  1 
ATOM   1560 N  NZ  . LYS A 1 206 ? -9.3081994  -23.2652971 -20.0026712 1 48.25  ? 211 LYS A NZ  1 
ATOM   1561 N  N   . SER A 1 207 ? -6.7296543  -19.0853692 -24.8967708 1 67.72  ? 212 SER A N   1 
ATOM   1562 C  CA  . SER A 1 207 ? -5.7353589  -18.4149070 -25.7258444 1 75.22  ? 212 SER A CA  1 
ATOM   1563 C  C   . SER A 1 207 ? -5.2172377  -19.4078960 -26.7621963 1 81.43  ? 212 SER A C   1 
ATOM   1564 O  O   . SER A 1 207 ? -5.6764072  -20.5519167 -26.8368818 1 84.64  ? 212 SER A O   1 
ATOM   1565 C  CB  . SER A 1 207 ? -4.6040075  -17.8485869 -24.8604969 1 76.46  ? 212 SER A CB  1 
ATOM   1566 O  OG  . SER A 1 207 ? -4.1985808  -18.7932619 -23.8841325 1 71.1   ? 212 SER A OG  1 
ATOM   1567 N  N   . SER A 1 208 ? -4.2493815  -18.9715447 -27.5694744 1 89.68  ? 213 SER A N   1 
ATOM   1568 C  CA  . SER A 1 208 ? -3.6790923  -19.8194375 -28.6282672 1 95.5   ? 213 SER A CA  1 
ATOM   1569 C  C   . SER A 1 208 ? -2.2924360  -20.4139529 -28.2958373 1 99.44  ? 213 SER A C   1 
ATOM   1570 O  O   . SER A 1 208 ? -1.7548285  -20.2455178 -27.1990817 1 93.05  ? 213 SER A O   1 
ATOM   1571 C  CB  . SER A 1 208 ? -3.5884230  -19.0296288 -29.9357782 1 88.69  ? 213 SER A CB  1 
ATOM   1572 O  OG  . SER A 1 208 ? -2.6996798  -19.6601274 -30.8424761 1 91.32  ? 213 SER A OG  1 
ATOM   1573 O  OXT . SER A 1 208 ? -1.6615692  -21.0917818 -29.1200206 1 94.05  ? 213 SER A OXT 1 
HETATM 1574 C  CAO . 9QN B 2 .   ? -4.2392568  -3.1167981  -5.9492854  1 48.29  ? 301 9QN A CAO 1 
HETATM 1575 C  CAP . 9QN B 2 .   ? -3.5793159  -1.9031556  -5.8835270  1 55.77  ? 301 9QN A CAP 1 
HETATM 1576 CL CL1 . 9QN B 2 .   ? -2.1133925  -1.7787185  -4.9543510  1 61.91  ? 301 9QN A CL1 1 
HETATM 1577 C  CAQ . 9QN B 2 .   ? -4.0462418  -0.7776890  -6.5382064  1 54.57  ? 301 9QN A CAQ 1 
HETATM 1578 C  CAR . 9QN B 2 .   ? -5.2120101  -0.9052430  -7.2689404  1 55.66  ? 301 9QN A CAR 1 
HETATM 1579 CL CL2 . 9QN B 2 .   ? -5.8323810  0.4850474   -8.1129157  1 81.17  ? 301 9QN A CL2 1 
HETATM 1580 C  CAS . 9QN B 2 .   ? -5.8958915  -2.1035923  -7.3537242  1 52.67  ? 301 9QN A CAS 1 
HETATM 1581 C  CAN . 9QN B 2 .   ? -5.4086749  -3.2127549  -6.6839299  1 50.23  ? 301 9QN A CAN 1 
HETATM 1582 S  SAK . 9QN B 2 .   ? -6.2631695  -4.7573276  -6.7930117  1 47.73  ? 301 9QN A SAK 1 
HETATM 1583 O  OAL . 9QN B 2 .   ? -5.8826764  -5.5401229  -5.6588809  1 40.42  ? 301 9QN A OAL 1 
HETATM 1584 O  OAM . 9QN B 2 .   ? -7.6465421  -4.4828066  -7.0236486  1 44.17  ? 301 9QN A OAM 1 
HETATM 1585 N  N   . 9QN B 2 .   ? -5.6901622  -5.5283543  -8.1234167  1 39.92  ? 301 9QN A N   1 
HETATM 1586 C  CA  . 9QN B 2 .   ? -5.2425451  -6.9208928  -7.9715433  1 40.93  ? 301 9QN A CA  1 
HETATM 1587 C  C   . 9QN B 2 .   ? -4.1246026  -7.3129847  -8.9397465  1 41.69  ? 301 9QN A C   1 
HETATM 1588 O  O   . 9QN B 2 .   ? -3.7613192  -8.4892065  -9.0004218  1 38.58  ? 301 9QN A O   1 
HETATM 1589 C  CB  . 9QN B 2 .   ? -6.4370807  -7.8747108  -8.1219753  1 39.17  ? 301 9QN A CB  1 
HETATM 1590 C  CAH . 9QN B 2 .   ? -7.5185603  -7.3143643  -9.0396032  1 40.02  ? 301 9QN A CAH 1 
HETATM 1591 C  CAI . 9QN B 2 .   ? -6.8831328  -6.4258813  -10.0953346 1 42.47  ? 301 9QN A CAI 1 
HETATM 1592 C  CAC . 9QN B 2 .   ? -6.2322773  -5.1957772  -9.4641097  1 43.41  ? 301 9QN A CAC 1 
HETATM 1593 C  CAD . 9QN B 2 .   ? -5.1254317  -4.5582638  -10.3215352 1 39.13  ? 301 9QN A CAD 1 
HETATM 1594 C  CAW . 9QN B 2 .   ? -5.2576358  -3.0664764  -10.5655134 1 50.38  ? 301 9QN A CAW 1 
HETATM 1595 O  OAX . 9QN B 2 .   ? -6.3607888  -2.7694333  -11.4052913 1 54.43  ? 301 9QN A OAX 1 
HETATM 1596 C  CAE . 9QN B 2 .   ? -3.7937072  -4.9249721  -9.6613869  1 43.25  ? 301 9QN A CAE 1 
HETATM 1597 N  NAF . 9QN B 2 .   ? -3.5787861  -6.3802240  -9.7412668  1 41.87  ? 301 9QN A NAF 1 
HETATM 1598 C  CAY . 9QN B 2 .   ? -2.6902893  -6.8207178  -10.8053498 1 40.34  ? 301 9QN A CAY 1 
HETATM 1599 C  CAZ . 9QN B 2 .   ? -1.2602858  -6.7378664  -10.3510131 1 46.62  ? 301 9QN A CAZ 1 
HETATM 1600 N  NBA . 9QN B 2 .   ? -0.4172684  -7.6287349  -10.8884784 1 54.54  ? 301 9QN A NBA 1 
HETATM 1601 C  CBB . 9QN B 2 .   ? 0.8652970   -7.5870936  -10.4978186 1 58.53  ? 301 9QN A CBB 1 
HETATM 1602 C  CBC . 9QN B 2 .   ? 1.3424810   -6.6809204  -9.5826130  1 61.12  ? 301 9QN A CBC 1 
HETATM 1603 C  CBD . 9QN B 2 .   ? 0.4662834   -5.7738148  -9.0374386  1 58.25  ? 301 9QN A CBD 1 
HETATM 1604 C  CBE . 9QN B 2 .   ? -0.8584320  -5.8005457  -9.4229935  1 41.42  ? 301 9QN A CBE 1 
HETATM 1605 O  O1  . MES C 3 .   ? -0.2129598  -17.4706777 15.2659110  1 75.24  ? 302 MES A O1  1 
HETATM 1606 C  C2  . MES C 3 .   ? 0.0441612   -16.2794610 14.5168545  1 73.9   ? 302 MES A C2  1 
HETATM 1607 C  C3  . MES C 3 .   ? 1.0040265   -16.5294434 13.3425992  1 81.46  ? 302 MES A C3  1 
HETATM 1608 N  N4  . MES C 3 .   ? 0.4293414   -17.6265668 12.5463918  1 90.32  ? 302 MES A N4  1 
HETATM 1609 C  C5  . MES C 3 .   ? -0.2049792  -18.6857106 13.3104905  1 86.82  ? 302 MES A C5  1 
HETATM 1610 C  C6  . MES C 3 .   ? 0.4679614   -18.5632858 14.6668670  1 79.54  ? 302 MES A C6  1 
HETATM 1611 C  C7  . MES C 3 .   ? -0.2885233  -17.0783433 11.3970458  1 93.15  ? 302 MES A C7  1 
HETATM 1612 C  C8  . MES C 3 .   ? -0.1899145  -18.0358677 10.2066756  1 91.97  ? 302 MES A C8  1 
HETATM 1613 S  S   . MES C 3 .   ? -1.2325032  -17.5388490 8.9988287   1 104.57 ? 302 MES A S   1 
HETATM 1614 O  O1S . MES C 3 .   ? -0.7416354  -16.2931457 8.3565366   1 87.88  ? 302 MES A O1S 1 
HETATM 1615 O  O2S . MES C 3 .   ? -2.5740933  -17.3122269 9.5890485   1 94.68  ? 302 MES A O2S 1 
HETATM 1616 O  O3S . MES C 3 .   ? -1.3399577  -18.6023620 7.9739406   1 85.1   ? 302 MES A O3S 1 
HETATM 1617 ZN ZN  . ZN  D 4 .   ? -9.7433267  1.2994564   -10.8465076 1 81.69  ? 303 ZN  A ZN  1 
HETATM 1618 ZN ZN  . ZN  E 4 .   ? -2.4830114  -23.3095549 -5.1418839  1 35.39  ? 304 ZN  A ZN  1 
HETATM 1619 C  C1  . GOL F 5 .   ? -17.6676557 -28.8346389 13.7585281  1 82.31  ? 305 GOL A C1  1 
HETATM 1620 O  O1  . GOL F 5 .   ? -17.5920482 -29.5685761 12.6125732  1 80.73  ? 305 GOL A O1  1 
HETATM 1621 C  C2  . GOL F 5 .   ? -17.9843823 -27.3741709 13.3508534  1 82.74  ? 305 GOL A C2  1 
HETATM 1622 O  O2  . GOL F 5 .   ? -18.8845562 -26.8594323 14.2191985  1 91.98  ? 305 GOL A O2  1 
HETATM 1623 C  C3  . GOL F 5 .   ? -16.5982385 -26.7498761 13.3513462  1 77.33  ? 305 GOL A C3  1 
HETATM 1624 O  O3  . GOL F 5 .   ? -16.7780845 -25.3933380 13.1560492  1 69.42  ? 305 GOL A O3  1 
HETATM 1625 O  O   . HOH G 6 .   ? -5.7495985  -20.5506303 -21.9550588 1 56.35  ? 401 HOH A O   1 
HETATM 1626 O  O   . HOH G 6 .   ? -19.8735361 -20.3156113 0.5975295   1 42.21  ? 402 HOH A O   1 
HETATM 1627 O  O   . HOH G 6 .   ? -15.1537001 -5.7939270  -1.2834738  1 42.01  ? 403 HOH A O   1 
HETATM 1628 O  O   . HOH G 6 .   ? -27.3855995 -19.3918325 -8.7803485  1 42.9   ? 404 HOH A O   1 
HETATM 1629 O  O   . HOH G 6 .   ? -14.9338969 -25.7857528 -15.5514434 1 39.01  ? 405 HOH A O   1 
HETATM 1630 O  O   . HOH G 6 .   ? 33.8790302  23.1640519  6.0951062   1 46.72  ? 406 HOH A O   1 
HETATM 1631 O  O   . HOH G 6 .   ? -4.4567302  -6.5210025  7.5088593   1 41.03  ? 407 HOH A O   1 
HETATM 1632 O  O   . HOH G 6 .   ? -17.2537194 -17.8470726 -20.2115432 1 33.23  ? 408 HOH A O   1 
HETATM 1633 O  O   . HOH G 6 .   ? -16.9740618 -14.3160597 17.9864998  1 56.92  ? 409 HOH A O   1 
HETATM 1634 O  O   . HOH G 6 .   ? -23.0320614 -25.9602967 -14.3467239 1 48.61  ? 410 HOH A O   1 
HETATM 1635 O  O   . HOH G 6 .   ? -1.8412407  -7.1435984  0.4216301   1 31.5   ? 411 HOH A O   1 
HETATM 1636 O  O   . HOH G 6 .   ? -0.3525788  -5.7111261  1.8229437   1 30     ? 412 HOH A O   1 
HETATM 1637 O  O   . HOH G 6 .   ? -17.0920556 -10.0165509 13.8207112  1 52.83  ? 413 HOH A O   1 
HETATM 1638 O  O   . HOH G 6 .   ? -3.8768081  -9.1739087  -16.2305976 1 43.12  ? 414 HOH A O   1 
HETATM 1639 O  O   . HOH G 6 .   ? -0.9098641  -2.2156720  -9.5992099  1 52.22  ? 415 HOH A O   1 
# 
loop_
_pdbx_poly_seq_scheme.asym_id 
_pdbx_poly_seq_scheme.entity_id 
_pdbx_poly_seq_scheme.seq_id 
_pdbx_poly_seq_scheme.mon_id 
_pdbx_poly_seq_scheme.ndb_seq_num 
_pdbx_poly_seq_scheme.pdb_seq_num 
_pdbx_poly_seq_scheme.auth_seq_num 
_pdbx_poly_seq_scheme.pdb_mon_id 
_pdbx_poly_seq_scheme.auth_mon_id 
_pdbx_poly_seq_scheme.pdb_strand_id 
_pdbx_poly_seq_scheme.pdb_ins_code 
_pdbx_poly_seq_scheme.hetero 
A 1 1   SER 1   6   6   SER SER A . n 
A 1 2   LEU 2   7   7   LEU LEU A . n 
A 1 3   ALA 3   8   8   ALA ALA A . n 
A 1 4   THR 4   9   9   THR THR A . n 
A 1 5   ASP 5   10  10  ASP ASP A . n 
A 1 6   LYS 6   11  11  LYS LYS A . n 
A 1 7   ASP 7   12  12  ASP ASP A . n 
A 1 8   LYS 8   13  13  LYS LYS A . n 
A 1 9   LEU 9   14  14  LEU LEU A . n 
A 1 10  SER 10  15  15  SER SER A . n 
A 1 11  TYR 11  16  16  TYR TYR A . n 
A 1 12  SER 12  17  17  SER SER A . n 
A 1 13  ILE 13  18  18  ILE ILE A . n 
A 1 14  GLY 14  19  19  GLY GLY A . n 
A 1 15  ALA 15  20  20  ALA ALA A . n 
A 1 16  ASP 16  21  21  ASP ASP A . n 
A 1 17  LEU 17  22  22  LEU LEU A . n 
A 1 18  GLY 18  23  23  GLY GLY A . n 
A 1 19  LYS 19  24  24  LYS LYS A . n 
A 1 20  ASN 20  25  25  ASN ASN A . n 
A 1 21  PHE 21  26  26  PHE PHE A . n 
A 1 22  LYS 22  27  27  LYS LYS A . n 
A 1 23  ASN 23  28  28  ASN ASN A . n 
A 1 24  GLN 24  29  29  GLN GLN A . n 
A 1 25  GLY 25  30  30  GLY GLY A . n 
A 1 26  ILE 26  31  31  ILE ILE A . n 
A 1 27  ASP 27  32  32  ASP ASP A . n 
A 1 28  VAL 28  33  33  VAL VAL A . n 
A 1 29  ASN 29  34  34  ASN ASN A . n 
A 1 30  PRO 30  35  35  PRO PRO A . n 
A 1 31  GLU 31  36  36  GLU GLU A . n 
A 1 32  ALA 32  37  37  ALA ALA A . n 
A 1 33  MET 33  38  38  MET MET A . n 
A 1 34  ALA 34  39  39  ALA ALA A . n 
A 1 35  LYS 35  40  40  LYS LYS A . n 
A 1 36  GLY 36  41  41  GLY GLY A . n 
A 1 37  MET 37  42  42  MET MET A . n 
A 1 38  GLN 38  43  43  GLN GLN A . n 
A 1 39  ASP 39  44  44  ASP ASP A . n 
A 1 40  ALA 40  45  45  ALA ALA A . n 
A 1 41  MET 41  46  46  MET MET A . n 
A 1 42  SER 42  47  47  SER SER A . n 
A 1 43  GLY 43  48  48  GLY GLY A . n 
A 1 44  ALA 44  49  49  ALA ALA A . n 
A 1 45  GLN 45  50  50  GLN GLN A . n 
A 1 46  LEU 46  51  51  LEU LEU A . n 
A 1 47  ALA 47  52  52  ALA ALA A . n 
A 1 48  LEU 48  53  53  LEU LEU A . n 
A 1 49  THR 49  54  54  THR THR A . n 
A 1 50  GLU 50  55  55  GLU GLU A . n 
A 1 51  GLN 51  56  56  GLN GLN A . n 
A 1 52  GLN 52  57  57  GLN GLN A . n 
A 1 53  MET 53  58  58  MET MET A . n 
A 1 54  LYS 54  59  59  LYS LYS A . n 
A 1 55  ASP 55  60  60  ASP ASP A . n 
A 1 56  VAL 56  61  61  VAL VAL A . n 
A 1 57  LEU 57  62  62  LEU LEU A . n 
A 1 58  ASN 58  63  63  ASN ASN A . n 
A 1 59  LYS 59  64  64  LYS LYS A . n 
A 1 60  PHE 60  65  65  PHE PHE A . n 
A 1 61  GLN 61  66  66  GLN GLN A . n 
A 1 62  LYS 62  67  67  LYS LYS A . n 
A 1 63  ASP 63  68  68  ASP ASP A . n 
A 1 64  LEU 64  69  69  LEU LEU A . n 
A 1 65  MET 65  70  70  MET MET A . n 
A 1 66  ALA 66  71  71  ALA ALA A . n 
A 1 67  LYS 67  72  72  LYS LYS A . n 
A 1 68  ARG 68  73  73  ARG ARG A . n 
A 1 69  THR 69  74  74  THR THR A . n 
A 1 70  ALA 70  75  75  ALA ALA A . n 
A 1 71  GLU 71  76  76  GLU GLU A . n 
A 1 72  PHE 72  77  77  PHE PHE A . n 
A 1 73  ASN 73  78  78  ASN ASN A . n 
A 1 74  LYS 74  79  79  LYS LYS A . n 
A 1 75  LYS 75  80  80  LYS LYS A . n 
A 1 76  ALA 76  81  81  ALA ALA A . n 
A 1 77  ASP 77  82  82  ASP ASP A . n 
A 1 78  GLU 78  83  83  GLU GLU A . n 
A 1 79  ASN 79  84  84  ASN ASN A . n 
A 1 80  LYS 80  85  85  LYS LYS A . n 
A 1 81  VAL 81  86  86  VAL VAL A . n 
A 1 82  LYS 82  87  87  LYS LYS A . n 
A 1 83  GLY 83  88  88  GLY GLY A . n 
A 1 84  GLU 84  89  89  GLU GLU A . n 
A 1 85  ALA 85  90  90  ALA ALA A . n 
A 1 86  PHE 86  91  91  PHE PHE A . n 
A 1 87  LEU 87  92  92  LEU LEU A . n 
A 1 88  THR 88  93  93  THR THR A . n 
A 1 89  GLU 89  94  94  GLU GLU A . n 
A 1 90  ASN 90  95  95  ASN ASN A . n 
A 1 91  LYS 91  96  96  LYS LYS A . n 
A 1 92  ASN 92  97  97  ASN ASN A . n 
A 1 93  LYS 93  98  98  LYS LYS A . n 
A 1 94  PRO 94  99  99  PRO PRO A . n 
A 1 95  GLY 95  100 100 GLY GLY A . n 
A 1 96  VAL 96  101 101 VAL VAL A . n 
A 1 97  VAL 97  102 102 VAL VAL A . n 
A 1 98  VAL 98  103 103 VAL VAL A . n 
A 1 99  LEU 99  104 104 LEU LEU A . n 
A 1 100 PRO 100 105 105 PRO PRO A . n 
A 1 101 SER 101 106 106 SER SER A . n 
A 1 102 GLY 102 107 107 GLY GLY A . n 
A 1 103 LEU 103 108 108 LEU LEU A . n 
A 1 104 GLN 104 109 109 GLN GLN A . n 
A 1 105 TYR 105 110 110 TYR TYR A . n 
A 1 106 LYS 106 111 111 LYS LYS A . n 
A 1 107 VAL 107 112 112 VAL VAL A . n 
A 1 108 ILE 108 113 113 ILE ILE A . n 
A 1 109 ASN 109 114 114 ASN ASN A . n 
A 1 110 SER 110 115 115 SER SER A . n 
A 1 111 GLY 111 116 116 GLY GLY A . n 
A 1 112 ASN 112 117 117 ASN ASN A . n 
A 1 113 GLY 113 118 118 GLY GLY A . n 
A 1 114 VAL 114 119 119 VAL VAL A . n 
A 1 115 LYS 115 120 120 LYS LYS A . n 
A 1 116 PRO 116 121 121 PRO PRO A . n 
A 1 117 GLY 117 122 122 GLY GLY A . n 
A 1 118 LYS 118 123 123 LYS LYS A . n 
A 1 119 SER 119 124 124 SER SER A . n 
A 1 120 ASP 120 125 125 ASP ASP A . n 
A 1 121 THR 121 126 126 THR THR A . n 
A 1 122 VAL 122 127 127 VAL VAL A . n 
A 1 123 THR 123 128 128 THR THR A . n 
A 1 124 VAL 124 129 129 VAL VAL A . n 
A 1 125 GLU 125 130 130 GLU GLU A . n 
A 1 126 TYR 126 131 131 TYR TYR A . n 
A 1 127 THR 127 132 132 THR THR A . n 
A 1 128 GLY 128 133 133 GLY GLY A . n 
A 1 129 ARG 129 134 134 ARG ARG A . n 
A 1 130 LEU 130 135 135 LEU LEU A . n 
A 1 131 ILE 131 136 136 ILE ILE A . n 
A 1 132 ASP 132 137 137 ASP ASP A . n 
A 1 133 GLY 133 138 138 GLY GLY A . n 
A 1 134 THR 134 139 139 THR THR A . n 
A 1 135 VAL 135 140 140 VAL VAL A . n 
A 1 136 PHE 136 141 141 PHE PHE A . n 
A 1 137 ASP 137 142 142 ASP ASP A . n 
A 1 138 SER 138 143 143 SER SER A . n 
A 1 139 THR 139 144 144 THR THR A . n 
A 1 140 GLU 140 145 145 GLU GLU A . n 
A 1 141 LYS 141 146 146 LYS LYS A . n 
A 1 142 THR 142 147 147 THR THR A . n 
A 1 143 GLY 143 148 148 GLY GLY A . n 
A 1 144 LYS 144 149 149 LYS LYS A . n 
A 1 145 PRO 145 150 150 PRO PRO A . n 
A 1 146 ALA 146 151 151 ALA ALA A . n 
A 1 147 THR 147 152 152 THR THR A . n 
A 1 148 PHE 148 153 153 PHE PHE A . n 
A 1 149 GLN 149 154 154 GLN GLN A . n 
A 1 150 VAL 150 155 155 VAL VAL A . n 
A 1 151 SER 151 156 156 SER SER A . n 
A 1 152 GLN 152 157 157 GLN GLN A . n 
A 1 153 VAL 153 158 158 VAL VAL A . n 
A 1 154 ILE 154 159 159 ILE ILE A . n 
A 1 155 PRO 155 160 160 PRO PRO A . n 
A 1 156 GLY 156 161 161 GLY GLY A . n 
A 1 157 TRP 157 162 162 TRP TRP A . n 
A 1 158 THR 158 163 163 THR THR A . n 
A 1 159 GLU 159 164 164 GLU GLU A . n 
A 1 160 ALA 160 165 165 ALA ALA A . n 
A 1 161 LEU 161 166 166 LEU LEU A . n 
A 1 162 GLN 162 167 167 GLN GLN A . n 
A 1 163 LEU 163 168 168 LEU LEU A . n 
A 1 164 MET 164 169 169 MET MET A . n 
A 1 165 PRO 165 170 170 PRO PRO A . n 
A 1 166 ALA 166 171 171 ALA ALA A . n 
A 1 167 GLY 167 172 172 GLY GLY A . n 
A 1 168 SER 168 173 173 SER SER A . n 
A 1 169 THR 169 174 174 THR THR A . n 
A 1 170 TRP 170 175 175 TRP TRP A . n 
A 1 171 GLU 171 176 176 GLU GLU A . n 
A 1 172 ILE 172 177 177 ILE ILE A . n 
A 1 173 TYR 173 178 178 TYR TYR A . n 
A 1 174 VAL 174 179 179 VAL VAL A . n 
A 1 175 PRO 175 180 180 PRO PRO A . n 
A 1 176 SER 176 181 181 SER SER A . n 
A 1 177 GLY 177 182 182 GLY GLY A . n 
A 1 178 LEU 178 183 183 LEU LEU A . n 
A 1 179 ALA 179 184 184 ALA ALA A . n 
A 1 180 TYR 180 185 185 TYR TYR A . n 
A 1 181 GLY 181 186 186 GLY GLY A . n 
A 1 182 PRO 182 187 187 PRO PRO A . n 
A 1 183 ARG 183 188 188 ARG ARG A . n 
A 1 184 SER 184 189 189 SER SER A . n 
A 1 185 VAL 185 190 190 VAL VAL A . n 
A 1 186 GLY 186 191 191 GLY GLY A . n 
A 1 187 GLY 187 192 192 GLY GLY A . n 
A 1 188 PRO 188 193 193 PRO PRO A . n 
A 1 189 ILE 189 194 194 ILE ILE A . n 
A 1 190 GLY 190 195 195 GLY GLY A . n 
A 1 191 PRO 191 196 196 PRO PRO A . n 
A 1 192 ASN 192 197 197 ASN ASN A . n 
A 1 193 GLU 193 198 198 GLU GLU A . n 
A 1 194 THR 194 199 199 THR THR A . n 
A 1 195 LEU 195 200 200 LEU LEU A . n 
A 1 196 ILE 196 201 201 ILE ILE A . n 
A 1 197 PHE 197 202 202 PHE PHE A . n 
A 1 198 LYS 198 203 203 LYS LYS A . n 
A 1 199 ILE 199 204 204 ILE ILE A . n 
A 1 200 HIS 200 205 205 HIS HIS A . n 
A 1 201 LEU 201 206 206 LEU LEU A . n 
A 1 202 ILE 202 207 207 ILE ILE A . n 
A 1 203 SER 203 208 208 SER SER A . n 
A 1 204 VAL 204 209 209 VAL VAL A . n 
A 1 205 LYS 205 210 210 LYS LYS A . n 
A 1 206 LYS 206 211 211 LYS LYS A . n 
A 1 207 SER 207 212 212 SER SER A . n 
A 1 208 SER 208 213 213 SER SER A . n 
# 
loop_
_pdbx_contact_author.id 
_pdbx_contact_author.email 
_pdbx_contact_author.name_first 
_pdbx_contact_author.name_last 
_pdbx_contact_author.name_mi 
_pdbx_contact_author.role 
_pdbx_contact_author.identifier_ORCID 
2 a.guskov@rug.nl          Albert Guskov   ? 'principal investigator/group leader' 0000-0003-2340-2216 
3 ute.hellmich@uni-jena.de Ute    Hellmich A 'principal investigator/group leader' 0000-0001-7162-285X 
# 
loop_
_pdbx_nonpoly_scheme.asym_id 
_pdbx_nonpoly_scheme.entity_id 
_pdbx_nonpoly_scheme.mon_id 
_pdbx_nonpoly_scheme.ndb_seq_num 
_pdbx_nonpoly_scheme.pdb_seq_num 
_pdbx_nonpoly_scheme.auth_seq_num 
_pdbx_nonpoly_scheme.pdb_mon_id 
_pdbx_nonpoly_scheme.auth_mon_id 
_pdbx_nonpoly_scheme.pdb_strand_id 
_pdbx_nonpoly_scheme.pdb_ins_code 
B 2 9QN 1  301 307 9QN 9QN A . 
C 3 MES 1  302 308 MES MES A . 
D 4 ZN  1  303 2   ZN  ZN  A . 
E 4 ZN  1  304 3   ZN  ZN  A . 
F 5 GOL 1  305 1   GOL GOL A . 
G 6 HOH 1  401 46  HOH HOH A . 
G 6 HOH 2  402 24  HOH HOH A . 
G 6 HOH 3  403 8   HOH HOH A . 
G 6 HOH 4  404 37  HOH HOH A . 
G 6 HOH 5  405 23  HOH HOH A . 
G 6 HOH 6  406 25  HOH HOH A . 
G 6 HOH 7  407 33  HOH HOH A . 
G 6 HOH 8  408 31  HOH HOH A . 
G 6 HOH 9  409 12  HOH HOH A . 
G 6 HOH 10 410 27  HOH HOH A . 
G 6 HOH 11 411 26  HOH HOH A . 
G 6 HOH 12 412 47  HOH HOH A . 
G 6 HOH 13 413 14  HOH HOH A . 
G 6 HOH 14 414 45  HOH HOH A . 
G 6 HOH 15 415 40  HOH HOH A . 
# 
_pdbx_struct_assembly.id                   1 
_pdbx_struct_assembly.details              software_defined_assembly 
_pdbx_struct_assembly.method_details       PISA 
_pdbx_struct_assembly.oligomeric_details   dimeric 
_pdbx_struct_assembly.oligomeric_count     2 
# 
_pdbx_struct_assembly_gen.assembly_id       1 
_pdbx_struct_assembly_gen.oper_expression   1,2 
_pdbx_struct_assembly_gen.asym_id_list      A,B,C,D,E,F,G 
# 
loop_
_pdbx_struct_assembly_prop.biol_id 
_pdbx_struct_assembly_prop.type 
_pdbx_struct_assembly_prop.value 
_pdbx_struct_assembly_prop.details 
1 'ABSA (A^2)' 4660  ? 
1 MORE         -137  ? 
1 'SSA (A^2)'  24200 ? 
# 
loop_
_pdbx_struct_oper_list.id 
_pdbx_struct_oper_list.type 
_pdbx_struct_oper_list.name 
_pdbx_struct_oper_list.symmetry_operation 
_pdbx_struct_oper_list.matrix[1][1] 
_pdbx_struct_oper_list.matrix[1][2] 
_pdbx_struct_oper_list.matrix[1][3] 
_pdbx_struct_oper_list.vector[1] 
_pdbx_struct_oper_list.matrix[2][1] 
_pdbx_struct_oper_list.matrix[2][2] 
_pdbx_struct_oper_list.matrix[2][3] 
_pdbx_struct_oper_list.vector[2] 
_pdbx_struct_oper_list.matrix[3][1] 
_pdbx_struct_oper_list.matrix[3][2] 
_pdbx_struct_oper_list.matrix[3][3] 
_pdbx_struct_oper_list.vector[3] 
1 'identity operation'         1_555 x,y,z        1.0000000000  0.0000000000 0.0000000000 0.0000000000  0.0000000000 1.0000000000 0.0000000000 0.0000000000  0.0000000000 0.0000000000 1.0000000000  0.0000000000   
2 'crystal symmetry operation' 8_555 -y,-x,-z+1/2 -0.9817887119 0.1453681527 0.1223070946 27.5564179510 0.1453681527 0.1603737024 0.9762931813 14.0693023488 0.1223070946 0.9762931813 -0.1785849905 -20.8251726212 
# 
loop_
_pdbx_struct_conn_angle.id 
_pdbx_struct_conn_angle.ptnr1_label_atom_id 
_pdbx_struct_conn_angle.ptnr1_label_alt_id 
_pdbx_struct_conn_angle.ptnr1_label_asym_id 
_pdbx_struct_conn_angle.ptnr1_label_comp_id 
_pdbx_struct_conn_angle.ptnr1_label_seq_id 
_pdbx_struct_conn_angle.ptnr1_auth_atom_id 
_pdbx_struct_conn_angle.ptnr1_auth_asym_id 
_pdbx_struct_conn_angle.ptnr1_auth_comp_id 
_pdbx_struct_conn_angle.ptnr1_auth_seq_id 
_pdbx_struct_conn_angle.ptnr1_PDB_ins_code 
_pdbx_struct_conn_angle.ptnr1_symmetry 
_pdbx_struct_conn_angle.ptnr2_label_atom_id 
_pdbx_struct_conn_angle.ptnr2_label_alt_id 
_pdbx_struct_conn_angle.ptnr2_label_asym_id 
_pdbx_struct_conn_angle.ptnr2_label_comp_id 
_pdbx_struct_conn_angle.ptnr2_label_seq_id 
_pdbx_struct_conn_angle.ptnr2_auth_atom_id 
_pdbx_struct_conn_angle.ptnr2_auth_asym_id 
_pdbx_struct_conn_angle.ptnr2_auth_comp_id 
_pdbx_struct_conn_angle.ptnr2_auth_seq_id 
_pdbx_struct_conn_angle.ptnr2_PDB_ins_code 
_pdbx_struct_conn_angle.ptnr2_symmetry 
_pdbx_struct_conn_angle.ptnr3_label_atom_id 
_pdbx_struct_conn_angle.ptnr3_label_alt_id 
_pdbx_struct_conn_angle.ptnr3_label_asym_id 
_pdbx_struct_conn_angle.ptnr3_label_comp_id 
_pdbx_struct_conn_angle.ptnr3_label_seq_id 
_pdbx_struct_conn_angle.ptnr3_auth_atom_id 
_pdbx_struct_conn_angle.ptnr3_auth_asym_id 
_pdbx_struct_conn_angle.ptnr3_auth_comp_id 
_pdbx_struct_conn_angle.ptnr3_auth_seq_id 
_pdbx_struct_conn_angle.ptnr3_PDB_ins_code 
_pdbx_struct_conn_angle.ptnr3_symmetry 
_pdbx_struct_conn_angle.value 
_pdbx_struct_conn_angle.value_esd 
1 OE1 ? A GLU 159 ? A GLU 164 ? 1_555 ZN ? E ZN . ? A ZN 304 ? 1_555 OE2 ? A GLU 159 ? A GLU 164 ? 1_555 58.7 ? 
2 OE1 ? A GLU 159 ? A GLU 164 ? 1_555 ZN ? E ZN . ? A ZN 304 ? 1_555 NE2 ? A HIS 200 ? A HIS 205 ? 1_555 24.0 ? 
3 OE2 ? A GLU 159 ? A GLU 164 ? 1_555 ZN ? E ZN . ? A ZN 304 ? 1_555 NE2 ? A HIS 200 ? A HIS 205 ? 1_555 63.3 ? 
# 
loop_
_pdbx_audit_revision_history.ordinal 
_pdbx_audit_revision_history.data_content_type 
_pdbx_audit_revision_history.major_revision 
_pdbx_audit_revision_history.minor_revision 
_pdbx_audit_revision_history.revision_date 
1 'Structure model' 1 0 2023-09-06 
2 'Structure model' 1 1 2023-09-13 
# 
_pdbx_audit_revision_details.ordinal             1 
_pdbx_audit_revision_details.revision_ordinal    1 
_pdbx_audit_revision_details.data_content_type   'Structure model' 
_pdbx_audit_revision_details.provider            repository 
_pdbx_audit_revision_details.type                'Initial release' 
_pdbx_audit_revision_details.description         ? 
_pdbx_audit_revision_details.details             ? 
# 
_pdbx_audit_revision_group.ordinal             1 
_pdbx_audit_revision_group.revision_ordinal    2 
_pdbx_audit_revision_group.data_content_type   'Structure model' 
_pdbx_audit_revision_group.group               'Database references' 
# 
loop_
_pdbx_audit_revision_category.ordinal 
_pdbx_audit_revision_category.revision_ordinal 
_pdbx_audit_revision_category.data_content_type 
_pdbx_audit_revision_category.category 
1 2 'Structure model' citation        
2 2 'Structure model' citation_author 
# 
loop_
_pdbx_audit_revision_item.ordinal 
_pdbx_audit_revision_item.revision_ordinal 
_pdbx_audit_revision_item.data_content_type 
_pdbx_audit_revision_item.item 
1 2 'Structure model' '_citation.journal_volume' 
2 2 'Structure model' '_citation_author.name'    
# 
loop_
_software.citation_id 
_software.classification 
_software.compiler_name 
_software.compiler_version 
_software.contact_author 
_software.contact_author_email 
_software.date 
_software.description 
_software.dependencies 
_software.hardware 
_software.language 
_software.location 
_software.mods 
_software.name 
_software.os 
_software.os_version 
_software.type 
_software.version 
_software.pdbx_ordinal 
? refinement        ? ? ? ? ? ? ? ? ? ? ? PHENIX      ? ? ? '(1.20.1_4487: ???)' 1 
? 'data scaling'    ? ? ? ? ? ? ? ? ? ? ? Aimless     ? ? ? .                    2 
? 'data extraction' ? ? ? ? ? ? ? ? ? ? ? PDB_EXTRACT ? ? ? 3.27                 3 
? 'data reduction'  ? ? ? ? ? ? ? ? ? ? ? XDS         ? ? ? .                    4 
? phasing           ? ? ? ? ? ? ? ? ? ? ? PHASER      ? ? ? .                    5 
# 
_pdbx_entry_details.entry_id                 8BJD 
_pdbx_entry_details.nonpolymer_details       ? 
_pdbx_entry_details.sequence_details         ? 
_pdbx_entry_details.compound_details         ? 
_pdbx_entry_details.source_details           ? 
_pdbx_entry_details.has_ligand_of_interest   N 
# 
loop_
_pdbx_validate_torsion.id 
_pdbx_validate_torsion.PDB_model_num 
_pdbx_validate_torsion.auth_comp_id 
_pdbx_validate_torsion.auth_asym_id 
_pdbx_validate_torsion.auth_seq_id 
_pdbx_validate_torsion.PDB_ins_code 
_pdbx_validate_torsion.label_alt_id 
_pdbx_validate_torsion.phi 
_pdbx_validate_torsion.psi 
1 1 ASN A 28  ? ? -94.36  36.00  
2 1 ALA A 184 ? ? -115.79 -91.85 
3 1 SER A 189 ? ? -147.74 32.06  
# 
loop_
_chem_comp_atom.comp_id 
_chem_comp_atom.atom_id 
_chem_comp_atom.type_symbol 
_chem_comp_atom.pdbx_aromatic_flag 
_chem_comp_atom.pdbx_stereo_config 
_chem_comp_atom.pdbx_ordinal 
9QN CAO  C  Y N 1   
9QN CAP  C  Y N 2   
9QN CL1  CL N N 3   
9QN CAQ  C  Y N 4   
9QN CAR  C  Y N 5   
9QN CL2  CL N N 6   
9QN CAS  C  Y N 7   
9QN CAN  C  Y N 8   
9QN SAK  S  N N 9   
9QN OAL  O  N N 10  
9QN OAM  O  N N 11  
9QN N    N  N N 12  
9QN CA   C  N S 13  
9QN C    C  N N 14  
9QN O    O  N N 15  
9QN CB   C  N N 16  
9QN CAH  C  N N 17  
9QN CAI  C  N N 18  
9QN CAC  C  N R 19  
9QN CAD  C  N S 20  
9QN CAW  C  N N 21  
9QN OAX  O  N N 22  
9QN CAE  C  N N 23  
9QN NAF  N  N N 24  
9QN CAY  C  N N 25  
9QN CAZ  C  Y N 26  
9QN NBA  N  Y N 27  
9QN CBB  C  Y N 28  
9QN CBC  C  Y N 29  
9QN CBD  C  Y N 30  
9QN CBE  C  Y N 31  
9QN H1   H  N N 32  
9QN H2   H  N N 33  
9QN H3   H  N N 34  
9QN H4   H  N N 35  
9QN H5   H  N N 36  
9QN H6   H  N N 37  
9QN H7   H  N N 38  
9QN H8   H  N N 39  
9QN H9   H  N N 40  
9QN H10  H  N N 41  
9QN H11  H  N N 42  
9QN H12  H  N N 43  
9QN H13  H  N N 44  
9QN H14  H  N N 45  
9QN H15  H  N N 46  
9QN H16  H  N N 47  
9QN H17  H  N N 48  
9QN H18  H  N N 49  
9QN H19  H  N N 50  
9QN H20  H  N N 51  
9QN H21  H  N N 52  
9QN H22  H  N N 53  
9QN H23  H  N N 54  
ALA N    N  N N 55  
ALA CA   C  N S 56  
ALA C    C  N N 57  
ALA O    O  N N 58  
ALA CB   C  N N 59  
ALA OXT  O  N N 60  
ALA H    H  N N 61  
ALA H2   H  N N 62  
ALA HA   H  N N 63  
ALA HB1  H  N N 64  
ALA HB2  H  N N 65  
ALA HB3  H  N N 66  
ALA HXT  H  N N 67  
ARG N    N  N N 68  
ARG CA   C  N S 69  
ARG C    C  N N 70  
ARG O    O  N N 71  
ARG CB   C  N N 72  
ARG CG   C  N N 73  
ARG CD   C  N N 74  
ARG NE   N  N N 75  
ARG CZ   C  N N 76  
ARG NH1  N  N N 77  
ARG NH2  N  N N 78  
ARG OXT  O  N N 79  
ARG H    H  N N 80  
ARG H2   H  N N 81  
ARG HA   H  N N 82  
ARG HB2  H  N N 83  
ARG HB3  H  N N 84  
ARG HG2  H  N N 85  
ARG HG3  H  N N 86  
ARG HD2  H  N N 87  
ARG HD3  H  N N 88  
ARG HE   H  N N 89  
ARG HH11 H  N N 90  
ARG HH12 H  N N 91  
ARG HH21 H  N N 92  
ARG HH22 H  N N 93  
ARG HXT  H  N N 94  
ASN N    N  N N 95  
ASN CA   C  N S 96  
ASN C    C  N N 97  
ASN O    O  N N 98  
ASN CB   C  N N 99  
ASN CG   C  N N 100 
ASN OD1  O  N N 101 
ASN ND2  N  N N 102 
ASN OXT  O  N N 103 
ASN H    H  N N 104 
ASN H2   H  N N 105 
ASN HA   H  N N 106 
ASN HB2  H  N N 107 
ASN HB3  H  N N 108 
ASN HD21 H  N N 109 
ASN HD22 H  N N 110 
ASN HXT  H  N N 111 
ASP N    N  N N 112 
ASP CA   C  N S 113 
ASP C    C  N N 114 
ASP O    O  N N 115 
ASP CB   C  N N 116 
ASP CG   C  N N 117 
ASP OD1  O  N N 118 
ASP OD2  O  N N 119 
ASP OXT  O  N N 120 
ASP H    H  N N 121 
ASP H2   H  N N 122 
ASP HA   H  N N 123 
ASP HB2  H  N N 124 
ASP HB3  H  N N 125 
ASP HD2  H  N N 126 
ASP HXT  H  N N 127 
GLN N    N  N N 128 
GLN CA   C  N S 129 
GLN C    C  N N 130 
GLN O    O  N N 131 
GLN CB   C  N N 132 
GLN CG   C  N N 133 
GLN CD   C  N N 134 
GLN OE1  O  N N 135 
GLN NE2  N  N N 136 
GLN OXT  O  N N 137 
GLN H    H  N N 138 
GLN H2   H  N N 139 
GLN HA   H  N N 140 
GLN HB2  H  N N 141 
GLN HB3  H  N N 142 
GLN HG2  H  N N 143 
GLN HG3  H  N N 144 
GLN HE21 H  N N 145 
GLN HE22 H  N N 146 
GLN HXT  H  N N 147 
GLU N    N  N N 148 
GLU CA   C  N S 149 
GLU C    C  N N 150 
GLU O    O  N N 151 
GLU CB   C  N N 152 
GLU CG   C  N N 153 
GLU CD   C  N N 154 
GLU OE1  O  N N 155 
GLU OE2  O  N N 156 
GLU OXT  O  N N 157 
GLU H    H  N N 158 
GLU H2   H  N N 159 
GLU HA   H  N N 160 
GLU HB2  H  N N 161 
GLU HB3  H  N N 162 
GLU HG2  H  N N 163 
GLU HG3  H  N N 164 
GLU HE2  H  N N 165 
GLU HXT  H  N N 166 
GLY N    N  N N 167 
GLY CA   C  N N 168 
GLY C    C  N N 169 
GLY O    O  N N 170 
GLY OXT  O  N N 171 
GLY H    H  N N 172 
GLY H2   H  N N 173 
GLY HA2  H  N N 174 
GLY HA3  H  N N 175 
GLY HXT  H  N N 176 
GOL C1   C  N N 177 
GOL O1   O  N N 178 
GOL C2   C  N N 179 
GOL O2   O  N N 180 
GOL C3   C  N N 181 
GOL O3   O  N N 182 
GOL H11  H  N N 183 
GOL H12  H  N N 184 
GOL HO1  H  N N 185 
GOL H2   H  N N 186 
GOL HO2  H  N N 187 
GOL H31  H  N N 188 
GOL H32  H  N N 189 
GOL HO3  H  N N 190 
HIS N    N  N N 191 
HIS CA   C  N S 192 
HIS C    C  N N 193 
HIS O    O  N N 194 
HIS CB   C  N N 195 
HIS CG   C  Y N 196 
HIS ND1  N  Y N 197 
HIS CD2  C  Y N 198 
HIS CE1  C  Y N 199 
HIS NE2  N  Y N 200 
HIS OXT  O  N N 201 
HIS H    H  N N 202 
HIS H2   H  N N 203 
HIS HA   H  N N 204 
HIS HB2  H  N N 205 
HIS HB3  H  N N 206 
HIS HD1  H  N N 207 
HIS HD2  H  N N 208 
HIS HE1  H  N N 209 
HIS HE2  H  N N 210 
HIS HXT  H  N N 211 
HOH O    O  N N 212 
HOH H1   H  N N 213 
HOH H2   H  N N 214 
ILE N    N  N N 215 
ILE CA   C  N S 216 
ILE C    C  N N 217 
ILE O    O  N N 218 
ILE CB   C  N S 219 
ILE CG1  C  N N 220 
ILE CG2  C  N N 221 
ILE CD1  C  N N 222 
ILE OXT  O  N N 223 
ILE H    H  N N 224 
ILE H2   H  N N 225 
ILE HA   H  N N 226 
ILE HB   H  N N 227 
ILE HG12 H  N N 228 
ILE HG13 H  N N 229 
ILE HG21 H  N N 230 
ILE HG22 H  N N 231 
ILE HG23 H  N N 232 
ILE HD11 H  N N 233 
ILE HD12 H  N N 234 
ILE HD13 H  N N 235 
ILE HXT  H  N N 236 
LEU N    N  N N 237 
LEU CA   C  N S 238 
LEU C    C  N N 239 
LEU O    O  N N 240 
LEU CB   C  N N 241 
LEU CG   C  N N 242 
LEU CD1  C  N N 243 
LEU CD2  C  N N 244 
LEU OXT  O  N N 245 
LEU H    H  N N 246 
LEU H2   H  N N 247 
LEU HA   H  N N 248 
LEU HB2  H  N N 249 
LEU HB3  H  N N 250 
LEU HG   H  N N 251 
LEU HD11 H  N N 252 
LEU HD12 H  N N 253 
LEU HD13 H  N N 254 
LEU HD21 H  N N 255 
LEU HD22 H  N N 256 
LEU HD23 H  N N 257 
LEU HXT  H  N N 258 
LYS N    N  N N 259 
LYS CA   C  N S 260 
LYS C    C  N N 261 
LYS O    O  N N 262 
LYS CB   C  N N 263 
LYS CG   C  N N 264 
LYS CD   C  N N 265 
LYS CE   C  N N 266 
LYS NZ   N  N N 267 
LYS OXT  O  N N 268 
LYS H    H  N N 269 
LYS H2   H  N N 270 
LYS HA   H  N N 271 
LYS HB2  H  N N 272 
LYS HB3  H  N N 273 
LYS HG2  H  N N 274 
LYS HG3  H  N N 275 
LYS HD2  H  N N 276 
LYS HD3  H  N N 277 
LYS HE2  H  N N 278 
LYS HE3  H  N N 279 
LYS HZ1  H  N N 280 
LYS HZ2  H  N N 281 
LYS HZ3  H  N N 282 
LYS HXT  H  N N 283 
MES O1   O  N N 284 
MES C2   C  N N 285 
MES C3   C  N N 286 
MES N4   N  N N 287 
MES C5   C  N N 288 
MES C6   C  N N 289 
MES C7   C  N N 290 
MES C8   C  N N 291 
MES S    S  N N 292 
MES O1S  O  N N 293 
MES O2S  O  N N 294 
MES O3S  O  N N 295 
MES H21  H  N N 296 
MES H22  H  N N 297 
MES H31  H  N N 298 
MES H32  H  N N 299 
MES HN4  H  N N 300 
MES H51  H  N N 301 
MES H52  H  N N 302 
MES H61  H  N N 303 
MES H62  H  N N 304 
MES H71  H  N N 305 
MES H72  H  N N 306 
MES H81  H  N N 307 
MES H82  H  N N 308 
MET N    N  N N 309 
MET CA   C  N S 310 
MET C    C  N N 311 
MET O    O  N N 312 
MET CB   C  N N 313 
MET CG   C  N N 314 
MET SD   S  N N 315 
MET CE   C  N N 316 
MET OXT  O  N N 317 
MET H    H  N N 318 
MET H2   H  N N 319 
MET HA   H  N N 320 
MET HB2  H  N N 321 
MET HB3  H  N N 322 
MET HG2  H  N N 323 
MET HG3  H  N N 324 
MET HE1  H  N N 325 
MET HE2  H  N N 326 
MET HE3  H  N N 327 
MET HXT  H  N N 328 
PHE N    N  N N 329 
PHE CA   C  N S 330 
PHE C    C  N N 331 
PHE O    O  N N 332 
PHE CB   C  N N 333 
PHE CG   C  Y N 334 
PHE CD1  C  Y N 335 
PHE CD2  C  Y N 336 
PHE CE1  C  Y N 337 
PHE CE2  C  Y N 338 
PHE CZ   C  Y N 339 
PHE OXT  O  N N 340 
PHE H    H  N N 341 
PHE H2   H  N N 342 
PHE HA   H  N N 343 
PHE HB2  H  N N 344 
PHE HB3  H  N N 345 
PHE HD1  H  N N 346 
PHE HD2  H  N N 347 
PHE HE1  H  N N 348 
PHE HE2  H  N N 349 
PHE HZ   H  N N 350 
PHE HXT  H  N N 351 
PRO N    N  N N 352 
PRO CA   C  N S 353 
PRO C    C  N N 354 
PRO O    O  N N 355 
PRO CB   C  N N 356 
PRO CG   C  N N 357 
PRO CD   C  N N 358 
PRO OXT  O  N N 359 
PRO H    H  N N 360 
PRO HA   H  N N 361 
PRO HB2  H  N N 362 
PRO HB3  H  N N 363 
PRO HG2  H  N N 364 
PRO HG3  H  N N 365 
PRO HD2  H  N N 366 
PRO HD3  H  N N 367 
PRO HXT  H  N N 368 
SER N    N  N N 369 
SER CA   C  N S 370 
SER C    C  N N 371 
SER O    O  N N 372 
SER CB   C  N N 373 
SER OG   O  N N 374 
SER OXT  O  N N 375 
SER H    H  N N 376 
SER H2   H  N N 377 
SER HA   H  N N 378 
SER HB2  H  N N 379 
SER HB3  H  N N 380 
SER HG   H  N N 381 
SER HXT  H  N N 382 
THR N    N  N N 383 
THR CA   C  N S 384 
THR C    C  N N 385 
THR O    O  N N 386 
THR CB   C  N R 387 
THR OG1  O  N N 388 
THR CG2  C  N N 389 
THR OXT  O  N N 390 
THR H    H  N N 391 
THR H2   H  N N 392 
THR HA   H  N N 393 
THR HB   H  N N 394 
THR HG1  H  N N 395 
THR HG21 H  N N 396 
THR HG22 H  N N 397 
THR HG23 H  N N 398 
THR HXT  H  N N 399 
TRP N    N  N N 400 
TRP CA   C  N S 401 
TRP C    C  N N 402 
TRP O    O  N N 403 
TRP CB   C  N N 404 
TRP CG   C  Y N 405 
TRP CD1  C  Y N 406 
TRP CD2  C  Y N 407 
TRP NE1  N  Y N 408 
TRP CE2  C  Y N 409 
TRP CE3  C  Y N 410 
TRP CZ2  C  Y N 411 
TRP CZ3  C  Y N 412 
TRP CH2  C  Y N 413 
TRP OXT  O  N N 414 
TRP H    H  N N 415 
TRP H2   H  N N 416 
TRP HA   H  N N 417 
TRP HB2  H  N N 418 
TRP HB3  H  N N 419 
TRP HD1  H  N N 420 
TRP HE1  H  N N 421 
TRP HE3  H  N N 422 
TRP HZ2  H  N N 423 
TRP HZ3  H  N N 424 
TRP HH2  H  N N 425 
TRP HXT  H  N N 426 
TYR N    N  N N 427 
TYR CA   C  N S 428 
TYR C    C  N N 429 
TYR O    O  N N 430 
TYR CB   C  N N 431 
TYR CG   C  Y N 432 
TYR CD1  C  Y N 433 
TYR CD2  C  Y N 434 
TYR CE1  C  Y N 435 
TYR CE2  C  Y N 436 
TYR CZ   C  Y N 437 
TYR OH   O  N N 438 
TYR OXT  O  N N 439 
TYR H    H  N N 440 
TYR H2   H  N N 441 
TYR HA   H  N N 442 
TYR HB2  H  N N 443 
TYR HB3  H  N N 444 
TYR HD1  H  N N 445 
TYR HD2  H  N N 446 
TYR HE1  H  N N 447 
TYR HE2  H  N N 448 
TYR HH   H  N N 449 
TYR HXT  H  N N 450 
VAL N    N  N N 451 
VAL CA   C  N S 452 
VAL C    C  N N 453 
VAL O    O  N N 454 
VAL CB   C  N N 455 
VAL CG1  C  N N 456 
VAL CG2  C  N N 457 
VAL OXT  O  N N 458 
VAL H    H  N N 459 
VAL H2   H  N N 460 
VAL HA   H  N N 461 
VAL HB   H  N N 462 
VAL HG11 H  N N 463 
VAL HG12 H  N N 464 
VAL HG13 H  N N 465 
VAL HG21 H  N N 466 
VAL HG22 H  N N 467 
VAL HG23 H  N N 468 
VAL HXT  H  N N 469 
ZN  ZN   ZN N N 470 
# 
loop_
_chem_comp_bond.comp_id 
_chem_comp_bond.atom_id_1 
_chem_comp_bond.atom_id_2 
_chem_comp_bond.value_order 
_chem_comp_bond.pdbx_aromatic_flag 
_chem_comp_bond.pdbx_stereo_config 
_chem_comp_bond.pdbx_ordinal 
9QN CBC CBD  doub Y N 1   
9QN CBC CBB  sing Y N 2   
9QN CBD CBE  sing Y N 3   
9QN CL2 CAR  sing N N 4   
9QN CBB NBA  doub Y N 5   
9QN CAQ CAR  doub Y N 6   
9QN CAQ CAP  sing Y N 7   
9QN CL1 CAP  sing N N 8   
9QN CAR CAS  sing Y N 9   
9QN CBE CAZ  doub Y N 10  
9QN CAP CAO  doub Y N 11  
9QN NBA CAZ  sing Y N 12  
9QN CAZ CAY  sing N N 13  
9QN CAS CAN  doub Y N 14  
9QN OAX CAW  sing N N 15  
9QN CAO CAN  sing Y N 16  
9QN CAN SAK  sing N N 17  
9QN CAE NAF  sing N N 18  
9QN CAE CAD  sing N N 19  
9QN CAY NAF  sing N N 20  
9QN CAW CAD  sing N N 21  
9QN NAF C    sing N N 22  
9QN CAD CAC  sing N N 23  
9QN SAK N    sing N N 24  
9QN SAK OAM  doub N N 25  
9QN SAK OAL  doub N N 26  
9QN N   CAC  sing N N 27  
9QN N   CA   sing N N 28  
9QN C   O    doub N N 29  
9QN C   CA   sing N N 30  
9QN CAC CAI  sing N N 31  
9QN CA  CB   sing N N 32  
9QN CAI CAH  sing N N 33  
9QN CB  CAH  sing N N 34  
9QN CAO H1   sing N N 35  
9QN CAQ H2   sing N N 36  
9QN CAS H3   sing N N 37  
9QN CA  H4   sing N N 38  
9QN CB  H5   sing N N 39  
9QN CB  H6   sing N N 40  
9QN CAH H7   sing N N 41  
9QN CAH H8   sing N N 42  
9QN CAI H9   sing N N 43  
9QN CAI H10  sing N N 44  
9QN CAC H11  sing N N 45  
9QN CAD H12  sing N N 46  
9QN CAW H13  sing N N 47  
9QN CAW H14  sing N N 48  
9QN OAX H15  sing N N 49  
9QN CAE H16  sing N N 50  
9QN CAE H17  sing N N 51  
9QN CAY H18  sing N N 52  
9QN CAY H19  sing N N 53  
9QN CBB H20  sing N N 54  
9QN CBC H21  sing N N 55  
9QN CBD H22  sing N N 56  
9QN CBE H23  sing N N 57  
ALA N   CA   sing N N 58  
ALA N   H    sing N N 59  
ALA N   H2   sing N N 60  
ALA CA  C    sing N N 61  
ALA CA  CB   sing N N 62  
ALA CA  HA   sing N N 63  
ALA C   O    doub N N 64  
ALA C   OXT  sing N N 65  
ALA CB  HB1  sing N N 66  
ALA CB  HB2  sing N N 67  
ALA CB  HB3  sing N N 68  
ALA OXT HXT  sing N N 69  
ARG N   CA   sing N N 70  
ARG N   H    sing N N 71  
ARG N   H2   sing N N 72  
ARG CA  C    sing N N 73  
ARG CA  CB   sing N N 74  
ARG CA  HA   sing N N 75  
ARG C   O    doub N N 76  
ARG C   OXT  sing N N 77  
ARG CB  CG   sing N N 78  
ARG CB  HB2  sing N N 79  
ARG CB  HB3  sing N N 80  
ARG CG  CD   sing N N 81  
ARG CG  HG2  sing N N 82  
ARG CG  HG3  sing N N 83  
ARG CD  NE   sing N N 84  
ARG CD  HD2  sing N N 85  
ARG CD  HD3  sing N N 86  
ARG NE  CZ   sing N N 87  
ARG NE  HE   sing N N 88  
ARG CZ  NH1  sing N N 89  
ARG CZ  NH2  doub N N 90  
ARG NH1 HH11 sing N N 91  
ARG NH1 HH12 sing N N 92  
ARG NH2 HH21 sing N N 93  
ARG NH2 HH22 sing N N 94  
ARG OXT HXT  sing N N 95  
ASN N   CA   sing N N 96  
ASN N   H    sing N N 97  
ASN N   H2   sing N N 98  
ASN CA  C    sing N N 99  
ASN CA  CB   sing N N 100 
ASN CA  HA   sing N N 101 
ASN C   O    doub N N 102 
ASN C   OXT  sing N N 103 
ASN CB  CG   sing N N 104 
ASN CB  HB2  sing N N 105 
ASN CB  HB3  sing N N 106 
ASN CG  OD1  doub N N 107 
ASN CG  ND2  sing N N 108 
ASN ND2 HD21 sing N N 109 
ASN ND2 HD22 sing N N 110 
ASN OXT HXT  sing N N 111 
ASP N   CA   sing N N 112 
ASP N   H    sing N N 113 
ASP N   H2   sing N N 114 
ASP CA  C    sing N N 115 
ASP CA  CB   sing N N 116 
ASP CA  HA   sing N N 117 
ASP C   O    doub N N 118 
ASP C   OXT  sing N N 119 
ASP CB  CG   sing N N 120 
ASP CB  HB2  sing N N 121 
ASP CB  HB3  sing N N 122 
ASP CG  OD1  doub N N 123 
ASP CG  OD2  sing N N 124 
ASP OD2 HD2  sing N N 125 
ASP OXT HXT  sing N N 126 
GLN N   CA   sing N N 127 
GLN N   H    sing N N 128 
GLN N   H2   sing N N 129 
GLN CA  C    sing N N 130 
GLN CA  CB   sing N N 131 
GLN CA  HA   sing N N 132 
GLN C   O    doub N N 133 
GLN C   OXT  sing N N 134 
GLN CB  CG   sing N N 135 
GLN CB  HB2  sing N N 136 
GLN CB  HB3  sing N N 137 
GLN CG  CD   sing N N 138 
GLN CG  HG2  sing N N 139 
GLN CG  HG3  sing N N 140 
GLN CD  OE1  doub N N 141 
GLN CD  NE2  sing N N 142 
GLN NE2 HE21 sing N N 143 
GLN NE2 HE22 sing N N 144 
GLN OXT HXT  sing N N 145 
GLU N   CA   sing N N 146 
GLU N   H    sing N N 147 
GLU N   H2   sing N N 148 
GLU CA  C    sing N N 149 
GLU CA  CB   sing N N 150 
GLU CA  HA   sing N N 151 
GLU C   O    doub N N 152 
GLU C   OXT  sing N N 153 
GLU CB  CG   sing N N 154 
GLU CB  HB2  sing N N 155 
GLU CB  HB3  sing N N 156 
GLU CG  CD   sing N N 157 
GLU CG  HG2  sing N N 158 
GLU CG  HG3  sing N N 159 
GLU CD  OE1  doub N N 160 
GLU CD  OE2  sing N N 161 
GLU OE2 HE2  sing N N 162 
GLU OXT HXT  sing N N 163 
GLY N   CA   sing N N 164 
GLY N   H    sing N N 165 
GLY N   H2   sing N N 166 
GLY CA  C    sing N N 167 
GLY CA  HA2  sing N N 168 
GLY CA  HA3  sing N N 169 
GLY C   O    doub N N 170 
GLY C   OXT  sing N N 171 
GLY OXT HXT  sing N N 172 
GOL C1  O1   sing N N 173 
GOL C1  C2   sing N N 174 
GOL C1  H11  sing N N 175 
GOL C1  H12  sing N N 176 
GOL O1  HO1  sing N N 177 
GOL C2  O2   sing N N 178 
GOL C2  C3   sing N N 179 
GOL C2  H2   sing N N 180 
GOL O2  HO2  sing N N 181 
GOL C3  O3   sing N N 182 
GOL C3  H31  sing N N 183 
GOL C3  H32  sing N N 184 
GOL O3  HO3  sing N N 185 
HIS N   CA   sing N N 186 
HIS N   H    sing N N 187 
HIS N   H2   sing N N 188 
HIS CA  C    sing N N 189 
HIS CA  CB   sing N N 190 
HIS CA  HA   sing N N 191 
HIS C   O    doub N N 192 
HIS C   OXT  sing N N 193 
HIS CB  CG   sing N N 194 
HIS CB  HB2  sing N N 195 
HIS CB  HB3  sing N N 196 
HIS CG  ND1  sing Y N 197 
HIS CG  CD2  doub Y N 198 
HIS ND1 CE1  doub Y N 199 
HIS ND1 HD1  sing N N 200 
HIS CD2 NE2  sing Y N 201 
HIS CD2 HD2  sing N N 202 
HIS CE1 NE2  sing Y N 203 
HIS CE1 HE1  sing N N 204 
HIS NE2 HE2  sing N N 205 
HIS OXT HXT  sing N N 206 
HOH O   H1   sing N N 207 
HOH O   H2   sing N N 208 
ILE N   CA   sing N N 209 
ILE N   H    sing N N 210 
ILE N   H2   sing N N 211 
ILE CA  C    sing N N 212 
ILE CA  CB   sing N N 213 
ILE CA  HA   sing N N 214 
ILE C   O    doub N N 215 
ILE C   OXT  sing N N 216 
ILE CB  CG1  sing N N 217 
ILE CB  CG2  sing N N 218 
ILE CB  HB   sing N N 219 
ILE CG1 CD1  sing N N 220 
ILE CG1 HG12 sing N N 221 
ILE CG1 HG13 sing N N 222 
ILE CG2 HG21 sing N N 223 
ILE CG2 HG22 sing N N 224 
ILE CG2 HG23 sing N N 225 
ILE CD1 HD11 sing N N 226 
ILE CD1 HD12 sing N N 227 
ILE CD1 HD13 sing N N 228 
ILE OXT HXT  sing N N 229 
LEU N   CA   sing N N 230 
LEU N   H    sing N N 231 
LEU N   H2   sing N N 232 
LEU CA  C    sing N N 233 
LEU CA  CB   sing N N 234 
LEU CA  HA   sing N N 235 
LEU C   O    doub N N 236 
LEU C   OXT  sing N N 237 
LEU CB  CG   sing N N 238 
LEU CB  HB2  sing N N 239 
LEU CB  HB3  sing N N 240 
LEU CG  CD1  sing N N 241 
LEU CG  CD2  sing N N 242 
LEU CG  HG   sing N N 243 
LEU CD1 HD11 sing N N 244 
LEU CD1 HD12 sing N N 245 
LEU CD1 HD13 sing N N 246 
LEU CD2 HD21 sing N N 247 
LEU CD2 HD22 sing N N 248 
LEU CD2 HD23 sing N N 249 
LEU OXT HXT  sing N N 250 
LYS N   CA   sing N N 251 
LYS N   H    sing N N 252 
LYS N   H2   sing N N 253 
LYS CA  C    sing N N 254 
LYS CA  CB   sing N N 255 
LYS CA  HA   sing N N 256 
LYS C   O    doub N N 257 
LYS C   OXT  sing N N 258 
LYS CB  CG   sing N N 259 
LYS CB  HB2  sing N N 260 
LYS CB  HB3  sing N N 261 
LYS CG  CD   sing N N 262 
LYS CG  HG2  sing N N 263 
LYS CG  HG3  sing N N 264 
LYS CD  CE   sing N N 265 
LYS CD  HD2  sing N N 266 
LYS CD  HD3  sing N N 267 
LYS CE  NZ   sing N N 268 
LYS CE  HE2  sing N N 269 
LYS CE  HE3  sing N N 270 
LYS NZ  HZ1  sing N N 271 
LYS NZ  HZ2  sing N N 272 
LYS NZ  HZ3  sing N N 273 
LYS OXT HXT  sing N N 274 
MES O1  C2   sing N N 275 
MES O1  C6   sing N N 276 
MES C2  C3   sing N N 277 
MES C2  H21  sing N N 278 
MES C2  H22  sing N N 279 
MES C3  N4   sing N N 280 
MES C3  H31  sing N N 281 
MES C3  H32  sing N N 282 
MES N4  C5   sing N N 283 
MES N4  C7   sing N N 284 
MES N4  HN4  sing N N 285 
MES C5  C6   sing N N 286 
MES C5  H51  sing N N 287 
MES C5  H52  sing N N 288 
MES C6  H61  sing N N 289 
MES C6  H62  sing N N 290 
MES C7  C8   sing N N 291 
MES C7  H71  sing N N 292 
MES C7  H72  sing N N 293 
MES C8  S    sing N N 294 
MES C8  H81  sing N N 295 
MES C8  H82  sing N N 296 
MES S   O1S  doub N N 297 
MES S   O2S  doub N N 298 
MES S   O3S  sing N N 299 
MET N   CA   sing N N 300 
MET N   H    sing N N 301 
MET N   H2   sing N N 302 
MET CA  C    sing N N 303 
MET CA  CB   sing N N 304 
MET CA  HA   sing N N 305 
MET C   O    doub N N 306 
MET C   OXT  sing N N 307 
MET CB  CG   sing N N 308 
MET CB  HB2  sing N N 309 
MET CB  HB3  sing N N 310 
MET CG  SD   sing N N 311 
MET CG  HG2  sing N N 312 
MET CG  HG3  sing N N 313 
MET SD  CE   sing N N 314 
MET CE  HE1  sing N N 315 
MET CE  HE2  sing N N 316 
MET CE  HE3  sing N N 317 
MET OXT HXT  sing N N 318 
PHE N   CA   sing N N 319 
PHE N   H    sing N N 320 
PHE N   H2   sing N N 321 
PHE CA  C    sing N N 322 
PHE CA  CB   sing N N 323 
PHE CA  HA   sing N N 324 
PHE C   O    doub N N 325 
PHE C   OXT  sing N N 326 
PHE CB  CG   sing N N 327 
PHE CB  HB2  sing N N 328 
PHE CB  HB3  sing N N 329 
PHE CG  CD1  doub Y N 330 
PHE CG  CD2  sing Y N 331 
PHE CD1 CE1  sing Y N 332 
PHE CD1 HD1  sing N N 333 
PHE CD2 CE2  doub Y N 334 
PHE CD2 HD2  sing N N 335 
PHE CE1 CZ   doub Y N 336 
PHE CE1 HE1  sing N N 337 
PHE CE2 CZ   sing Y N 338 
PHE CE2 HE2  sing N N 339 
PHE CZ  HZ   sing N N 340 
PHE OXT HXT  sing N N 341 
PRO N   CA   sing N N 342 
PRO N   CD   sing N N 343 
PRO N   H    sing N N 344 
PRO CA  C    sing N N 345 
PRO CA  CB   sing N N 346 
PRO CA  HA   sing N N 347 
PRO C   O    doub N N 348 
PRO C   OXT  sing N N 349 
PRO CB  CG   sing N N 350 
PRO CB  HB2  sing N N 351 
PRO CB  HB3  sing N N 352 
PRO CG  CD   sing N N 353 
PRO CG  HG2  sing N N 354 
PRO CG  HG3  sing N N 355 
PRO CD  HD2  sing N N 356 
PRO CD  HD3  sing N N 357 
PRO OXT HXT  sing N N 358 
SER N   CA   sing N N 359 
SER N   H    sing N N 360 
SER N   H2   sing N N 361 
SER CA  C    sing N N 362 
SER CA  CB   sing N N 363 
SER CA  HA   sing N N 364 
SER C   O    doub N N 365 
SER C   OXT  sing N N 366 
SER CB  OG   sing N N 367 
SER CB  HB2  sing N N 368 
SER CB  HB3  sing N N 369 
SER OG  HG   sing N N 370 
SER OXT HXT  sing N N 371 
THR N   CA   sing N N 372 
THR N   H    sing N N 373 
THR N   H2   sing N N 374 
THR CA  C    sing N N 375 
THR CA  CB   sing N N 376 
THR CA  HA   sing N N 377 
THR C   O    doub N N 378 
THR C   OXT  sing N N 379 
THR CB  OG1  sing N N 380 
THR CB  CG2  sing N N 381 
THR CB  HB   sing N N 382 
THR OG1 HG1  sing N N 383 
THR CG2 HG21 sing N N 384 
THR CG2 HG22 sing N N 385 
THR CG2 HG23 sing N N 386 
THR OXT HXT  sing N N 387 
TRP N   CA   sing N N 388 
TRP N   H    sing N N 389 
TRP N   H2   sing N N 390 
TRP CA  C    sing N N 391 
TRP CA  CB   sing N N 392 
TRP CA  HA   sing N N 393 
TRP C   O    doub N N 394 
TRP C   OXT  sing N N 395 
TRP CB  CG   sing N N 396 
TRP CB  HB2  sing N N 397 
TRP CB  HB3  sing N N 398 
TRP CG  CD1  doub Y N 399 
TRP CG  CD2  sing Y N 400 
TRP CD1 NE1  sing Y N 401 
TRP CD1 HD1  sing N N 402 
TRP CD2 CE2  doub Y N 403 
TRP CD2 CE3  sing Y N 404 
TRP NE1 CE2  sing Y N 405 
TRP NE1 HE1  sing N N 406 
TRP CE2 CZ2  sing Y N 407 
TRP CE3 CZ3  doub Y N 408 
TRP CE3 HE3  sing N N 409 
TRP CZ2 CH2  doub Y N 410 
TRP CZ2 HZ2  sing N N 411 
TRP CZ3 CH2  sing Y N 412 
TRP CZ3 HZ3  sing N N 413 
TRP CH2 HH2  sing N N 414 
TRP OXT HXT  sing N N 415 
TYR N   CA   sing N N 416 
TYR N   H    sing N N 417 
TYR N   H2   sing N N 418 
TYR CA  C    sing N N 419 
TYR CA  CB   sing N N 420 
TYR CA  HA   sing N N 421 
TYR C   O    doub N N 422 
TYR C   OXT  sing N N 423 
TYR CB  CG   sing N N 424 
TYR CB  HB2  sing N N 425 
TYR CB  HB3  sing N N 426 
TYR CG  CD1  doub Y N 427 
TYR CG  CD2  sing Y N 428 
TYR CD1 CE1  sing Y N 429 
TYR CD1 HD1  sing N N 430 
TYR CD2 CE2  doub Y N 431 
TYR CD2 HD2  sing N N 432 
TYR CE1 CZ   doub Y N 433 
TYR CE1 HE1  sing N N 434 
TYR CE2 CZ   sing Y N 435 
TYR CE2 HE2  sing N N 436 
TYR CZ  OH   sing N N 437 
TYR OH  HH   sing N N 438 
TYR OXT HXT  sing N N 439 
VAL N   CA   sing N N 440 
VAL N   H    sing N N 441 
VAL N   H2   sing N N 442 
VAL CA  C    sing N N 443 
VAL CA  CB   sing N N 444 
VAL CA  HA   sing N N 445 
VAL C   O    doub N N 446 
VAL C   OXT  sing N N 447 
VAL CB  CG1  sing N N 448 
VAL CB  CG2  sing N N 449 
VAL CB  HB   sing N N 450 
VAL CG1 HG11 sing N N 451 
VAL CG1 HG12 sing N N 452 
VAL CG1 HG13 sing N N 453 
VAL CG2 HG21 sing N N 454 
VAL CG2 HG22 sing N N 455 
VAL CG2 HG23 sing N N 456 
VAL OXT HXT  sing N N 457 
# 
_pdbx_audit_support.funding_organization   'German Research Foundation (DFG)' 
_pdbx_audit_support.country                Germany 
_pdbx_audit_support.grant_number           390713860 
_pdbx_audit_support.ordinal                1 
# 
loop_
_pdbx_entity_nonpoly.entity_id 
_pdbx_entity_nonpoly.name 
_pdbx_entity_nonpoly.comp_id 
2 
;(1~{S},5~{S},6~{R})-10-[3,5-bis(chloranyl)phenyl]sulfonyl-5-(hydroxymethyl)-3-(pyridin-2-ylmethyl)-3,10-diazabicyclo[4.3.1]decan-2-one
;
9QN 
3 '2-(N-MORPHOLINO)-ETHANESULFONIC ACID' MES 
4 'ZINC ION' ZN  
5 GLYCEROL GOL 
6 water HOH 
# 
_pdbx_struct_assembly_auth_evidence.id                     1 
_pdbx_struct_assembly_auth_evidence.assembly_id            1 
_pdbx_struct_assembly_auth_evidence.experimental_support   'NMR relaxation study' 
_pdbx_struct_assembly_auth_evidence.details                ? 
# 
